data_6NPL
#
_entry.id   6NPL
#
_cell.length_a   1
_cell.length_b   1
_cell.length_c   1
_cell.angle_alpha   90
_cell.angle_beta   90
_cell.angle_gamma   90
#
_symmetry.space_group_name_H-M   'P 1'
#
loop_
_entity.id
_entity.type
_entity.pdbx_description
1 polymer 'Solute carrier family 12 (sodium/potassium/chloride transporter), member 2'
2 non-polymer 'POTASSIUM ION'
3 non-polymer 'CHLORIDE ION'
4 non-polymer '(2S)-3-(hexadecanoyloxy)-2-[(9Z)-octadec-9-enoyloxy]propyl 2-(trimethylammonio)ethyl phosphate'
#
_entity_poly.entity_id   1
_entity_poly.type   'polypeptide(L)'
_entity_poly.pdbx_seq_one_letter_code
;KFGWIKGVLVRCMLNIWGVMLFIRMTWIVGQAGIAYSCIIVIMATVVTTITGCSTSAIATNGFVRGGGAYYLISRSLGPE
FGGSIGLIFAFANAVAVAMYVVGFAETVVELLMDSGLLMIDQTNDIRVIGTITVILLLGISVAGMEWEAKAQIFLLVILI
TAIFNYFIGSFIAVDSKKKFGFFSYDAGILAENFGPDFRGQTFFSVFSIFFPAATGILAGANISGDLADPQMAIPKGTLL
AILITGLVYVGVAISAGACIVRDATGIESNFTLISNCTDAACKYGYDFSSCRPTVEGEVSSCKFGLHNDFQVMSVVSGFS
PLISAGIFSATLSSALASLVSAPKVFQALCKDNIYPGIAIFGKGYGKNNEPLRGYFLTFGIALAFILIAELNVIAPIISN
FFLASYALINFSVFHASLANSPGWRPSFKYYNMWASLAGAILCCVVMFIINWWAALLTNVIVLSLYIYVSYKKPDVNWGS
STQALTYHQALTHSLQLCGVADHIKTFRPQCLVMTGAPNSRPAILHLVHAFTKNVGLMLCGHVRISSRRPNFKELNSDML
RYQRWLLNNNSKAFYTCVVAEDLRQGTQYMLQAAGLGRLRPNTLVIGFKNDWRIGDIKEVETYINLIHDAFDFQYGVVIL
RLREGLDISHIQGQDDSSGMKDVVVSVDISKDSDGDSSKPSSKATSVQNSPAVQKDKKSPTVPLNVADQRLLDSQQFQQK
QGKGTVDVWWLFDDGGLTLLIPYLIANKKKWKDCKIRVFIGGKINRIDHDRRAMATLLSKFRIDFSDITVLGDINTKPKS
EGLTEFAEMIEPYKLREDDMEQEAAEKLKSEEPWRITDNELELYKAKGNRQIRLNELLKEHSSTANLIVMSMPLARKGAV
SSALYMAWLDTLSKDLPPILLVRGNHQSVLTFYS
;
_entity_poly.pdbx_strand_id   A,B
#
loop_
_chem_comp.id
_chem_comp.type
_chem_comp.name
_chem_comp.formula
CL non-polymer 'CHLORIDE ION' 'Cl -1'
K non-polymer 'POTASSIUM ION' 'K 1'
POV non-polymer '(2S)-3-(hexadecanoyloxy)-2-[(9Z)-octadec-9-enoyloxy]propyl 2-(trimethylammonio)ethyl phosphate' 'C42 H82 N O8 P'
#
# COMPACT_ATOMS: atom_id res chain seq x y z
N LYS A 1 17.69 30.73 -8.46
CA LYS A 1 17.67 29.49 -9.22
C LYS A 1 19.11 29.05 -9.44
N PHE A 2 19.69 28.41 -8.43
CA PHE A 2 21.13 28.14 -8.42
C PHE A 2 21.49 26.96 -9.30
N GLY A 3 22.78 26.89 -9.64
CA GLY A 3 23.34 25.74 -10.30
C GLY A 3 23.57 24.58 -9.34
N TRP A 4 24.34 23.60 -9.81
CA TRP A 4 24.55 22.44 -8.96
C TRP A 4 25.58 22.71 -7.86
N ILE A 5 26.62 23.50 -8.16
CA ILE A 5 27.66 23.79 -7.17
C ILE A 5 27.09 24.60 -6.01
N LYS A 6 26.67 25.83 -6.30
CA LYS A 6 26.23 26.75 -5.26
C LYS A 6 24.92 26.36 -4.63
N GLY A 7 24.17 25.45 -5.25
CA GLY A 7 22.88 25.06 -4.74
C GLY A 7 22.87 23.73 -4.02
N VAL A 8 23.72 22.80 -4.42
CA VAL A 8 23.76 21.47 -3.82
C VAL A 8 25.08 21.22 -3.12
N LEU A 9 26.21 21.47 -3.80
CA LEU A 9 27.50 20.99 -3.30
C LEU A 9 27.95 21.81 -2.10
N VAL A 10 27.79 23.13 -2.16
CA VAL A 10 28.22 23.99 -1.08
C VAL A 10 27.34 23.80 0.14
N ARG A 11 26.03 23.61 -0.09
CA ARG A 11 25.10 23.37 1.01
C ARG A 11 25.36 22.03 1.69
N CYS A 12 25.65 21.00 0.90
CA CYS A 12 25.91 19.69 1.48
C CYS A 12 27.26 19.65 2.20
N MET A 13 28.27 20.36 1.68
CA MET A 13 29.55 20.37 2.38
C MET A 13 29.49 21.22 3.64
N LEU A 14 28.68 22.27 3.67
CA LEU A 14 28.53 23.01 4.91
C LEU A 14 27.66 22.27 5.91
N ASN A 15 26.74 21.44 5.45
CA ASN A 15 25.92 20.69 6.38
C ASN A 15 26.67 19.49 6.94
N ILE A 16 27.52 18.86 6.14
CA ILE A 16 28.20 17.65 6.58
C ILE A 16 29.32 18.00 7.56
N TRP A 17 30.16 18.96 7.21
CA TRP A 17 31.25 19.41 8.08
C TRP A 17 30.66 20.17 9.27
N GLY A 18 30.75 19.56 10.45
CA GLY A 18 30.11 20.10 11.62
C GLY A 18 30.96 20.05 12.88
N VAL A 19 30.44 19.42 13.92
CA VAL A 19 31.10 19.42 15.22
C VAL A 19 32.31 18.50 15.22
N MET A 20 32.16 17.27 14.75
CA MET A 20 33.17 16.24 14.94
C MET A 20 34.42 16.44 14.09
N LEU A 21 34.47 17.44 13.21
CA LEU A 21 35.64 17.62 12.38
C LEU A 21 36.81 18.17 13.17
N PHE A 22 36.57 19.19 13.99
CA PHE A 22 37.63 19.79 14.79
C PHE A 22 37.59 19.38 16.26
N ILE A 23 36.41 19.10 16.80
CA ILE A 23 36.27 18.77 18.21
C ILE A 23 36.62 17.31 18.49
N ARG A 24 36.12 16.39 17.67
CA ARG A 24 36.08 14.98 18.06
C ARG A 24 36.70 14.05 17.02
N MET A 25 37.49 14.55 16.08
CA MET A 25 38.14 13.62 15.16
C MET A 25 39.38 13.00 15.78
N THR A 26 40.10 13.78 16.58
CA THR A 26 41.31 13.26 17.22
C THR A 26 41.00 12.31 18.36
N TRP A 27 39.88 12.53 19.05
CA TRP A 27 39.46 11.63 20.12
C TRP A 27 39.07 10.25 19.58
N ILE A 28 38.61 10.20 18.34
CA ILE A 28 38.21 8.93 17.74
C ILE A 28 39.44 8.11 17.37
N VAL A 29 40.49 8.77 16.88
CA VAL A 29 41.78 8.09 16.70
C VAL A 29 42.44 7.82 18.05
N GLY A 30 42.03 8.53 19.11
CA GLY A 30 42.54 8.21 20.43
C GLY A 30 41.95 6.92 20.97
N GLN A 31 40.63 6.81 20.95
CA GLN A 31 39.95 5.62 21.47
C GLN A 31 40.21 4.40 20.59
N ALA A 32 39.78 4.45 19.35
CA ALA A 32 40.05 3.37 18.40
C ALA A 32 41.47 3.55 17.85
N GLY A 33 41.81 2.79 16.82
CA GLY A 33 43.09 2.95 16.18
C GLY A 33 43.01 3.90 15.01
N ILE A 34 44.03 3.84 14.16
CA ILE A 34 43.91 4.44 12.83
C ILE A 34 43.15 3.52 11.91
N ALA A 35 43.40 2.21 12.03
CA ALA A 35 42.71 1.23 11.21
C ALA A 35 41.22 1.17 11.52
N TYR A 36 40.86 1.17 12.80
CA TYR A 36 39.46 1.09 13.16
C TYR A 36 38.72 2.38 12.86
N SER A 37 39.38 3.53 13.01
CA SER A 37 38.72 4.80 12.65
C SER A 37 38.55 4.93 11.15
N CYS A 38 39.50 4.41 10.36
CA CYS A 38 39.30 4.39 8.92
C CYS A 38 38.18 3.45 8.51
N ILE A 39 38.04 2.32 9.21
CA ILE A 39 36.92 1.42 8.99
C ILE A 39 35.59 2.09 9.34
N ILE A 40 35.60 2.93 10.39
CA ILE A 40 34.43 3.72 10.79
C ILE A 40 34.03 4.69 9.70
N VAL A 41 35.00 5.41 9.14
CA VAL A 41 34.72 6.38 8.08
C VAL A 41 34.21 5.68 6.81
N ILE A 42 34.80 4.53 6.46
CA ILE A 42 34.33 3.80 5.28
C ILE A 42 32.92 3.24 5.48
N MET A 43 32.59 2.81 6.71
CA MET A 43 31.24 2.34 6.99
C MET A 43 30.21 3.45 6.86
N ALA A 44 30.51 4.63 7.42
CA ALA A 44 29.59 5.76 7.31
C ALA A 44 29.47 6.24 5.87
N THR A 45 30.56 6.17 5.11
CA THR A 45 30.51 6.57 3.71
C THR A 45 29.73 5.57 2.86
N VAL A 46 29.76 4.28 3.21
CA VAL A 46 28.95 3.28 2.52
C VAL A 46 27.46 3.53 2.77
N VAL A 47 27.10 3.80 4.02
CA VAL A 47 25.71 4.09 4.37
C VAL A 47 25.21 5.35 3.64
N THR A 48 26.00 6.42 3.67
CA THR A 48 25.55 7.64 3.03
C THR A 48 25.66 7.59 1.51
N THR A 49 26.50 6.74 0.93
CA THR A 49 26.53 6.61 -0.52
C THR A 49 25.33 5.82 -1.03
N ILE A 50 24.93 4.77 -0.30
CA ILE A 50 23.72 4.03 -0.67
C ILE A 50 22.48 4.92 -0.51
N THR A 51 22.44 5.73 0.54
CA THR A 51 21.33 6.67 0.69
C THR A 51 21.37 7.79 -0.35
N GLY A 52 22.56 8.17 -0.80
CA GLY A 52 22.64 9.15 -1.88
C GLY A 52 22.15 8.61 -3.20
N CYS A 53 22.42 7.33 -3.48
CA CYS A 53 21.88 6.71 -4.68
C CYS A 53 20.36 6.53 -4.59
N SER A 54 19.83 6.26 -3.40
CA SER A 54 18.38 6.18 -3.24
C SER A 54 17.72 7.55 -3.39
N THR A 55 18.36 8.60 -2.87
CA THR A 55 17.84 9.95 -3.04
C THR A 55 17.91 10.40 -4.50
N SER A 56 18.96 10.00 -5.22
CA SER A 56 19.05 10.31 -6.63
C SER A 56 18.06 9.50 -7.45
N ALA A 57 17.70 8.30 -6.99
CA ALA A 57 16.65 7.55 -7.64
C ALA A 57 15.29 8.19 -7.45
N ILE A 58 15.07 8.78 -6.27
CA ILE A 58 13.82 9.52 -6.05
C ILE A 58 13.80 10.80 -6.88
N ALA A 59 14.92 11.50 -6.95
CA ALA A 59 14.99 12.81 -7.58
C ALA A 59 14.93 12.76 -9.10
N THR A 60 15.08 11.59 -9.71
CA THR A 60 15.00 11.46 -11.16
C THR A 60 13.73 10.76 -11.61
N ASN A 61 12.72 10.71 -10.75
CA ASN A 61 11.42 10.11 -11.09
C ASN A 61 10.43 11.17 -11.54
N GLY A 62 10.83 12.01 -12.49
CA GLY A 62 10.03 13.16 -12.91
C GLY A 62 9.79 14.11 -11.75
N PHE A 63 8.62 14.78 -11.79
CA PHE A 63 8.01 15.47 -10.64
C PHE A 63 8.88 16.61 -10.13
N VAL A 64 9.34 17.45 -11.06
CA VAL A 64 10.40 18.40 -10.74
C VAL A 64 9.87 19.58 -9.94
N ARG A 65 8.86 20.28 -10.47
CA ARG A 65 8.50 21.60 -9.96
C ARG A 65 7.68 21.50 -8.68
N GLY A 66 7.82 22.53 -7.84
CA GLY A 66 7.14 22.58 -6.57
C GLY A 66 7.68 21.57 -5.59
N GLY A 67 8.99 21.55 -5.42
CA GLY A 67 9.67 20.48 -4.74
C GLY A 67 10.09 20.82 -3.32
N GLY A 68 11.08 20.08 -2.84
CA GLY A 68 11.45 20.08 -1.45
C GLY A 68 11.94 18.69 -1.08
N ALA A 69 12.01 18.44 0.22
CA ALA A 69 12.46 17.12 0.67
C ALA A 69 11.29 16.18 0.92
N TYR A 70 10.22 16.68 1.53
CA TYR A 70 9.04 15.87 1.74
C TYR A 70 8.30 15.59 0.44
N TYR A 71 8.36 16.54 -0.50
CA TYR A 71 7.51 16.49 -1.69
C TYR A 71 7.89 15.35 -2.62
N LEU A 72 9.19 15.20 -2.90
CA LEU A 72 9.65 14.14 -3.80
C LEU A 72 9.36 12.76 -3.25
N ILE A 73 9.62 12.56 -1.96
CA ILE A 73 9.36 11.27 -1.32
C ILE A 73 7.87 10.98 -1.25
N SER A 74 7.06 12.01 -1.00
CA SER A 74 5.62 11.78 -0.89
C SER A 74 4.94 11.64 -2.23
N ARG A 75 5.54 12.11 -3.31
CA ARG A 75 4.91 11.98 -4.62
C ARG A 75 5.40 10.76 -5.38
N SER A 76 6.68 10.42 -5.27
CA SER A 76 7.18 9.22 -5.93
C SER A 76 6.68 7.98 -5.22
N LEU A 77 6.73 7.99 -3.90
CA LEU A 77 6.26 6.89 -3.06
C LEU A 77 4.90 7.28 -2.47
N GLY A 78 4.40 6.47 -1.57
CA GLY A 78 3.08 6.72 -1.03
C GLY A 78 3.10 7.75 0.07
N PRO A 79 1.92 8.05 0.60
CA PRO A 79 1.85 8.85 1.83
C PRO A 79 2.26 8.07 3.06
N GLU A 80 2.13 6.74 3.04
CA GLU A 80 2.42 5.92 4.21
C GLU A 80 3.90 5.93 4.53
N PHE A 81 4.74 5.91 3.51
CA PHE A 81 6.17 6.02 3.77
C PHE A 81 6.57 7.47 4.00
N GLY A 82 6.07 8.38 3.16
CA GLY A 82 6.54 9.75 3.18
C GLY A 82 6.18 10.50 4.44
N GLY A 83 5.04 10.19 5.05
CA GLY A 83 4.68 10.81 6.32
C GLY A 83 5.62 10.41 7.45
N SER A 84 5.97 9.13 7.52
CA SER A 84 6.87 8.67 8.56
C SER A 84 8.29 9.18 8.33
N ILE A 85 8.73 9.24 7.06
CA ILE A 85 10.05 9.81 6.77
C ILE A 85 10.08 11.30 7.11
N GLY A 86 9.00 12.01 6.84
CA GLY A 86 8.94 13.42 7.18
C GLY A 86 8.98 13.67 8.68
N LEU A 87 8.23 12.87 9.47
CA LEU A 87 8.23 13.04 10.92
C LEU A 87 9.57 12.68 11.53
N ILE A 88 10.17 11.56 11.10
CA ILE A 88 11.45 11.12 11.69
C ILE A 88 12.57 12.07 11.28
N PHE A 89 12.54 12.58 10.05
CA PHE A 89 13.57 13.49 9.58
C PHE A 89 13.44 14.86 10.25
N ALA A 90 12.21 15.33 10.46
CA ALA A 90 11.99 16.58 11.16
C ALA A 90 12.45 16.50 12.60
N PHE A 91 12.17 15.38 13.28
CA PHE A 91 12.63 15.23 14.65
C PHE A 91 14.15 15.08 14.72
N ALA A 92 14.75 14.46 13.70
CA ALA A 92 16.20 14.30 13.67
C ALA A 92 16.91 15.64 13.51
N ASN A 93 16.41 16.51 12.64
CA ASN A 93 17.01 17.84 12.53
C ASN A 93 16.76 18.69 13.76
N ALA A 94 15.57 18.55 14.37
CA ALA A 94 15.26 19.28 15.59
C ALA A 94 16.18 18.89 16.74
N VAL A 95 16.52 17.61 16.84
CA VAL A 95 17.44 17.21 17.91
C VAL A 95 18.89 17.47 17.51
N ALA A 96 19.20 17.58 16.22
CA ALA A 96 20.57 17.84 15.79
C ALA A 96 20.98 19.29 16.01
N VAL A 97 20.03 20.22 15.99
CA VAL A 97 20.28 21.63 16.35
C VAL A 97 20.97 21.72 17.71
N ALA A 98 20.46 20.95 18.67
CA ALA A 98 21.01 20.92 20.02
C ALA A 98 22.44 20.39 20.04
N MET A 99 22.74 19.39 19.20
CA MET A 99 24.08 18.82 19.16
C MET A 99 25.09 19.83 18.64
N TYR A 100 24.73 20.54 17.56
CA TYR A 100 25.67 21.50 16.99
C TYR A 100 25.89 22.69 17.91
N VAL A 101 24.82 23.18 18.56
CA VAL A 101 25.05 24.33 19.44
C VAL A 101 25.67 23.91 20.77
N VAL A 102 25.53 22.65 21.19
CA VAL A 102 26.24 22.17 22.36
C VAL A 102 27.74 22.08 22.08
N GLY A 103 28.11 21.65 20.87
CA GLY A 103 29.51 21.68 20.48
C GLY A 103 30.08 23.09 20.41
N PHE A 104 29.29 24.03 19.88
CA PHE A 104 29.71 25.44 19.84
C PHE A 104 29.90 26.00 21.25
N ALA A 105 28.96 25.73 22.15
CA ALA A 105 29.05 26.23 23.51
C ALA A 105 30.19 25.59 24.29
N GLU A 106 30.50 24.33 23.99
CA GLU A 106 31.62 23.67 24.66
C GLU A 106 32.95 24.25 24.21
N THR A 107 33.08 24.56 22.91
CA THR A 107 34.28 25.24 22.42
C THR A 107 34.44 26.62 23.05
N VAL A 108 33.35 27.38 23.15
CA VAL A 108 33.41 28.71 23.76
C VAL A 108 33.73 28.61 25.25
N VAL A 109 33.25 27.55 25.91
CA VAL A 109 33.50 27.37 27.34
C VAL A 109 34.96 27.02 27.60
N GLU A 110 35.56 26.17 26.74
CA GLU A 110 36.97 25.84 26.92
C GLU A 110 37.86 27.02 26.57
N LEU A 111 37.49 27.82 25.56
CA LEU A 111 38.25 29.03 25.28
C LEU A 111 38.10 30.06 26.39
N LEU A 112 36.98 30.03 27.11
CA LEU A 112 36.80 30.95 28.22
C LEU A 112 37.60 30.50 29.44
N MET A 113 37.64 29.20 29.69
CA MET A 113 38.41 28.66 30.81
C MET A 113 39.91 28.70 30.54
N ASP A 114 40.34 28.83 29.28
CA ASP A 114 41.75 29.10 29.03
C ASP A 114 42.15 30.49 29.50
N SER A 115 41.19 31.42 29.56
CA SER A 115 41.38 32.69 30.23
C SER A 115 40.90 32.54 31.68
N GLY A 116 40.71 33.66 32.37
CA GLY A 116 40.22 33.59 33.74
C GLY A 116 38.73 33.68 33.90
N LEU A 117 37.97 33.83 32.82
CA LEU A 117 36.54 34.03 32.91
C LEU A 117 35.85 32.69 33.17
N LEU A 118 35.15 32.59 34.30
CA LEU A 118 34.42 31.37 34.64
C LEU A 118 33.29 31.74 35.59
N MET A 119 32.05 31.69 35.11
CA MET A 119 30.91 32.14 35.90
C MET A 119 30.45 31.07 36.89
N ILE A 120 30.01 29.93 36.37
CA ILE A 120 29.53 28.81 37.16
C ILE A 120 30.45 27.65 36.79
N ASP A 121 30.12 26.43 37.25
CA ASP A 121 30.85 25.23 36.85
C ASP A 121 30.79 25.00 35.34
N GLN A 122 31.60 24.04 34.89
CA GLN A 122 31.83 23.87 33.45
C GLN A 122 30.59 23.39 32.72
N THR A 123 29.83 22.45 33.30
CA THR A 123 28.65 21.93 32.63
C THR A 123 27.44 22.86 32.70
N ASN A 124 27.46 23.89 33.54
CA ASN A 124 26.38 24.86 33.57
C ASN A 124 26.63 26.03 32.64
N ASP A 125 27.91 26.36 32.40
CA ASP A 125 28.22 27.41 31.44
C ASP A 125 27.90 26.98 30.01
N ILE A 126 27.96 25.68 29.73
CA ILE A 126 27.50 25.18 28.43
C ILE A 126 25.99 25.38 28.28
N ARG A 127 25.22 25.18 29.35
CA ARG A 127 23.79 25.44 29.27
C ARG A 127 23.48 26.92 29.08
N VAL A 128 24.21 27.79 29.78
CA VAL A 128 23.98 29.24 29.64
C VAL A 128 24.34 29.71 28.23
N ILE A 129 25.53 29.37 27.76
CA ILE A 129 25.99 29.82 26.45
C ILE A 129 25.18 29.16 25.33
N GLY A 130 24.77 27.90 25.51
CA GLY A 130 23.95 27.24 24.50
C GLY A 130 22.55 27.79 24.42
N THR A 131 21.96 28.17 25.56
CA THR A 131 20.66 28.84 25.55
C THR A 131 20.75 30.19 24.86
N ILE A 132 21.81 30.96 25.15
CA ILE A 132 22.00 32.26 24.52
C ILE A 132 22.19 32.11 23.01
N THR A 133 22.89 31.08 22.57
CA THR A 133 23.09 30.96 21.13
C THR A 133 22.00 30.20 20.41
N VAL A 134 21.03 29.61 21.12
CA VAL A 134 19.88 29.06 20.40
C VAL A 134 18.76 30.09 20.32
N ILE A 135 18.65 31.01 21.29
CA ILE A 135 17.68 32.09 21.09
C ILE A 135 18.17 33.12 20.08
N LEU A 136 19.47 33.10 19.74
CA LEU A 136 20.01 34.02 18.75
C LEU A 136 19.99 33.45 17.35
N LEU A 137 19.97 32.12 17.22
CA LEU A 137 19.86 31.49 15.91
C LEU A 137 18.43 31.51 15.42
N LEU A 138 17.46 31.43 16.33
CA LEU A 138 16.06 31.48 15.97
C LEU A 138 15.68 32.84 15.41
N GLY A 139 16.26 33.91 15.96
CA GLY A 139 16.00 35.24 15.42
C GLY A 139 16.57 35.43 14.04
N ILE A 140 17.73 34.82 13.76
CA ILE A 140 18.29 34.83 12.42
C ILE A 140 17.41 34.04 11.46
N SER A 141 16.82 32.94 11.95
CA SER A 141 15.98 32.12 11.09
C SER A 141 14.65 32.81 10.76
N VAL A 142 14.08 33.54 11.73
CA VAL A 142 12.78 34.16 11.49
C VAL A 142 12.88 35.62 11.10
N ALA A 143 14.08 36.19 10.99
CA ALA A 143 14.19 37.58 10.62
C ALA A 143 15.28 37.92 9.62
N GLY A 144 16.22 37.02 9.33
CA GLY A 144 17.39 37.38 8.55
C GLY A 144 17.78 36.39 7.48
N MET A 145 16.80 35.76 6.82
CA MET A 145 17.04 34.69 5.86
C MET A 145 17.68 35.17 4.57
N GLU A 146 17.69 36.48 4.30
CA GLU A 146 18.13 36.98 3.01
C GLU A 146 19.64 36.93 2.88
N TRP A 147 20.37 37.35 3.92
CA TRP A 147 21.83 37.41 3.87
C TRP A 147 22.47 36.03 3.95
N GLU A 148 21.72 35.03 4.42
CA GLU A 148 22.23 33.68 4.63
C GLU A 148 22.65 33.02 3.32
N ALA A 149 21.97 33.32 2.22
CA ALA A 149 22.32 32.71 0.95
C ALA A 149 23.61 33.30 0.37
N LYS A 150 23.98 34.50 0.78
CA LYS A 150 25.26 35.07 0.38
C LYS A 150 26.38 34.70 1.34
N ALA A 151 26.05 34.47 2.61
CA ALA A 151 27.07 34.21 3.62
C ALA A 151 27.67 32.80 3.52
N GLN A 152 27.08 31.90 2.75
CA GLN A 152 27.51 30.51 2.85
C GLN A 152 28.82 30.24 2.12
N ILE A 153 29.13 31.00 1.07
CA ILE A 153 30.44 30.83 0.44
C ILE A 153 31.53 31.44 1.33
N PHE A 154 31.17 32.42 2.17
CA PHE A 154 32.13 32.99 3.09
C PHE A 154 32.40 32.03 4.24
N LEU A 155 31.36 31.34 4.72
CA LEU A 155 31.55 30.29 5.71
C LEU A 155 32.38 29.13 5.17
N LEU A 156 32.19 28.79 3.89
CA LEU A 156 32.95 27.69 3.31
C LEU A 156 34.42 28.06 3.11
N VAL A 157 34.70 29.31 2.72
CA VAL A 157 36.11 29.69 2.59
C VAL A 157 36.76 30.02 3.92
N ILE A 158 35.98 30.20 5.00
CA ILE A 158 36.59 30.17 6.32
C ILE A 158 36.97 28.74 6.70
N LEU A 159 36.05 27.79 6.44
CA LEU A 159 36.24 26.41 6.89
C LEU A 159 37.37 25.71 6.14
N ILE A 160 37.49 25.96 4.83
CA ILE A 160 38.55 25.30 4.07
C ILE A 160 39.92 25.86 4.43
N THR A 161 40.00 27.16 4.77
CA THR A 161 41.26 27.70 5.27
C THR A 161 41.59 27.17 6.66
N ALA A 162 40.58 26.86 7.48
CA ALA A 162 40.82 26.18 8.74
C ALA A 162 41.43 24.79 8.53
N ILE A 163 40.86 24.03 7.59
CA ILE A 163 41.39 22.69 7.29
C ILE A 163 42.80 22.76 6.73
N PHE A 164 43.07 23.74 5.87
CA PHE A 164 44.40 23.85 5.28
C PHE A 164 45.42 24.34 6.30
N ASN A 165 44.99 25.19 7.24
CA ASN A 165 45.85 25.62 8.33
C ASN A 165 46.25 24.46 9.22
N TYR A 166 45.29 23.57 9.52
CA TYR A 166 45.63 22.39 10.31
C TYR A 166 46.57 21.46 9.54
N PHE A 167 46.31 21.27 8.24
CA PHE A 167 47.08 20.30 7.48
C PHE A 167 48.50 20.78 7.18
N ILE A 168 48.72 22.09 7.03
CA ILE A 168 50.09 22.58 6.87
C ILE A 168 50.74 22.89 8.21
N GLY A 169 49.97 22.95 9.30
CA GLY A 169 50.58 23.10 10.60
C GLY A 169 51.12 21.81 11.19
N SER A 170 50.70 20.66 10.67
CA SER A 170 51.21 19.39 11.14
C SER A 170 52.63 19.15 10.70
N PHE A 171 53.05 19.77 9.61
CA PHE A 171 54.34 19.50 9.00
C PHE A 171 55.46 20.32 9.62
N ILE A 172 55.13 21.23 10.53
CA ILE A 172 56.09 22.16 11.12
C ILE A 172 56.35 21.68 12.54
N ALA A 173 57.49 21.04 12.76
CA ALA A 173 57.86 20.56 14.08
C ALA A 173 58.33 21.73 14.94
N VAL A 174 57.53 22.08 15.95
CA VAL A 174 57.87 23.11 16.91
C VAL A 174 58.16 22.44 18.24
N ASP A 175 59.26 22.85 18.89
CA ASP A 175 59.61 22.28 20.18
C ASP A 175 58.75 22.83 21.31
N SER A 176 58.12 23.98 21.12
CA SER A 176 57.22 24.49 22.14
C SER A 176 55.90 23.74 22.16
N LYS A 177 55.52 23.11 21.05
CA LYS A 177 54.28 22.35 20.99
C LYS A 177 54.45 20.93 21.50
N LYS A 178 55.67 20.43 21.57
CA LYS A 178 55.97 19.26 22.38
C LYS A 178 55.59 19.54 23.83
N LYS A 179 55.30 18.45 24.56
CA LYS A 179 54.65 18.28 25.87
C LYS A 179 53.15 18.51 25.80
N PHE A 180 52.61 18.98 24.68
CA PHE A 180 51.18 18.93 24.41
C PHE A 180 50.86 17.76 23.50
N GLY A 181 51.75 16.77 23.45
CA GLY A 181 51.76 15.85 22.33
C GLY A 181 52.32 16.55 21.12
N PHE A 182 51.97 16.03 19.95
CA PHE A 182 52.28 16.58 18.62
C PHE A 182 53.79 16.70 18.44
N PHE A 183 54.41 15.55 18.23
CA PHE A 183 55.70 15.51 17.58
C PHE A 183 55.48 15.60 16.07
N SER A 184 56.52 15.42 15.28
CA SER A 184 56.39 15.50 13.83
C SER A 184 55.75 14.20 13.31
N TYR A 185 55.70 14.04 11.99
CA TYR A 185 55.28 12.77 11.42
C TYR A 185 56.35 11.73 11.69
N ASP A 186 56.01 10.74 12.49
CA ASP A 186 56.96 9.75 12.94
C ASP A 186 56.42 8.35 12.67
N ALA A 187 57.34 7.40 12.51
CA ALA A 187 56.92 6.02 12.34
C ALA A 187 56.59 5.36 13.68
N GLY A 188 57.20 5.84 14.77
CA GLY A 188 56.90 5.28 16.07
C GLY A 188 55.51 5.63 16.56
N ILE A 189 55.08 6.86 16.30
CA ILE A 189 53.74 7.27 16.69
C ILE A 189 52.71 6.67 15.73
N LEU A 190 53.10 6.40 14.49
CA LEU A 190 52.23 5.68 13.57
C LEU A 190 52.01 4.25 14.01
N ALA A 191 53.07 3.56 14.45
CA ALA A 191 52.91 2.19 14.89
C ALA A 191 52.30 2.09 16.27
N GLU A 192 52.46 3.12 17.10
CA GLU A 192 51.89 3.08 18.45
C GLU A 192 50.38 3.29 18.41
N ASN A 193 49.91 4.19 17.56
CA ASN A 193 48.49 4.49 17.45
C ASN A 193 47.76 3.57 16.48
N PHE A 194 48.45 2.59 15.92
CA PHE A 194 47.83 1.57 15.06
C PHE A 194 47.33 0.46 15.97
N GLY A 195 46.05 0.50 16.29
CA GLY A 195 45.48 -0.46 17.20
C GLY A 195 44.71 0.22 18.31
N PRO A 196 43.57 -0.35 18.68
CA PRO A 196 42.66 0.33 19.59
C PRO A 196 43.16 0.37 21.02
N ASP A 197 42.63 1.33 21.77
CA ASP A 197 42.83 1.36 23.21
C ASP A 197 41.52 1.25 23.96
N PHE A 198 40.52 2.04 23.57
CA PHE A 198 39.12 1.95 24.04
C PHE A 198 39.04 2.13 25.55
N ARG A 199 39.46 3.32 25.98
CA ARG A 199 39.58 3.66 27.40
C ARG A 199 38.24 4.21 27.89
N GLY A 200 37.26 3.33 27.96
CA GLY A 200 35.92 3.66 28.42
C GLY A 200 34.84 3.50 27.37
N GLN A 201 35.17 3.29 26.12
CA GLN A 201 34.22 3.14 25.02
C GLN A 201 34.37 1.77 24.38
N THR A 202 33.65 1.57 23.28
CA THR A 202 33.78 0.39 22.44
C THR A 202 33.64 0.82 20.98
N PHE A 203 33.95 -0.10 20.08
CA PHE A 203 33.41 -0.01 18.74
C PHE A 203 31.89 -0.05 18.82
N PHE A 204 31.24 0.71 17.93
CA PHE A 204 29.82 1.08 17.90
C PHE A 204 29.41 1.95 19.08
N SER A 205 30.35 2.38 19.92
CA SER A 205 30.17 3.52 20.80
C SER A 205 30.96 4.72 20.31
N VAL A 206 32.13 4.47 19.74
CA VAL A 206 32.87 5.50 19.03
C VAL A 206 32.22 5.79 17.68
N PHE A 207 31.65 4.76 17.04
CA PHE A 207 31.03 4.93 15.73
C PHE A 207 29.78 5.79 15.80
N SER A 208 29.00 5.66 16.89
CA SER A 208 27.78 6.44 17.05
C SER A 208 28.07 7.90 17.33
N ILE A 209 29.28 8.23 17.74
CA ILE A 209 29.70 9.61 17.87
C ILE A 209 30.28 10.13 16.55
N PHE A 210 30.85 9.25 15.72
CA PHE A 210 31.33 9.72 14.42
C PHE A 210 30.17 9.97 13.47
N PHE A 211 29.15 9.12 13.51
CA PHE A 211 28.12 9.13 12.46
C PHE A 211 27.33 10.44 12.30
N PRO A 212 27.16 11.31 13.30
CA PRO A 212 26.70 12.67 12.98
C PRO A 212 27.61 13.47 12.08
N ALA A 213 28.89 13.12 11.93
CA ALA A 213 29.74 13.83 10.99
C ALA A 213 29.52 13.39 9.55
N ALA A 214 28.74 12.34 9.31
CA ALA A 214 28.43 11.89 7.96
C ALA A 214 27.02 12.25 7.53
N THR A 215 26.19 12.75 8.43
CA THR A 215 24.82 13.12 8.10
C THR A 215 24.79 14.51 7.47
N GLY A 216 23.59 14.96 7.12
CA GLY A 216 23.44 16.22 6.45
C GLY A 216 23.49 16.16 4.95
N ILE A 217 23.33 14.96 4.37
CA ILE A 217 23.44 14.80 2.91
C ILE A 217 22.18 15.16 2.17
N LEU A 218 21.05 15.35 2.86
CA LEU A 218 19.81 15.76 2.21
C LEU A 218 19.61 17.26 2.25
N ALA A 219 20.69 18.03 2.28
CA ALA A 219 20.59 19.47 2.20
C ALA A 219 20.51 19.96 0.76
N GLY A 220 20.77 19.10 -0.20
CA GLY A 220 20.63 19.43 -1.61
C GLY A 220 19.27 19.07 -2.14
N ALA A 221 18.70 17.99 -1.61
CA ALA A 221 17.34 17.62 -1.94
C ALA A 221 16.30 18.42 -1.17
N ASN A 222 16.72 19.21 -0.19
CA ASN A 222 15.79 20.04 0.56
C ASN A 222 15.45 21.34 -0.16
N ILE A 223 16.06 21.61 -1.30
CA ILE A 223 15.63 22.68 -2.20
C ILE A 223 15.55 22.09 -3.60
N SER A 224 14.35 21.73 -4.02
CA SER A 224 14.11 21.33 -5.39
C SER A 224 13.32 22.39 -6.15
N GLY A 225 12.69 23.32 -5.45
CA GLY A 225 12.05 24.47 -6.03
C GLY A 225 12.94 25.67 -6.14
N ASP A 226 14.22 25.53 -5.82
CA ASP A 226 15.19 26.61 -5.97
C ASP A 226 16.38 26.17 -6.81
N LEU A 227 16.28 25.03 -7.48
CA LEU A 227 17.32 24.54 -8.37
C LEU A 227 16.93 24.78 -9.82
N ALA A 228 17.95 24.87 -10.67
CA ALA A 228 17.70 25.05 -12.09
C ALA A 228 17.20 23.75 -12.72
N ASP A 229 18.00 22.69 -12.62
CA ASP A 229 17.63 21.37 -13.13
C ASP A 229 17.96 20.34 -12.05
N PRO A 230 16.98 19.96 -11.23
CA PRO A 230 17.26 19.10 -10.07
C PRO A 230 17.76 17.71 -10.43
N GLN A 231 17.30 17.14 -11.54
CA GLN A 231 17.67 15.79 -11.95
C GLN A 231 19.13 15.66 -12.37
N MET A 232 19.83 16.77 -12.56
CA MET A 232 21.28 16.79 -12.76
C MET A 232 22.00 17.43 -11.57
N ALA A 233 21.32 18.30 -10.83
CA ALA A 233 21.99 19.03 -9.76
C ALA A 233 22.16 18.17 -8.51
N ILE A 234 21.16 17.37 -8.17
CA ILE A 234 21.21 16.57 -6.94
C ILE A 234 22.23 15.43 -6.98
N PRO A 235 22.27 14.54 -8.00
CA PRO A 235 23.23 13.42 -7.91
C PRO A 235 24.68 13.81 -8.10
N LYS A 236 24.98 14.93 -8.76
CA LYS A 236 26.36 15.40 -8.80
C LYS A 236 26.79 15.92 -7.44
N GLY A 237 26.04 16.88 -6.89
CA GLY A 237 26.46 17.58 -5.70
C GLY A 237 26.46 16.70 -4.46
N THR A 238 25.42 15.88 -4.28
CA THR A 238 25.33 15.03 -3.10
C THR A 238 26.44 13.98 -3.09
N LEU A 239 26.60 13.28 -4.20
CA LEU A 239 27.54 12.18 -4.28
C LEU A 239 28.98 12.64 -4.48
N LEU A 240 29.20 13.92 -4.79
CA LEU A 240 30.54 14.47 -4.77
C LEU A 240 30.91 15.03 -3.40
N ALA A 241 29.94 15.62 -2.70
CA ALA A 241 30.19 16.14 -1.35
C ALA A 241 30.47 15.01 -0.38
N ILE A 242 29.80 13.87 -0.55
CA ILE A 242 30.08 12.69 0.28
C ILE A 242 31.53 12.22 0.11
N LEU A 243 32.00 12.18 -1.14
CA LEU A 243 33.37 11.76 -1.44
C LEU A 243 34.39 12.74 -0.87
N ILE A 244 34.16 14.03 -1.07
CA ILE A 244 35.12 15.05 -0.62
C ILE A 244 35.23 15.06 0.90
N THR A 245 34.09 15.04 1.59
CA THR A 245 34.11 15.08 3.05
C THR A 245 34.65 13.80 3.66
N GLY A 246 34.35 12.65 3.06
CA GLY A 246 34.91 11.40 3.57
C GLY A 246 36.40 11.30 3.37
N LEU A 247 36.91 11.84 2.26
CA LEU A 247 38.34 11.84 2.03
C LEU A 247 39.06 12.78 2.99
N VAL A 248 38.45 13.93 3.29
CA VAL A 248 39.03 14.85 4.27
C VAL A 248 39.02 14.22 5.66
N TYR A 249 37.97 13.45 5.99
CA TYR A 249 37.91 12.78 7.29
C TYR A 249 38.98 11.71 7.43
N VAL A 250 39.21 10.93 6.37
CA VAL A 250 40.27 9.92 6.37
C VAL A 250 41.64 10.57 6.51
N GLY A 251 41.85 11.70 5.81
CA GLY A 251 43.12 12.39 5.92
C GLY A 251 43.37 12.97 7.29
N VAL A 252 42.33 13.52 7.93
CA VAL A 252 42.45 14.06 9.28
C VAL A 252 42.77 12.95 10.28
N ALA A 253 42.10 11.79 10.15
CA ALA A 253 42.33 10.69 11.08
C ALA A 253 43.75 10.12 10.94
N ILE A 254 44.19 9.90 9.70
CA ILE A 254 45.52 9.35 9.46
C ILE A 254 46.61 10.35 9.86
N SER A 255 46.37 11.65 9.64
CA SER A 255 47.38 12.65 9.99
C SER A 255 47.45 12.88 11.49
N ALA A 256 46.31 12.83 12.19
CA ALA A 256 46.33 13.02 13.63
C ALA A 256 46.91 11.81 14.34
N GLY A 257 46.67 10.61 13.82
CA GLY A 257 47.20 9.43 14.47
C GLY A 257 48.69 9.23 14.31
N ALA A 258 49.32 9.92 13.37
CA ALA A 258 50.72 9.70 13.05
C ALA A 258 51.63 10.82 13.53
N CYS A 259 51.11 11.75 14.31
CA CYS A 259 51.98 12.79 14.85
C CYS A 259 51.73 13.12 16.32
N ILE A 260 50.62 12.69 16.91
CA ILE A 260 50.28 12.99 18.29
C ILE A 260 50.23 11.69 19.08
N VAL A 261 50.82 11.70 20.28
CA VAL A 261 50.78 10.54 21.16
C VAL A 261 49.50 10.59 21.99
N ARG A 262 49.12 9.45 22.56
CA ARG A 262 47.82 9.35 23.20
C ARG A 262 47.76 10.01 24.57
N ASP A 263 48.89 10.33 25.18
CA ASP A 263 48.89 10.93 26.51
C ASP A 263 50.12 11.81 26.66
N ALA A 264 49.98 12.90 27.42
CA ALA A 264 51.05 13.88 27.53
C ALA A 264 50.83 14.76 28.75
N THR A 265 51.84 14.84 29.62
CA THR A 265 51.88 15.86 30.65
C THR A 265 52.32 17.19 30.06
N GLY A 266 51.66 18.26 30.47
CA GLY A 266 52.01 19.58 29.95
C GLY A 266 53.20 20.23 30.62
N ILE A 267 54.23 19.45 30.92
CA ILE A 267 55.45 19.91 31.57
C ILE A 267 56.62 19.58 30.66
N GLU A 268 57.42 20.59 30.33
CA GLU A 268 58.58 20.37 29.47
C GLU A 268 59.67 19.63 30.24
N SER A 269 60.49 18.90 29.49
CA SER A 269 61.60 18.14 30.06
C SER A 269 62.90 18.63 29.46
N ASN A 270 63.94 18.71 30.29
CA ASN A 270 65.23 19.22 29.84
C ASN A 270 65.97 18.24 28.94
N PHE A 271 65.61 16.96 28.99
CA PHE A 271 66.32 15.95 28.24
C PHE A 271 65.94 15.98 26.76
N THR A 272 66.86 15.52 25.92
CA THR A 272 66.61 15.35 24.50
C THR A 272 66.57 13.88 24.08
N LEU A 273 67.22 13.00 24.84
CA LEU A 273 67.06 11.56 24.68
C LEU A 273 66.82 10.98 26.07
N ILE A 274 65.72 10.25 26.23
CA ILE A 274 65.37 9.71 27.54
C ILE A 274 66.28 8.55 27.90
N SER A 275 66.32 8.22 29.19
CA SER A 275 67.06 7.05 29.64
C SER A 275 66.42 5.78 29.09
N ASN A 276 67.27 4.88 28.60
CA ASN A 276 66.82 3.74 27.79
C ASN A 276 66.17 2.67 28.68
N CYS A 277 64.96 2.99 29.15
CA CYS A 277 64.19 2.05 29.93
C CYS A 277 62.70 2.10 29.64
N THR A 278 62.24 2.92 28.69
CA THR A 278 60.82 3.05 28.39
C THR A 278 60.46 2.47 27.03
N ASP A 279 61.08 2.99 25.96
CA ASP A 279 60.74 2.68 24.56
C ASP A 279 59.24 2.82 24.30
N ALA A 280 58.74 4.04 24.50
CA ALA A 280 57.35 4.38 24.20
C ALA A 280 57.26 5.43 23.10
N ALA A 281 58.19 5.36 22.14
CA ALA A 281 58.25 6.16 20.91
C ALA A 281 58.49 7.65 21.14
N CYS A 282 58.63 8.08 22.38
CA CYS A 282 58.97 9.46 22.69
C CYS A 282 60.46 9.54 23.02
N LYS A 283 61.27 9.46 21.96
CA LYS A 283 62.71 9.53 22.06
C LYS A 283 63.24 10.96 22.03
N TYR A 284 62.36 11.95 21.98
CA TYR A 284 62.73 13.35 22.04
C TYR A 284 62.86 13.88 23.47
N GLY A 285 63.09 13.00 24.44
CA GLY A 285 63.36 13.42 25.79
C GLY A 285 62.15 13.60 26.68
N TYR A 286 61.00 13.10 26.27
CA TYR A 286 59.79 13.20 27.08
C TYR A 286 59.41 11.82 27.60
N ASP A 287 59.24 11.73 28.91
CA ASP A 287 58.80 10.51 29.58
C ASP A 287 57.33 10.69 29.89
N PHE A 288 56.47 10.10 29.06
CA PHE A 288 55.04 10.34 29.16
C PHE A 288 54.34 9.24 29.94
N SER A 289 55.09 8.42 30.67
CA SER A 289 54.51 7.48 31.61
C SER A 289 54.10 8.21 32.88
N SER A 290 53.46 7.47 33.79
CA SER A 290 52.68 7.99 34.93
C SER A 290 51.62 8.99 34.47
N CYS A 291 51.06 8.75 33.28
CA CYS A 291 49.93 9.50 32.77
C CYS A 291 48.90 8.55 32.19
N ARG A 292 49.33 7.34 31.82
CA ARG A 292 48.42 6.26 31.44
C ARG A 292 47.73 5.71 32.68
N PRO A 293 46.51 5.19 32.56
CA PRO A 293 45.79 4.72 33.74
C PRO A 293 46.35 3.42 34.28
N THR A 294 46.20 3.23 35.59
CA THR A 294 46.73 2.05 36.26
C THR A 294 45.86 0.83 35.99
N VAL A 295 44.61 0.87 36.42
CA VAL A 295 43.69 -0.24 36.18
C VAL A 295 43.11 -0.12 34.78
N GLU A 296 42.45 -1.17 34.32
CA GLU A 296 41.77 -1.17 33.03
C GLU A 296 40.28 -0.87 33.17
N GLY A 297 39.90 -0.07 34.16
CA GLY A 297 38.52 0.26 34.39
C GLY A 297 38.30 1.72 34.76
N GLU A 298 39.16 2.60 34.25
CA GLU A 298 39.05 4.02 34.55
C GLU A 298 39.66 4.82 33.41
N VAL A 299 39.32 6.10 33.38
CA VAL A 299 39.93 7.04 32.45
C VAL A 299 41.25 7.52 33.04
N SER A 300 42.11 8.05 32.18
CA SER A 300 43.42 8.51 32.61
C SER A 300 43.34 9.85 33.31
N SER A 301 44.16 10.02 34.35
CA SER A 301 44.32 11.31 35.00
C SER A 301 45.47 12.10 34.39
N CYS A 302 45.46 12.17 33.06
CA CYS A 302 46.31 13.03 32.27
C CYS A 302 45.47 14.20 31.75
N LYS A 303 46.10 15.11 31.02
CA LYS A 303 45.38 16.29 30.57
C LYS A 303 45.60 16.68 29.12
N PHE A 304 46.51 16.04 28.40
CA PHE A 304 46.76 16.36 27.00
C PHE A 304 46.92 15.07 26.23
N GLY A 305 47.22 15.19 24.94
CA GLY A 305 47.28 14.03 24.07
C GLY A 305 46.01 13.86 23.26
N LEU A 306 45.90 12.68 22.63
CA LEU A 306 44.72 12.42 21.82
C LEU A 306 43.51 12.05 22.67
N HIS A 307 43.73 11.45 23.84
CA HIS A 307 42.63 10.96 24.65
C HIS A 307 41.93 12.04 25.47
N ASN A 308 42.61 13.14 25.77
CA ASN A 308 42.18 13.93 26.93
C ASN A 308 41.62 15.30 26.61
N ASP A 309 42.24 16.07 25.72
CA ASP A 309 41.99 17.51 25.78
C ASP A 309 41.00 18.04 24.74
N PHE A 310 40.60 17.23 23.75
CA PHE A 310 39.53 17.52 22.78
C PHE A 310 39.81 18.69 21.83
N GLN A 311 40.93 19.38 21.98
CA GLN A 311 41.18 20.61 21.25
C GLN A 311 42.60 20.61 20.70
N VAL A 312 43.15 19.43 20.44
CA VAL A 312 44.54 19.32 20.05
C VAL A 312 44.78 19.78 18.62
N MET A 313 43.72 19.92 17.81
CA MET A 313 43.91 20.44 16.46
C MET A 313 44.23 21.93 16.48
N SER A 314 43.76 22.65 17.51
CA SER A 314 44.20 24.03 17.68
C SER A 314 45.65 24.12 18.13
N VAL A 315 46.18 23.07 18.75
CA VAL A 315 47.59 23.03 19.10
C VAL A 315 48.43 22.74 17.86
N VAL A 316 48.02 21.75 17.07
CA VAL A 316 48.76 21.35 15.87
C VAL A 316 48.73 22.44 14.80
N SER A 317 47.67 23.25 14.76
CA SER A 317 47.49 24.25 13.72
C SER A 317 48.54 25.34 13.76
N GLY A 318 48.83 25.90 12.58
CA GLY A 318 49.87 26.91 12.47
C GLY A 318 49.49 28.22 13.13
N PHE A 319 48.26 28.67 12.94
CA PHE A 319 47.73 29.83 13.64
C PHE A 319 46.47 29.39 14.37
N SER A 320 46.54 29.42 15.70
CA SER A 320 45.45 28.86 16.51
C SER A 320 44.18 29.73 16.51
N PRO A 321 44.18 30.98 17.04
CA PRO A 321 42.93 31.53 17.57
C PRO A 321 41.90 31.99 16.55
N LEU A 322 42.31 32.22 15.31
CA LEU A 322 41.40 32.81 14.32
C LEU A 322 41.12 31.89 13.15
N ILE A 323 42.11 31.16 12.65
CA ILE A 323 41.83 30.29 11.53
C ILE A 323 41.14 29.02 12.01
N SER A 324 41.62 28.44 13.12
CA SER A 324 40.95 27.28 13.69
C SER A 324 39.77 27.64 14.58
N ALA A 325 39.33 28.90 14.52
CA ALA A 325 37.98 29.29 14.93
C ALA A 325 37.01 29.26 13.76
N GLY A 326 37.27 28.37 12.80
CA GLY A 326 36.27 27.93 11.85
C GLY A 326 35.31 26.90 12.40
N ILE A 327 35.53 26.45 13.63
CA ILE A 327 34.51 25.71 14.37
C ILE A 327 33.25 26.53 14.49
N PHE A 328 33.41 27.84 14.71
CA PHE A 328 32.28 28.76 14.76
C PHE A 328 31.65 28.89 13.39
N SER A 329 32.38 28.59 12.32
CA SER A 329 31.80 28.53 10.99
C SER A 329 31.18 27.17 10.71
N ALA A 330 31.66 26.12 11.38
CA ALA A 330 31.22 24.78 11.05
C ALA A 330 29.97 24.37 11.82
N THR A 331 29.94 24.65 13.12
CA THR A 331 28.79 24.31 13.94
C THR A 331 27.61 25.22 13.66
N LEU A 332 27.82 26.54 13.77
CA LEU A 332 26.75 27.52 13.69
C LEU A 332 26.10 27.59 12.32
N SER A 333 26.80 27.17 11.26
CA SER A 333 26.12 27.01 9.98
C SER A 333 25.17 25.83 10.02
N SER A 334 25.68 24.67 10.47
CA SER A 334 24.95 23.41 10.38
C SER A 334 23.70 23.41 11.24
N ALA A 335 23.82 23.90 12.49
CA ALA A 335 22.67 24.15 13.36
C ALA A 335 21.64 25.03 12.68
N LEU A 336 22.10 26.10 12.02
CA LEU A 336 21.18 26.98 11.32
C LEU A 336 20.54 26.26 10.15
N ALA A 337 21.30 25.42 9.45
CA ALA A 337 20.74 24.65 8.36
C ALA A 337 19.85 23.53 8.86
N SER A 338 19.90 23.21 10.15
CA SER A 338 18.93 22.30 10.73
C SER A 338 17.81 23.03 11.46
N LEU A 339 17.92 24.35 11.63
CA LEU A 339 16.81 25.10 12.19
C LEU A 339 15.83 25.55 11.13
N VAL A 340 16.27 25.65 9.87
CA VAL A 340 15.39 26.04 8.79
C VAL A 340 14.87 24.85 8.02
N SER A 341 15.32 23.65 8.35
CA SER A 341 14.97 22.45 7.58
C SER A 341 13.99 21.54 8.28
N ALA A 342 13.88 21.62 9.60
CA ALA A 342 12.86 20.82 10.29
C ALA A 342 11.46 21.47 10.23
N PRO A 343 11.26 22.80 10.41
CA PRO A 343 9.92 23.33 10.19
C PRO A 343 9.48 23.33 8.74
N LYS A 344 10.40 23.29 7.78
CA LYS A 344 10.01 23.16 6.38
C LYS A 344 9.33 21.83 6.12
N VAL A 345 9.99 20.73 6.50
CA VAL A 345 9.42 19.39 6.38
C VAL A 345 8.16 19.25 7.21
N PHE A 346 8.15 19.81 8.42
CA PHE A 346 6.98 19.70 9.26
C PHE A 346 5.82 20.58 8.80
N GLN A 347 6.06 21.64 8.04
CA GLN A 347 4.94 22.42 7.52
C GLN A 347 4.40 21.80 6.23
N ALA A 348 5.29 21.26 5.40
CA ALA A 348 4.81 20.54 4.22
C ALA A 348 4.09 19.25 4.60
N LEU A 349 4.42 18.69 5.75
CA LEU A 349 3.73 17.50 6.25
C LEU A 349 2.40 17.84 6.89
N CYS A 350 2.25 19.03 7.46
CA CYS A 350 1.00 19.42 8.09
C CYS A 350 0.06 20.15 7.15
N LYS A 351 0.44 20.31 5.88
CA LYS A 351 -0.49 20.84 4.88
C LYS A 351 -1.26 19.72 4.20
N ASP A 352 -0.71 18.52 4.17
CA ASP A 352 -1.48 17.31 3.86
C ASP A 352 -1.95 16.76 5.20
N ASN A 353 -3.25 16.71 5.42
CA ASN A 353 -3.78 16.34 6.73
C ASN A 353 -3.70 14.83 6.95
N ILE A 354 -2.47 14.32 6.96
CA ILE A 354 -2.23 12.90 7.14
C ILE A 354 -2.42 12.51 8.59
N TYR A 355 -1.63 13.12 9.47
CA TYR A 355 -1.78 12.85 10.89
C TYR A 355 -2.74 13.87 11.51
N PRO A 356 -3.62 13.41 12.42
CA PRO A 356 -4.80 14.21 12.78
C PRO A 356 -4.55 15.54 13.48
N GLY A 357 -3.87 15.52 14.61
CA GLY A 357 -3.90 16.67 15.50
C GLY A 357 -2.85 17.72 15.27
N ILE A 358 -1.86 17.44 14.43
CA ILE A 358 -0.68 18.29 14.34
C ILE A 358 -0.88 19.41 13.33
N ALA A 359 -2.09 19.55 12.80
CA ALA A 359 -2.35 20.43 11.67
C ALA A 359 -2.27 21.91 12.00
N ILE A 360 -2.06 22.30 13.27
CA ILE A 360 -1.92 23.71 13.61
C ILE A 360 -0.51 24.22 13.40
N PHE A 361 0.46 23.34 13.16
CA PHE A 361 1.82 23.76 12.84
C PHE A 361 2.02 23.89 11.33
N GLY A 362 1.10 24.55 10.66
CA GLY A 362 1.22 24.76 9.23
C GLY A 362 0.88 26.17 8.83
N LYS A 363 0.30 26.93 9.76
CA LYS A 363 -0.14 28.29 9.49
C LYS A 363 1.09 29.18 9.48
N GLY A 364 1.60 29.46 8.29
CA GLY A 364 2.78 30.29 8.17
C GLY A 364 2.47 31.78 8.24
N TYR A 365 2.91 32.41 9.33
CA TYR A 365 2.74 33.85 9.46
C TYR A 365 3.65 34.59 8.49
N GLY A 366 3.21 35.78 8.08
CA GLY A 366 4.05 36.66 7.29
C GLY A 366 3.82 36.53 5.80
N LYS A 367 4.85 36.97 5.06
CA LYS A 367 4.79 37.09 3.61
C LYS A 367 5.22 35.81 2.90
N ASN A 368 6.16 35.08 3.47
CA ASN A 368 6.69 33.86 2.87
C ASN A 368 6.02 32.61 3.41
N ASN A 369 5.03 32.76 4.28
CA ASN A 369 4.37 31.67 5.01
C ASN A 369 5.39 30.80 5.76
N GLU A 370 6.29 31.47 6.46
CA GLU A 370 7.28 30.77 7.26
C GLU A 370 6.59 30.18 8.50
N PRO A 371 6.76 28.90 8.77
CA PRO A 371 6.02 28.29 9.88
C PRO A 371 6.60 28.68 11.23
N LEU A 372 5.96 29.63 11.91
CA LEU A 372 6.54 30.17 13.13
C LEU A 372 6.28 29.26 14.32
N ARG A 373 5.12 28.59 14.32
CA ARG A 373 4.84 27.60 15.35
C ARG A 373 5.76 26.40 15.19
N GLY A 374 6.15 26.07 13.96
CA GLY A 374 7.14 25.03 13.75
C GLY A 374 8.52 25.44 14.22
N TYR A 375 8.88 26.71 14.02
CA TYR A 375 10.14 27.23 14.55
C TYR A 375 10.15 27.19 16.07
N PHE A 376 9.01 27.46 16.70
CA PHE A 376 8.97 27.46 18.15
C PHE A 376 8.98 26.04 18.71
N LEU A 377 8.37 25.09 17.99
CA LEU A 377 8.44 23.69 18.37
C LEU A 377 9.85 23.14 18.23
N THR A 378 10.55 23.50 17.14
CA THR A 378 11.93 23.09 16.95
C THR A 378 12.84 23.70 18.00
N PHE A 379 12.58 24.96 18.36
CA PHE A 379 13.30 25.62 19.45
C PHE A 379 13.07 24.92 20.78
N GLY A 380 11.85 24.46 21.05
CA GLY A 380 11.59 23.74 22.29
C GLY A 380 12.27 22.38 22.34
N ILE A 381 12.22 21.62 21.24
CA ILE A 381 12.85 20.31 21.20
C ILE A 381 14.38 20.44 21.26
N ALA A 382 14.94 21.47 20.65
CA ALA A 382 16.38 21.69 20.73
C ALA A 382 16.80 22.14 22.12
N LEU A 383 16.03 23.02 22.75
CA LEU A 383 16.40 23.53 24.06
C LEU A 383 16.21 22.50 25.15
N ALA A 384 15.32 21.52 24.95
CA ALA A 384 15.21 20.42 25.91
C ALA A 384 16.47 19.56 25.90
N PHE A 385 17.04 19.32 24.72
CA PHE A 385 18.22 18.48 24.59
C PHE A 385 19.52 19.25 24.83
N ILE A 386 19.47 20.59 24.80
CA ILE A 386 20.65 21.40 25.10
C ILE A 386 21.01 21.26 26.57
N LEU A 387 20.01 21.15 27.45
CA LEU A 387 20.22 21.08 28.89
C LEU A 387 20.94 19.80 29.33
N ILE A 388 21.00 18.79 28.47
CA ILE A 388 21.99 17.74 28.63
C ILE A 388 23.27 18.29 28.02
N ALA A 389 24.06 18.99 28.81
CA ALA A 389 25.21 19.73 28.30
C ALA A 389 26.43 18.83 28.14
N GLU A 390 26.27 17.81 27.30
CA GLU A 390 27.32 16.82 27.07
C GLU A 390 27.14 16.26 25.67
N LEU A 391 28.18 16.36 24.86
CA LEU A 391 28.09 15.96 23.46
C LEU A 391 27.99 14.45 23.30
N ASN A 392 28.68 13.70 24.14
CA ASN A 392 28.80 12.25 23.99
C ASN A 392 27.55 11.49 24.40
N VAL A 393 26.52 12.17 24.91
CA VAL A 393 25.21 11.56 25.09
C VAL A 393 24.19 12.09 24.10
N ILE A 394 24.39 13.27 23.53
CA ILE A 394 23.48 13.76 22.50
C ILE A 394 23.73 13.05 21.19
N ALA A 395 25.01 12.85 20.83
CA ALA A 395 25.37 12.28 19.54
C ALA A 395 24.81 10.88 19.22
N PRO A 396 24.72 9.91 20.15
CA PRO A 396 24.05 8.65 19.77
C PRO A 396 22.56 8.79 19.47
N ILE A 397 21.88 9.78 20.04
CA ILE A 397 20.46 10.02 19.70
C ILE A 397 20.34 10.47 18.25
N ILE A 398 21.23 11.38 17.84
CA ILE A 398 21.26 11.88 16.47
C ILE A 398 21.58 10.75 15.51
N SER A 399 22.50 9.87 15.91
CA SER A 399 22.88 8.75 15.06
C SER A 399 21.73 7.77 14.91
N ASN A 400 20.99 7.52 15.99
CA ASN A 400 19.80 6.67 15.96
C ASN A 400 18.73 7.20 15.00
N PHE A 401 18.41 8.48 15.13
CA PHE A 401 17.32 9.03 14.32
C PHE A 401 17.71 9.22 12.86
N PHE A 402 18.95 9.59 12.58
CA PHE A 402 19.34 9.72 11.18
C PHE A 402 19.52 8.36 10.53
N LEU A 403 19.96 7.35 11.29
CA LEU A 403 20.04 6.00 10.76
C LEU A 403 18.65 5.44 10.47
N ALA A 404 17.67 5.79 11.31
CA ALA A 404 16.29 5.38 11.06
C ALA A 404 15.74 6.03 9.79
N SER A 405 16.02 7.32 9.60
CA SER A 405 15.55 8.02 8.39
C SER A 405 16.18 7.45 7.12
N TYR A 406 17.48 7.16 7.18
CA TYR A 406 18.17 6.63 6.00
C TYR A 406 17.72 5.21 5.68
N ALA A 407 17.47 4.40 6.72
CA ALA A 407 16.93 3.07 6.51
C ALA A 407 15.53 3.11 5.93
N LEU A 408 14.71 4.09 6.35
CA LEU A 408 13.38 4.24 5.78
C LEU A 408 13.43 4.63 4.31
N ILE A 409 14.37 5.51 3.94
CA ILE A 409 14.49 5.93 2.54
C ILE A 409 14.92 4.75 1.66
N ASN A 410 15.92 4.00 2.12
CA ASN A 410 16.40 2.86 1.34
C ASN A 410 15.36 1.75 1.25
N PHE A 411 14.63 1.50 2.33
CA PHE A 411 13.60 0.48 2.29
C PHE A 411 12.42 0.91 1.46
N SER A 412 12.13 2.21 1.41
CA SER A 412 11.00 2.67 0.61
C SER A 412 11.31 2.57 -0.88
N VAL A 413 12.54 2.90 -1.29
CA VAL A 413 12.85 2.75 -2.71
C VAL A 413 12.97 1.27 -3.09
N PHE A 414 13.44 0.41 -2.17
CA PHE A 414 13.45 -1.03 -2.43
C PHE A 414 12.04 -1.57 -2.60
N HIS A 415 11.13 -1.17 -1.71
CA HIS A 415 9.79 -1.70 -1.72
C HIS A 415 9.00 -1.17 -2.91
N ALA A 416 9.30 0.05 -3.36
CA ALA A 416 8.65 0.58 -4.55
C ALA A 416 9.19 -0.06 -5.82
N SER A 417 10.48 -0.41 -5.86
CA SER A 417 10.98 -1.17 -7.01
C SER A 417 10.45 -2.59 -7.00
N LEU A 418 10.22 -3.16 -5.83
CA LEU A 418 9.74 -4.54 -5.74
C LEU A 418 8.28 -4.64 -6.15
N ALA A 419 7.43 -3.78 -5.60
CA ALA A 419 6.00 -3.86 -5.79
C ALA A 419 5.52 -3.45 -7.17
N ASN A 420 6.40 -2.87 -8.00
CA ASN A 420 6.05 -2.20 -9.26
C ASN A 420 4.96 -1.16 -9.04
N SER A 421 5.33 -0.14 -8.27
CA SER A 421 4.46 1.03 -8.08
C SER A 421 4.24 1.73 -9.43
N PRO A 422 3.05 2.31 -9.65
CA PRO A 422 2.69 2.71 -11.02
C PRO A 422 3.45 3.92 -11.54
N GLY A 423 3.80 4.87 -10.70
CA GLY A 423 4.52 6.03 -11.17
C GLY A 423 5.98 6.01 -10.79
N TRP A 424 6.60 4.84 -10.89
CA TRP A 424 7.96 4.64 -10.38
C TRP A 424 8.84 4.11 -11.51
N ARG A 425 9.55 5.02 -12.18
CA ARG A 425 10.60 4.67 -13.14
C ARG A 425 11.81 5.54 -12.85
N PRO A 426 12.70 5.08 -11.99
CA PRO A 426 13.85 5.91 -11.59
C PRO A 426 15.01 5.89 -12.57
N SER A 427 14.99 6.78 -13.56
CA SER A 427 16.04 6.82 -14.58
C SER A 427 17.33 7.42 -14.00
N PHE A 428 18.00 6.62 -13.18
CA PHE A 428 19.31 6.94 -12.64
C PHE A 428 20.23 5.75 -12.85
N LYS A 429 21.47 6.04 -13.27
CA LYS A 429 22.34 5.00 -13.79
C LYS A 429 22.87 4.07 -12.70
N TYR A 430 23.08 4.59 -11.50
CA TYR A 430 23.74 3.83 -10.43
C TYR A 430 22.79 3.47 -9.31
N TYR A 431 21.51 3.33 -9.63
CA TYR A 431 20.51 2.86 -8.69
C TYR A 431 20.36 1.35 -8.83
N ASN A 432 20.39 0.66 -7.70
CA ASN A 432 20.06 -0.76 -7.64
C ASN A 432 19.19 -0.98 -6.42
N MET A 433 18.14 -1.77 -6.58
CA MET A 433 17.20 -1.99 -5.47
C MET A 433 17.79 -2.93 -4.42
N TRP A 434 18.75 -3.77 -4.81
CA TRP A 434 19.28 -4.72 -3.85
C TRP A 434 20.36 -4.07 -3.01
N ALA A 435 21.04 -3.07 -3.59
CA ALA A 435 21.90 -2.20 -2.80
C ALA A 435 21.11 -1.39 -1.77
N SER A 436 19.90 -0.97 -2.13
CA SER A 436 19.07 -0.23 -1.18
C SER A 436 18.57 -1.15 -0.07
N LEU A 437 18.24 -2.40 -0.39
CA LEU A 437 17.90 -3.36 0.66
C LEU A 437 19.08 -3.62 1.59
N ALA A 438 20.28 -3.77 1.04
CA ALA A 438 21.47 -3.97 1.86
C ALA A 438 21.76 -2.77 2.75
N GLY A 439 21.54 -1.56 2.23
CA GLY A 439 21.72 -0.37 3.04
C GLY A 439 20.70 -0.24 4.15
N ALA A 440 19.45 -0.61 3.88
CA ALA A 440 18.41 -0.55 4.92
C ALA A 440 18.68 -1.55 6.04
N ILE A 441 19.07 -2.78 5.68
CA ILE A 441 19.41 -3.77 6.69
C ILE A 441 20.64 -3.36 7.47
N LEU A 442 21.62 -2.73 6.80
CA LEU A 442 22.83 -2.26 7.48
C LEU A 442 22.52 -1.17 8.50
N CYS A 443 21.72 -0.17 8.11
CA CYS A 443 21.35 0.89 9.06
C CYS A 443 20.51 0.37 10.22
N CYS A 444 19.61 -0.59 9.96
CA CYS A 444 18.79 -1.11 11.05
C CYS A 444 19.61 -1.96 12.03
N VAL A 445 20.54 -2.77 11.52
CA VAL A 445 21.35 -3.61 12.40
C VAL A 445 22.31 -2.76 13.22
N VAL A 446 22.91 -1.74 12.59
CA VAL A 446 23.80 -0.85 13.32
C VAL A 446 23.04 -0.03 14.35
N MET A 447 21.81 0.35 14.02
CA MET A 447 20.93 1.06 14.95
C MET A 447 20.57 0.19 16.14
N PHE A 448 20.49 -1.13 15.96
CA PHE A 448 20.25 -1.99 17.11
C PHE A 448 21.52 -2.29 17.90
N ILE A 449 22.69 -2.31 17.26
CA ILE A 449 23.93 -2.53 18.00
C ILE A 449 24.26 -1.33 18.89
N ILE A 450 23.95 -0.12 18.41
CA ILE A 450 24.27 1.09 19.18
C ILE A 450 23.44 1.15 20.46
N ASN A 451 22.13 0.93 20.35
CA ASN A 451 21.22 0.92 21.49
C ASN A 451 19.97 0.18 21.09
N TRP A 452 19.63 -0.91 21.77
CA TRP A 452 18.55 -1.74 21.26
C TRP A 452 17.18 -1.23 21.65
N TRP A 453 17.03 -0.61 22.83
CA TRP A 453 15.70 -0.20 23.25
C TRP A 453 15.27 1.11 22.59
N ALA A 454 16.20 2.01 22.31
CA ALA A 454 15.88 3.20 21.53
C ALA A 454 15.52 2.83 20.11
N ALA A 455 16.24 1.88 19.51
CA ALA A 455 15.93 1.40 18.18
C ALA A 455 14.58 0.68 18.15
N LEU A 456 14.27 -0.07 19.21
CA LEU A 456 13.00 -0.79 19.25
C LEU A 456 11.83 0.18 19.39
N LEU A 457 12.02 1.24 20.17
CA LEU A 457 11.01 2.29 20.27
C LEU A 457 10.79 2.99 18.93
N THR A 458 11.90 3.33 18.25
CA THR A 458 11.80 4.01 16.96
C THR A 458 11.13 3.15 15.90
N ASN A 459 11.44 1.84 15.89
CA ASN A 459 10.82 0.96 14.90
C ASN A 459 9.36 0.69 15.20
N VAL A 460 8.98 0.60 16.48
CA VAL A 460 7.58 0.43 16.84
C VAL A 460 6.79 1.68 16.47
N ILE A 461 7.38 2.87 16.66
CA ILE A 461 6.71 4.12 16.29
C ILE A 461 6.54 4.22 14.78
N VAL A 462 7.58 3.88 14.01
CA VAL A 462 7.50 3.94 12.55
C VAL A 462 6.52 2.91 12.01
N LEU A 463 6.46 1.72 12.61
CA LEU A 463 5.49 0.71 12.19
C LEU A 463 4.06 1.16 12.49
N SER A 464 3.86 1.81 13.64
CA SER A 464 2.54 2.32 13.97
C SER A 464 2.12 3.43 13.02
N LEU A 465 3.06 4.30 12.66
CA LEU A 465 2.76 5.38 11.71
C LEU A 465 2.58 4.86 10.29
N TYR A 466 3.11 3.69 9.96
CA TYR A 466 2.82 3.11 8.66
C TYR A 466 1.43 2.48 8.63
N ILE A 467 1.10 1.72 9.68
CA ILE A 467 -0.19 1.04 9.73
C ILE A 467 -1.33 2.03 9.92
N TYR A 468 -1.08 3.18 10.53
CA TYR A 468 -2.13 4.18 10.67
C TYR A 468 -2.45 4.84 9.33
N VAL A 469 -1.45 5.12 8.51
CA VAL A 469 -1.71 5.79 7.25
C VAL A 469 -2.21 4.79 6.19
N SER A 470 -1.90 3.50 6.36
CA SER A 470 -2.44 2.50 5.44
C SER A 470 -3.95 2.37 5.60
N TYR A 471 -4.41 2.13 6.83
CA TYR A 471 -5.81 1.83 7.11
C TYR A 471 -6.51 3.07 7.65
N LYS A 472 -6.66 4.07 6.77
CA LYS A 472 -7.42 5.26 7.14
C LYS A 472 -8.17 5.76 5.91
N LYS A 473 -9.32 6.40 6.16
CA LYS A 473 -10.37 6.60 5.16
C LYS A 473 -9.89 7.49 4.00
N PRO A 474 -10.16 7.09 2.75
CA PRO A 474 -9.60 7.81 1.60
C PRO A 474 -10.43 8.97 1.10
N ASP A 475 -11.31 9.52 1.93
CA ASP A 475 -12.22 10.58 1.50
C ASP A 475 -11.45 11.90 1.25
N VAL A 476 -12.19 12.88 0.73
CA VAL A 476 -11.61 14.16 0.30
C VAL A 476 -11.16 14.97 1.50
N ASN A 477 -10.39 16.04 1.22
CA ASN A 477 -9.69 16.91 2.18
C ASN A 477 -8.80 16.13 3.17
N TRP A 478 -8.40 14.91 2.81
CA TRP A 478 -7.42 14.12 3.54
C TRP A 478 -6.25 13.88 2.60
N GLY A 479 -5.15 14.58 2.85
CA GLY A 479 -3.91 14.39 2.10
C GLY A 479 -4.03 14.62 0.61
N SER A 480 -4.87 15.57 0.20
CA SER A 480 -5.23 15.75 -1.20
C SER A 480 -4.11 16.32 -2.05
N SER A 481 -2.97 16.67 -1.45
CA SER A 481 -1.80 17.05 -2.23
C SER A 481 -1.26 15.86 -3.02
N THR A 482 -1.14 14.70 -2.37
CA THR A 482 -0.74 13.48 -3.06
C THR A 482 -1.95 12.96 -3.84
N GLN A 483 -2.03 13.32 -5.13
CA GLN A 483 -3.18 12.94 -5.93
C GLN A 483 -2.77 12.24 -7.22
N ALA A 484 -1.57 12.52 -7.71
CA ALA A 484 -1.12 11.98 -8.99
C ALA A 484 -0.79 10.50 -8.93
N LEU A 485 -0.74 9.90 -7.75
CA LEU A 485 -0.55 8.46 -7.65
C LEU A 485 -1.87 7.71 -7.77
N THR A 486 -2.98 8.34 -7.34
CA THR A 486 -4.29 7.72 -7.42
C THR A 486 -4.73 7.54 -8.87
N TYR A 487 -4.36 8.48 -9.74
CA TYR A 487 -4.68 8.37 -11.16
C TYR A 487 -4.00 7.16 -11.79
N HIS A 488 -2.71 6.99 -11.53
CA HIS A 488 -1.99 5.87 -12.13
C HIS A 488 -2.40 4.55 -11.52
N GLN A 489 -2.76 4.55 -10.23
CA GLN A 489 -3.28 3.32 -9.61
C GLN A 489 -4.63 2.94 -10.21
N ALA A 490 -5.52 3.92 -10.40
CA ALA A 490 -6.83 3.65 -10.99
C ALA A 490 -6.72 3.26 -12.44
N LEU A 491 -5.68 3.70 -13.13
CA LEU A 491 -5.49 3.27 -14.51
C LEU A 491 -4.93 1.86 -14.59
N THR A 492 -3.91 1.54 -13.78
CA THR A 492 -3.28 0.22 -13.89
C THR A 492 -4.16 -0.88 -13.30
N HIS A 493 -5.04 -0.54 -12.34
CA HIS A 493 -5.95 -1.56 -11.83
C HIS A 493 -7.01 -1.91 -12.86
N SER A 494 -7.51 -0.92 -13.60
CA SER A 494 -8.44 -1.19 -14.68
C SER A 494 -7.77 -1.92 -15.83
N LEU A 495 -6.49 -1.61 -16.08
CA LEU A 495 -5.74 -2.31 -17.11
C LEU A 495 -5.44 -3.75 -16.74
N GLN A 496 -5.38 -4.07 -15.44
CA GLN A 496 -5.28 -5.47 -15.05
C GLN A 496 -6.65 -6.14 -14.97
N LEU A 497 -7.70 -5.36 -14.71
CA LEU A 497 -9.05 -5.94 -14.68
C LEU A 497 -9.54 -6.30 -16.07
N CYS A 498 -9.14 -5.54 -17.09
CA CYS A 498 -9.56 -5.87 -18.45
C CYS A 498 -8.86 -7.13 -18.95
N GLY A 499 -7.68 -7.43 -18.43
CA GLY A 499 -7.00 -8.65 -18.81
C GLY A 499 -7.07 -9.76 -17.79
N VAL A 500 -7.94 -10.73 -18.04
CA VAL A 500 -8.04 -11.93 -17.22
C VAL A 500 -8.15 -13.12 -18.16
N ALA A 501 -8.34 -14.31 -17.60
CA ALA A 501 -8.51 -15.50 -18.42
C ALA A 501 -9.84 -15.48 -19.14
N ASP A 502 -9.89 -16.12 -20.31
CA ASP A 502 -11.10 -16.16 -21.11
C ASP A 502 -12.05 -17.27 -20.71
N HIS A 503 -11.82 -17.94 -19.58
CA HIS A 503 -12.69 -19.01 -19.13
C HIS A 503 -13.03 -18.86 -17.64
N ILE A 504 -13.07 -17.63 -17.14
CA ILE A 504 -13.50 -17.41 -15.78
C ILE A 504 -14.93 -16.87 -15.79
N LYS A 505 -15.10 -15.65 -16.35
CA LYS A 505 -16.40 -15.05 -16.68
C LYS A 505 -17.32 -14.94 -15.47
N THR A 506 -16.88 -14.15 -14.49
CA THR A 506 -17.75 -13.85 -13.35
C THR A 506 -18.82 -12.86 -13.79
N PHE A 507 -19.99 -12.94 -13.15
CA PHE A 507 -21.12 -12.11 -13.59
C PHE A 507 -20.98 -10.68 -13.11
N ARG A 508 -21.04 -10.47 -11.78
CA ARG A 508 -20.84 -9.20 -11.06
C ARG A 508 -21.71 -8.08 -11.62
N PRO A 509 -23.02 -8.05 -11.28
CA PRO A 509 -23.99 -7.19 -11.99
C PRO A 509 -23.73 -5.69 -11.94
N GLN A 510 -23.46 -5.11 -13.10
CA GLN A 510 -23.37 -3.66 -13.25
C GLN A 510 -24.71 -3.13 -13.74
N CYS A 511 -24.91 -1.83 -13.56
CA CYS A 511 -26.20 -1.24 -13.89
C CYS A 511 -26.05 0.27 -14.13
N LEU A 512 -26.69 0.76 -15.17
CA LEU A 512 -26.86 2.19 -15.35
C LEU A 512 -28.30 2.57 -15.00
N VAL A 513 -28.45 3.70 -14.33
CA VAL A 513 -29.73 4.14 -13.78
C VAL A 513 -30.15 5.40 -14.52
N MET A 514 -31.26 5.32 -15.25
CA MET A 514 -31.85 6.50 -15.89
C MET A 514 -32.61 7.28 -14.83
N THR A 515 -31.88 8.11 -14.11
CA THR A 515 -32.41 8.85 -12.97
C THR A 515 -32.61 10.33 -13.24
N GLY A 516 -32.19 10.82 -14.41
CA GLY A 516 -32.23 12.26 -14.63
C GLY A 516 -31.19 12.95 -13.77
N ALA A 517 -31.54 14.13 -13.29
CA ALA A 517 -30.68 14.82 -12.34
C ALA A 517 -30.68 14.06 -11.02
N PRO A 518 -29.51 13.82 -10.41
CA PRO A 518 -29.46 12.92 -9.24
C PRO A 518 -30.13 13.46 -8.00
N ASN A 519 -30.30 14.78 -7.87
CA ASN A 519 -31.02 15.29 -6.71
C ASN A 519 -32.51 15.01 -6.82
N SER A 520 -33.03 14.90 -8.04
CA SER A 520 -34.37 14.37 -8.24
C SER A 520 -34.32 12.85 -8.30
N ARG A 521 -35.48 12.23 -8.09
CA ARG A 521 -35.70 10.79 -7.99
C ARG A 521 -34.73 10.11 -7.03
N PRO A 522 -34.84 10.33 -5.72
CA PRO A 522 -33.88 9.72 -4.80
C PRO A 522 -34.20 8.28 -4.42
N ALA A 523 -35.44 7.84 -4.61
CA ALA A 523 -35.83 6.49 -4.22
C ALA A 523 -35.18 5.46 -5.12
N ILE A 524 -35.07 5.75 -6.42
CA ILE A 524 -34.42 4.81 -7.32
C ILE A 524 -32.92 4.79 -7.07
N LEU A 525 -32.35 5.92 -6.65
CA LEU A 525 -30.93 5.94 -6.29
C LEU A 525 -30.66 5.12 -5.05
N HIS A 526 -31.53 5.20 -4.04
CA HIS A 526 -31.37 4.38 -2.85
C HIS A 526 -31.63 2.91 -3.13
N LEU A 527 -32.54 2.60 -4.04
CA LEU A 527 -32.88 1.20 -4.28
C LEU A 527 -31.85 0.49 -5.15
N VAL A 528 -31.27 1.19 -6.13
CA VAL A 528 -30.14 0.61 -6.86
C VAL A 528 -28.82 0.91 -6.12
N HIS A 529 -28.88 1.60 -4.99
CA HIS A 529 -27.79 1.60 -4.04
C HIS A 529 -27.87 0.44 -3.06
N ALA A 530 -29.07 -0.14 -2.89
CA ALA A 530 -29.24 -1.28 -1.99
C ALA A 530 -28.47 -2.49 -2.49
N PHE A 531 -28.81 -2.97 -3.68
CA PHE A 531 -27.93 -3.92 -4.34
C PHE A 531 -26.87 -3.14 -5.12
N THR A 532 -25.83 -3.85 -5.57
CA THR A 532 -24.58 -3.29 -6.09
C THR A 532 -23.97 -2.29 -5.11
N LYS A 533 -23.71 -2.79 -3.89
CA LYS A 533 -23.01 -2.04 -2.85
C LYS A 533 -21.78 -2.86 -2.50
N ASN A 534 -20.61 -2.33 -2.88
CA ASN A 534 -19.30 -3.00 -2.97
C ASN A 534 -19.38 -4.40 -3.58
N VAL A 535 -20.29 -4.57 -4.53
CA VAL A 535 -20.60 -5.85 -5.15
C VAL A 535 -20.46 -5.67 -6.66
N GLY A 536 -21.03 -4.59 -7.17
CA GLY A 536 -20.98 -4.29 -8.58
C GLY A 536 -20.80 -2.81 -8.84
N LEU A 537 -21.21 -2.36 -10.01
CA LEU A 537 -21.00 -0.98 -10.45
C LEU A 537 -22.34 -0.30 -10.67
N MET A 538 -22.47 0.91 -10.12
CA MET A 538 -23.66 1.73 -10.29
C MET A 538 -23.31 2.92 -11.17
N LEU A 539 -24.30 3.41 -11.90
CA LEU A 539 -24.07 4.49 -12.86
C LEU A 539 -25.36 5.27 -13.02
N CYS A 540 -25.26 6.60 -13.00
CA CYS A 540 -26.43 7.47 -13.08
C CYS A 540 -26.41 8.21 -14.40
N GLY A 541 -27.41 7.92 -15.25
CA GLY A 541 -27.51 8.57 -16.54
C GLY A 541 -28.44 9.75 -16.51
N HIS A 542 -28.11 10.77 -17.30
CA HIS A 542 -28.93 11.98 -17.36
C HIS A 542 -28.88 12.50 -18.78
N VAL A 543 -30.02 12.45 -19.48
CA VAL A 543 -30.11 12.92 -20.85
C VAL A 543 -30.80 14.29 -20.84
N ARG A 544 -30.09 15.31 -21.32
CA ARG A 544 -30.64 16.64 -21.43
C ARG A 544 -31.39 16.75 -22.74
N ILE A 545 -32.59 17.32 -22.70
CA ILE A 545 -33.52 17.22 -23.82
C ILE A 545 -33.64 18.56 -24.52
N SER A 546 -32.57 19.35 -24.49
CA SER A 546 -32.55 20.61 -25.24
C SER A 546 -32.36 20.30 -26.72
N SER A 547 -33.31 20.74 -27.55
CA SER A 547 -33.26 20.43 -28.97
C SER A 547 -32.30 21.34 -29.71
N ARG A 548 -32.57 22.65 -29.72
CA ARG A 548 -31.80 23.60 -30.50
C ARG A 548 -30.77 24.30 -29.62
N ARG A 549 -29.56 24.48 -30.18
CA ARG A 549 -28.40 25.14 -29.59
C ARG A 549 -28.06 24.59 -28.21
N PRO A 550 -27.48 23.39 -28.12
CA PRO A 550 -27.21 22.79 -26.81
C PRO A 550 -26.04 23.48 -26.12
N ASN A 551 -26.21 23.73 -24.82
CA ASN A 551 -25.22 24.45 -24.03
C ASN A 551 -24.09 23.49 -23.66
N PHE A 552 -23.21 23.26 -24.63
CA PHE A 552 -22.07 22.36 -24.43
C PHE A 552 -21.04 22.92 -23.47
N LYS A 553 -21.04 24.24 -23.25
CA LYS A 553 -20.06 24.86 -22.37
C LYS A 553 -20.31 24.49 -20.92
N GLU A 554 -21.57 24.60 -20.47
CA GLU A 554 -21.92 24.39 -19.08
C GLU A 554 -22.21 22.93 -18.74
N LEU A 555 -21.90 22.00 -19.65
CA LEU A 555 -22.13 20.60 -19.35
C LEU A 555 -21.09 20.05 -18.39
N ASN A 556 -19.83 20.48 -18.52
CA ASN A 556 -18.77 19.97 -17.67
C ASN A 556 -18.90 20.48 -16.24
N SER A 557 -19.27 21.75 -16.09
CA SER A 557 -19.44 22.32 -14.75
C SER A 557 -20.64 21.70 -14.03
N ASP A 558 -21.73 21.47 -14.76
CA ASP A 558 -22.88 20.82 -14.16
C ASP A 558 -22.61 19.35 -13.86
N MET A 559 -21.79 18.69 -14.68
CA MET A 559 -21.40 17.31 -14.41
C MET A 559 -20.54 17.21 -13.17
N LEU A 560 -19.58 18.13 -13.02
CA LEU A 560 -18.73 18.13 -11.84
C LEU A 560 -19.53 18.49 -10.58
N ARG A 561 -20.50 19.40 -10.71
CA ARG A 561 -21.34 19.78 -9.58
C ARG A 561 -22.24 18.63 -9.13
N TYR A 562 -22.86 17.93 -10.08
CA TYR A 562 -23.71 16.79 -9.74
C TYR A 562 -22.88 15.64 -9.18
N GLN A 563 -21.67 15.43 -9.71
CA GLN A 563 -20.82 14.38 -9.19
C GLN A 563 -20.33 14.70 -7.78
N ARG A 564 -20.06 15.96 -7.49
CA ARG A 564 -19.67 16.34 -6.13
C ARG A 564 -20.84 16.21 -5.17
N TRP A 565 -22.07 16.50 -5.63
CA TRP A 565 -23.23 16.27 -4.78
C TRP A 565 -23.44 14.79 -4.51
N LEU A 566 -23.25 13.95 -5.53
CA LEU A 566 -23.46 12.52 -5.34
C LEU A 566 -22.36 11.90 -4.50
N LEU A 567 -21.16 12.47 -4.53
CA LEU A 567 -20.09 12.02 -3.65
C LEU A 567 -20.26 12.54 -2.22
N ASN A 568 -20.94 13.68 -2.06
CA ASN A 568 -21.12 14.24 -0.72
C ASN A 568 -22.14 13.46 0.10
N ASN A 569 -22.97 12.65 -0.53
CA ASN A 569 -23.79 11.68 0.17
C ASN A 569 -23.13 10.32 0.08
N ASN A 570 -23.74 9.32 0.71
CA ASN A 570 -23.23 7.95 0.62
C ASN A 570 -23.71 7.36 -0.70
N SER A 571 -22.82 7.30 -1.69
CA SER A 571 -23.13 6.69 -2.97
C SER A 571 -21.85 6.19 -3.60
N LYS A 572 -21.94 5.05 -4.26
CA LYS A 572 -20.84 4.48 -5.01
C LYS A 572 -21.11 4.54 -6.51
N ALA A 573 -21.71 5.64 -6.97
CA ALA A 573 -22.19 5.75 -8.33
C ALA A 573 -21.45 6.85 -9.08
N PHE A 574 -21.22 6.59 -10.35
CA PHE A 574 -20.68 7.59 -11.26
C PHE A 574 -21.82 8.29 -11.99
N TYR A 575 -21.47 9.32 -12.75
CA TYR A 575 -22.47 10.16 -13.39
C TYR A 575 -22.10 10.38 -14.85
N THR A 576 -23.08 10.20 -15.74
CA THR A 576 -22.89 10.44 -17.17
C THR A 576 -24.05 11.29 -17.68
N CYS A 577 -23.72 12.46 -18.23
CA CYS A 577 -24.72 13.34 -18.83
C CYS A 577 -24.51 13.36 -20.33
N VAL A 578 -25.57 13.06 -21.07
CA VAL A 578 -25.58 13.18 -22.51
C VAL A 578 -26.61 14.23 -22.89
N VAL A 579 -26.65 14.58 -24.17
CA VAL A 579 -27.53 15.64 -24.66
C VAL A 579 -28.08 15.22 -26.02
N ALA A 580 -29.40 15.20 -26.14
CA ALA A 580 -30.06 14.84 -27.39
C ALA A 580 -31.41 15.55 -27.44
N GLU A 581 -32.26 15.13 -28.37
CA GLU A 581 -33.56 15.75 -28.56
C GLU A 581 -34.71 14.92 -28.00
N ASP A 582 -34.46 13.68 -27.60
CA ASP A 582 -35.44 12.88 -26.89
C ASP A 582 -34.70 11.87 -26.02
N LEU A 583 -35.47 11.04 -25.32
CA LEU A 583 -34.90 10.14 -24.33
C LEU A 583 -34.30 8.89 -24.97
N ARG A 584 -34.89 8.39 -26.05
CA ARG A 584 -34.45 7.11 -26.61
C ARG A 584 -33.11 7.24 -27.33
N GLN A 585 -32.99 8.25 -28.20
CA GLN A 585 -31.71 8.46 -28.87
C GLN A 585 -30.66 9.06 -27.95
N GLY A 586 -31.08 9.58 -26.80
CA GLY A 586 -30.14 10.02 -25.79
C GLY A 586 -29.55 8.87 -25.02
N THR A 587 -30.39 7.89 -24.67
CA THR A 587 -29.87 6.74 -23.94
C THR A 587 -29.27 5.68 -24.86
N GLN A 588 -29.47 5.81 -26.18
CA GLN A 588 -28.73 4.98 -27.13
C GLN A 588 -27.24 5.30 -27.09
N TYR A 589 -26.87 6.50 -26.65
CA TYR A 589 -25.47 6.85 -26.48
C TYR A 589 -24.84 6.05 -25.35
N MET A 590 -25.56 5.93 -24.23
CA MET A 590 -25.01 5.26 -23.06
C MET A 590 -25.28 3.77 -23.04
N LEU A 591 -26.10 3.25 -23.95
CA LEU A 591 -26.28 1.81 -24.00
C LEU A 591 -25.06 1.11 -24.60
N GLN A 592 -24.46 1.69 -25.64
CA GLN A 592 -23.41 1.01 -26.38
C GLN A 592 -22.08 1.77 -26.40
N ALA A 593 -21.90 2.74 -25.51
CA ALA A 593 -20.60 3.42 -25.45
C ALA A 593 -20.15 3.75 -24.03
N ALA A 594 -20.89 3.33 -23.00
CA ALA A 594 -20.53 3.71 -21.65
C ALA A 594 -19.39 2.83 -21.12
N GLY A 595 -18.68 3.36 -20.14
CA GLY A 595 -17.66 2.61 -19.43
C GLY A 595 -16.38 2.36 -20.21
N LEU A 596 -15.40 1.75 -19.55
CA LEU A 596 -14.14 1.39 -20.20
C LEU A 596 -13.71 0.01 -19.71
N GLY A 597 -13.27 -0.82 -20.64
CA GLY A 597 -12.75 -2.13 -20.26
C GLY A 597 -13.87 -3.08 -19.88
N ARG A 598 -13.76 -3.64 -18.68
CA ARG A 598 -14.77 -4.53 -18.15
C ARG A 598 -15.79 -3.81 -17.27
N LEU A 599 -15.63 -2.49 -17.10
CA LEU A 599 -16.58 -1.71 -16.30
C LEU A 599 -17.70 -1.14 -17.16
N ARG A 600 -18.32 -1.99 -17.91
CA ARG A 600 -19.46 -1.60 -18.72
C ARG A 600 -20.75 -1.95 -18.00
N PRO A 601 -21.81 -1.14 -18.18
CA PRO A 601 -23.08 -1.45 -17.54
C PRO A 601 -23.72 -2.66 -18.19
N ASN A 602 -24.11 -3.62 -17.37
CA ASN A 602 -24.72 -4.85 -17.86
C ASN A 602 -26.23 -4.72 -18.00
N THR A 603 -26.89 -4.18 -16.98
CA THR A 603 -28.35 -4.07 -16.96
C THR A 603 -28.76 -2.61 -17.00
N LEU A 604 -29.98 -2.38 -17.48
CA LEU A 604 -30.58 -1.06 -17.53
C LEU A 604 -31.76 -1.03 -16.58
N VAL A 605 -31.72 -0.15 -15.58
CA VAL A 605 -32.80 -0.01 -14.62
C VAL A 605 -33.38 1.39 -14.78
N ILE A 606 -34.67 1.46 -15.11
CA ILE A 606 -35.37 2.72 -15.32
C ILE A 606 -36.59 2.75 -14.40
N GLY A 607 -37.26 3.90 -14.39
CA GLY A 607 -38.47 4.06 -13.64
C GLY A 607 -39.70 3.96 -14.54
N PHE A 608 -40.83 3.66 -13.92
CA PHE A 608 -42.09 3.54 -14.65
C PHE A 608 -42.70 4.91 -14.84
N LYS A 609 -43.24 5.13 -16.03
CA LYS A 609 -43.87 6.40 -16.38
C LYS A 609 -45.37 6.27 -16.15
N ASN A 610 -45.87 6.88 -15.08
CA ASN A 610 -47.29 6.82 -14.79
C ASN A 610 -48.10 7.72 -15.70
N ASP A 611 -47.56 8.90 -16.05
CA ASP A 611 -48.31 9.90 -16.81
C ASP A 611 -48.24 9.63 -18.32
N TRP A 612 -48.78 8.48 -18.72
CA TRP A 612 -48.77 8.11 -20.13
C TRP A 612 -50.09 8.39 -20.83
N ARG A 613 -51.19 8.51 -20.09
CA ARG A 613 -52.47 8.89 -20.68
C ARG A 613 -52.89 10.31 -20.35
N ILE A 614 -52.20 10.99 -19.44
CA ILE A 614 -52.62 12.33 -19.04
C ILE A 614 -52.32 13.34 -20.13
N GLY A 615 -51.10 13.33 -20.65
CA GLY A 615 -50.75 14.23 -21.74
C GLY A 615 -49.53 13.73 -22.49
N ASP A 616 -49.36 14.29 -23.69
CA ASP A 616 -48.21 14.06 -24.57
C ASP A 616 -48.04 12.58 -24.91
N ILE A 617 -49.01 12.09 -25.68
CA ILE A 617 -49.07 10.67 -26.03
C ILE A 617 -48.01 10.23 -27.02
N LYS A 618 -47.21 11.16 -27.57
CA LYS A 618 -46.18 10.79 -28.55
C LYS A 618 -45.05 10.01 -27.88
N GLU A 619 -44.55 10.51 -26.75
CA GLU A 619 -43.32 10.02 -26.13
C GLU A 619 -43.43 8.61 -25.57
N VAL A 620 -44.63 8.01 -25.55
CA VAL A 620 -44.75 6.58 -25.24
C VAL A 620 -44.00 5.75 -26.25
N GLU A 621 -44.00 6.18 -27.52
CA GLU A 621 -43.18 5.51 -28.54
C GLU A 621 -41.69 5.65 -28.25
N THR A 622 -41.29 6.70 -27.53
CA THR A 622 -39.90 6.80 -27.12
C THR A 622 -39.58 5.94 -25.90
N TYR A 623 -40.60 5.44 -25.21
CA TYR A 623 -40.36 4.77 -23.94
C TYR A 623 -40.34 3.24 -24.08
N ILE A 624 -41.22 2.69 -24.90
CA ILE A 624 -41.25 1.24 -25.06
C ILE A 624 -40.14 0.78 -25.99
N ASN A 625 -39.90 1.55 -27.06
CA ASN A 625 -38.84 1.22 -28.01
C ASN A 625 -37.46 1.29 -27.36
N LEU A 626 -37.31 2.17 -26.36
CA LEU A 626 -36.15 2.16 -25.46
C LEU A 626 -35.92 0.77 -24.89
N ILE A 627 -36.98 0.16 -24.34
CA ILE A 627 -36.90 -1.21 -23.87
C ILE A 627 -36.59 -2.15 -25.02
N HIS A 628 -37.16 -1.87 -26.20
CA HIS A 628 -36.83 -2.68 -27.36
C HIS A 628 -35.45 -2.34 -27.91
N ASP A 629 -34.89 -1.20 -27.53
CA ASP A 629 -33.48 -0.94 -27.77
C ASP A 629 -32.60 -1.45 -26.63
N ALA A 630 -33.20 -1.84 -25.51
CA ALA A 630 -32.43 -2.38 -24.40
C ALA A 630 -32.34 -3.89 -24.46
N PHE A 631 -33.35 -4.56 -25.00
CA PHE A 631 -33.34 -6.01 -25.12
C PHE A 631 -32.53 -6.50 -26.31
N ASP A 632 -32.13 -5.61 -27.22
CA ASP A 632 -31.36 -6.01 -28.39
C ASP A 632 -29.87 -6.03 -28.15
N PHE A 633 -29.36 -5.27 -27.17
CA PHE A 633 -27.95 -5.28 -26.81
C PHE A 633 -27.63 -6.33 -25.76
N GLN A 634 -28.51 -7.31 -25.57
CA GLN A 634 -28.38 -8.38 -24.57
C GLN A 634 -28.20 -7.83 -23.17
N TYR A 635 -28.93 -6.76 -22.85
CA TYR A 635 -28.89 -6.17 -21.52
C TYR A 635 -29.92 -6.84 -20.63
N GLY A 636 -30.06 -6.31 -19.41
CA GLY A 636 -31.12 -6.71 -18.49
C GLY A 636 -32.00 -5.50 -18.21
N VAL A 637 -33.31 -5.71 -18.29
CA VAL A 637 -34.26 -4.62 -18.17
C VAL A 637 -34.95 -4.72 -16.82
N VAL A 638 -34.83 -3.66 -16.03
CA VAL A 638 -35.45 -3.56 -14.71
C VAL A 638 -36.29 -2.30 -14.69
N ILE A 639 -37.56 -2.44 -14.35
CA ILE A 639 -38.49 -1.33 -14.22
C ILE A 639 -38.93 -1.24 -12.77
N LEU A 640 -38.87 -0.04 -12.21
CA LEU A 640 -39.27 0.21 -10.83
C LEU A 640 -40.50 1.10 -10.82
N ARG A 641 -41.47 0.75 -9.98
CA ARG A 641 -42.70 1.52 -9.88
C ARG A 641 -43.15 1.58 -8.43
N LEU A 642 -43.44 2.77 -7.95
CA LEU A 642 -44.04 2.96 -6.64
C LEU A 642 -45.54 3.15 -6.81
N ARG A 643 -46.23 3.44 -5.70
CA ARG A 643 -47.64 3.82 -5.79
C ARG A 643 -47.81 5.17 -6.47
N GLU A 644 -46.86 6.08 -6.25
CA GLU A 644 -46.88 7.40 -6.85
C GLU A 644 -45.55 7.59 -7.59
N GLY A 645 -45.44 8.63 -8.41
CA GLY A 645 -44.26 8.84 -9.22
C GLY A 645 -43.05 9.28 -8.42
N LEU A 646 -41.95 9.47 -9.15
CA LEU A 646 -40.66 9.79 -8.56
C LEU A 646 -40.10 11.14 -9.00
N ASP A 647 -40.64 11.73 -10.07
CA ASP A 647 -40.14 13.00 -10.57
C ASP A 647 -40.50 14.12 -9.59
N ILE A 648 -39.49 14.66 -8.90
CA ILE A 648 -39.70 15.63 -7.84
C ILE A 648 -39.45 17.03 -8.38
N SER A 649 -40.48 17.88 -8.30
CA SER A 649 -40.37 19.30 -8.64
C SER A 649 -41.07 20.15 -7.60
N HIS A 650 -41.09 19.69 -6.35
CA HIS A 650 -41.79 20.30 -5.21
C HIS A 650 -43.27 20.56 -5.50
N LEU A 704 -50.51 20.16 -1.26
CA LEU A 704 -49.39 20.10 -0.33
C LEU A 704 -49.45 18.80 0.47
N ASN A 705 -50.66 18.27 0.65
CA ASN A 705 -50.84 17.05 1.43
C ASN A 705 -50.31 15.83 0.67
N VAL A 706 -50.86 15.59 -0.52
CA VAL A 706 -50.37 14.49 -1.35
C VAL A 706 -48.99 14.79 -1.90
N ALA A 707 -48.62 16.06 -2.01
CA ALA A 707 -47.24 16.41 -2.35
C ALA A 707 -46.29 15.99 -1.24
N ASP A 708 -46.69 16.16 0.02
CA ASP A 708 -45.88 15.67 1.13
C ASP A 708 -45.90 14.14 1.19
N GLN A 709 -47.00 13.52 0.75
CA GLN A 709 -47.04 12.06 0.63
C GLN A 709 -46.03 11.57 -0.40
N ARG A 710 -45.95 12.24 -1.55
CA ARG A 710 -44.96 11.91 -2.57
C ARG A 710 -43.53 12.14 -2.07
N LEU A 711 -43.31 13.26 -1.39
CA LEU A 711 -41.97 13.58 -0.88
C LEU A 711 -41.53 12.62 0.21
N LEU A 712 -42.46 12.11 1.00
CA LEU A 712 -42.10 11.13 2.03
C LEU A 712 -41.94 9.73 1.44
N ASP A 713 -42.71 9.41 0.39
CA ASP A 713 -42.54 8.11 -0.25
C ASP A 713 -41.26 8.06 -1.08
N SER A 714 -40.77 9.21 -1.53
CA SER A 714 -39.53 9.25 -2.29
C SER A 714 -38.29 9.00 -1.44
N GLN A 715 -38.42 9.02 -0.13
CA GLN A 715 -37.30 8.73 0.78
C GLN A 715 -37.70 7.66 1.79
N GLN A 716 -38.33 6.60 1.30
CA GLN A 716 -38.84 5.55 2.17
C GLN A 716 -37.85 4.41 2.38
N PHE A 717 -36.67 4.47 1.78
CA PHE A 717 -35.70 3.38 1.88
C PHE A 717 -34.48 3.70 2.72
N GLN A 718 -33.86 4.86 2.52
CA GLN A 718 -32.58 5.16 3.16
C GLN A 718 -32.70 5.50 4.64
N GLN A 719 -33.91 5.73 5.15
CA GLN A 719 -34.10 6.10 6.55
C GLN A 719 -34.95 5.10 7.30
N LYS A 720 -35.81 4.35 6.63
CA LYS A 720 -36.72 3.42 7.28
C LYS A 720 -36.03 2.06 7.42
N GLN A 721 -36.79 1.06 7.84
CA GLN A 721 -36.27 -0.28 8.08
C GLN A 721 -36.99 -1.28 7.18
N GLY A 722 -36.73 -2.56 7.42
CA GLY A 722 -37.30 -3.62 6.60
C GLY A 722 -38.23 -4.56 7.33
N LYS A 723 -39.06 -4.02 8.22
CA LYS A 723 -40.09 -4.82 8.86
C LYS A 723 -41.19 -5.13 7.86
N GLY A 724 -41.27 -6.38 7.45
CA GLY A 724 -42.16 -6.79 6.38
C GLY A 724 -41.40 -7.57 5.32
N THR A 725 -42.09 -8.54 4.73
CA THR A 725 -41.46 -9.53 3.87
C THR A 725 -41.35 -9.02 2.45
N VAL A 726 -40.27 -9.40 1.77
CA VAL A 726 -40.20 -9.29 0.32
C VAL A 726 -40.65 -10.63 -0.25
N ASP A 727 -41.05 -10.62 -1.52
CA ASP A 727 -41.56 -11.84 -2.13
C ASP A 727 -41.32 -11.80 -3.63
N VAL A 728 -40.63 -12.82 -4.13
CA VAL A 728 -40.35 -12.94 -5.54
C VAL A 728 -41.44 -13.78 -6.19
N TRP A 729 -41.57 -13.65 -7.50
CA TRP A 729 -42.53 -14.42 -8.29
C TRP A 729 -41.77 -15.01 -9.47
N TRP A 730 -41.14 -16.16 -9.24
CA TRP A 730 -40.37 -16.81 -10.30
C TRP A 730 -41.35 -17.44 -11.28
N LEU A 731 -41.59 -16.75 -12.40
CA LEU A 731 -42.49 -17.26 -13.42
C LEU A 731 -41.79 -17.66 -14.71
N PHE A 732 -40.66 -17.04 -15.03
CA PHE A 732 -39.89 -17.36 -16.23
C PHE A 732 -38.67 -18.17 -15.83
N ASP A 733 -38.38 -19.22 -16.59
CA ASP A 733 -37.30 -20.14 -16.24
C ASP A 733 -35.94 -19.56 -16.59
N ASP A 734 -35.85 -18.78 -17.68
CA ASP A 734 -34.61 -18.15 -18.10
C ASP A 734 -34.52 -16.70 -17.63
N GLY A 735 -35.03 -16.43 -16.43
CA GLY A 735 -34.94 -15.11 -15.84
C GLY A 735 -33.51 -14.75 -15.49
N GLY A 736 -32.89 -15.52 -14.61
CA GLY A 736 -31.51 -15.23 -14.24
C GLY A 736 -31.40 -14.30 -13.05
N LEU A 737 -31.27 -13.00 -13.35
CA LEU A 737 -31.12 -11.93 -12.37
C LEU A 737 -32.29 -11.82 -11.39
N THR A 738 -33.45 -12.39 -11.73
CA THR A 738 -34.67 -12.33 -10.92
C THR A 738 -34.48 -12.90 -9.53
N LEU A 739 -33.53 -13.82 -9.34
CA LEU A 739 -33.20 -14.31 -8.01
C LEU A 739 -31.93 -13.70 -7.45
N LEU A 740 -31.07 -13.13 -8.29
CA LEU A 740 -29.85 -12.52 -7.79
C LEU A 740 -30.13 -11.18 -7.13
N ILE A 741 -31.12 -10.44 -7.62
CA ILE A 741 -31.50 -9.16 -7.03
C ILE A 741 -32.04 -9.26 -5.60
N PRO A 742 -33.04 -10.10 -5.25
CA PRO A 742 -33.54 -10.07 -3.87
C PRO A 742 -32.57 -10.65 -2.85
N TYR A 743 -31.66 -11.54 -3.25
CA TYR A 743 -30.64 -12.00 -2.33
C TYR A 743 -29.64 -10.89 -2.02
N LEU A 744 -29.34 -10.04 -3.01
CA LEU A 744 -28.43 -8.94 -2.77
C LEU A 744 -29.09 -7.84 -1.95
N ILE A 745 -30.38 -7.59 -2.17
CA ILE A 745 -31.05 -6.56 -1.37
C ILE A 745 -31.49 -7.06 0.00
N ALA A 746 -31.48 -8.37 0.22
CA ALA A 746 -31.89 -8.92 1.51
C ALA A 746 -30.77 -8.98 2.52
N ASN A 747 -29.53 -9.04 2.06
CA ASN A 747 -28.38 -9.10 2.95
C ASN A 747 -27.79 -7.71 3.14
N LYS A 748 -28.53 -6.90 3.89
CA LYS A 748 -28.13 -5.52 4.17
C LYS A 748 -28.57 -5.17 5.57
N LYS A 749 -28.08 -4.02 6.05
CA LYS A 749 -28.42 -3.55 7.39
C LYS A 749 -29.89 -3.15 7.48
N LYS A 750 -30.40 -2.47 6.45
CA LYS A 750 -31.79 -2.02 6.46
C LYS A 750 -32.79 -3.16 6.31
N TRP A 751 -32.35 -4.32 5.85
CA TRP A 751 -33.24 -5.43 5.53
C TRP A 751 -32.85 -6.62 6.39
N LYS A 752 -33.53 -6.78 7.53
CA LYS A 752 -33.37 -7.95 8.39
C LYS A 752 -34.65 -8.77 8.48
N ASP A 753 -35.79 -8.10 8.62
CA ASP A 753 -37.07 -8.79 8.78
C ASP A 753 -37.72 -9.06 7.43
N CYS A 754 -36.98 -9.75 6.56
CA CYS A 754 -37.40 -9.99 5.18
C CYS A 754 -37.43 -11.49 4.93
N LYS A 755 -38.63 -12.06 5.00
CA LYS A 755 -38.83 -13.48 4.72
C LYS A 755 -39.17 -13.60 3.25
N ILE A 756 -38.22 -14.09 2.46
CA ILE A 756 -38.36 -14.13 1.00
C ILE A 756 -39.33 -15.24 0.64
N ARG A 757 -40.59 -14.87 0.38
CA ARG A 757 -41.64 -15.81 0.05
C ARG A 757 -41.59 -16.09 -1.45
N VAL A 758 -40.80 -17.08 -1.83
CA VAL A 758 -40.60 -17.41 -3.24
C VAL A 758 -41.87 -18.04 -3.79
N PHE A 759 -42.59 -17.31 -4.63
CA PHE A 759 -43.77 -17.83 -5.29
C PHE A 759 -43.41 -18.31 -6.68
N ILE A 760 -44.09 -19.36 -7.14
CA ILE A 760 -43.81 -19.94 -8.45
C ILE A 760 -45.08 -20.57 -8.99
N GLY A 761 -45.46 -20.18 -10.20
CA GLY A 761 -46.52 -20.87 -10.91
C GLY A 761 -46.02 -22.20 -11.43
N GLY A 762 -46.70 -23.28 -11.07
CA GLY A 762 -46.21 -24.61 -11.43
C GLY A 762 -47.23 -25.48 -12.14
N LYS A 763 -46.86 -26.73 -12.37
CA LYS A 763 -47.76 -27.68 -13.00
C LYS A 763 -48.90 -28.04 -12.05
N ILE A 764 -50.11 -28.10 -12.59
CA ILE A 764 -51.29 -28.32 -11.75
C ILE A 764 -51.45 -29.78 -11.35
N ASN A 765 -50.92 -30.71 -12.14
CA ASN A 765 -51.11 -32.14 -11.84
C ASN A 765 -50.23 -32.58 -10.68
N ARG A 766 -48.96 -32.20 -10.69
CA ARG A 766 -48.01 -32.58 -9.64
C ARG A 766 -47.51 -31.31 -8.97
N ILE A 767 -48.12 -30.97 -7.83
CA ILE A 767 -47.74 -29.80 -7.05
C ILE A 767 -46.82 -30.19 -5.89
N ASP A 768 -46.23 -31.38 -5.93
CA ASP A 768 -45.43 -31.90 -4.82
C ASP A 768 -43.93 -31.77 -5.05
N HIS A 769 -43.45 -32.18 -6.21
CA HIS A 769 -42.01 -32.23 -6.46
C HIS A 769 -41.51 -31.05 -7.29
N ASP A 770 -42.42 -30.22 -7.83
CA ASP A 770 -41.98 -29.00 -8.50
C ASP A 770 -41.38 -28.02 -7.51
N ARG A 771 -41.98 -27.92 -6.32
CA ARG A 771 -41.43 -27.02 -5.30
C ARG A 771 -40.12 -27.55 -4.74
N ARG A 772 -39.91 -28.87 -4.76
CA ARG A 772 -38.63 -29.42 -4.34
C ARG A 772 -37.56 -29.14 -5.39
N ALA A 773 -37.95 -29.22 -6.67
CA ALA A 773 -37.04 -28.90 -7.77
C ALA A 773 -36.72 -27.41 -7.82
N MET A 774 -37.60 -26.57 -7.27
CA MET A 774 -37.26 -25.17 -7.13
C MET A 774 -36.45 -24.93 -5.85
N ALA A 775 -36.67 -25.76 -4.83
CA ALA A 775 -35.97 -25.58 -3.55
C ALA A 775 -34.50 -25.95 -3.68
N THR A 776 -34.17 -26.94 -4.51
CA THR A 776 -32.76 -27.23 -4.72
C THR A 776 -32.06 -26.11 -5.51
N LEU A 777 -32.80 -25.43 -6.39
CA LEU A 777 -32.24 -24.28 -7.09
C LEU A 777 -32.08 -23.09 -6.14
N LEU A 778 -33.02 -22.93 -5.21
CA LEU A 778 -32.91 -21.90 -4.19
C LEU A 778 -31.75 -22.17 -3.24
N SER A 779 -31.45 -23.45 -2.98
CA SER A 779 -30.28 -23.79 -2.19
C SER A 779 -29.00 -23.59 -3.00
N LYS A 780 -29.08 -23.70 -4.33
CA LYS A 780 -27.93 -23.40 -5.16
C LYS A 780 -27.61 -21.91 -5.15
N PHE A 781 -28.63 -21.06 -5.08
CA PHE A 781 -28.44 -19.62 -5.09
C PHE A 781 -28.16 -19.04 -3.72
N ARG A 782 -28.06 -19.89 -2.68
CA ARG A 782 -27.85 -19.60 -1.26
C ARG A 782 -28.64 -18.42 -0.71
N ILE A 783 -29.88 -18.24 -1.19
CA ILE A 783 -30.75 -17.22 -0.65
C ILE A 783 -31.28 -17.63 0.72
N ASP A 784 -31.33 -18.94 0.99
CA ASP A 784 -31.65 -19.54 2.30
C ASP A 784 -33.05 -19.17 2.77
N PHE A 785 -34.04 -19.56 1.96
CA PHE A 785 -35.43 -19.57 2.40
C PHE A 785 -36.19 -20.65 1.64
N SER A 786 -37.16 -21.25 2.31
CA SER A 786 -37.94 -22.35 1.74
C SER A 786 -39.42 -22.17 2.05
N ASP A 787 -39.90 -20.93 1.97
CA ASP A 787 -41.33 -20.65 2.12
C ASP A 787 -42.04 -20.66 0.76
N ILE A 788 -41.82 -21.73 0.00
CA ILE A 788 -42.25 -21.77 -1.38
C ILE A 788 -43.74 -22.08 -1.44
N THR A 789 -44.48 -21.27 -2.20
CA THR A 789 -45.90 -21.49 -2.43
C THR A 789 -46.14 -21.66 -3.92
N VAL A 790 -46.77 -22.76 -4.30
CA VAL A 790 -47.04 -23.07 -5.70
C VAL A 790 -48.51 -22.74 -5.98
N LEU A 791 -48.75 -22.10 -7.11
CA LEU A 791 -50.09 -21.69 -7.52
C LEU A 791 -50.47 -22.42 -8.80
N GLY A 792 -51.78 -22.60 -8.98
CA GLY A 792 -52.29 -23.26 -10.17
C GLY A 792 -53.51 -22.56 -10.73
N ASP A 793 -53.96 -21.52 -10.04
CA ASP A 793 -55.17 -20.80 -10.42
C ASP A 793 -54.89 -19.65 -11.39
N ILE A 794 -53.77 -19.68 -12.10
CA ILE A 794 -53.47 -18.65 -13.09
C ILE A 794 -54.14 -19.02 -14.41
N ASN A 795 -54.45 -17.99 -15.19
CA ASN A 795 -55.23 -18.00 -16.45
C ASN A 795 -56.42 -18.96 -16.41
N THR A 796 -57.29 -18.74 -15.43
CA THR A 796 -58.50 -19.54 -15.26
C THR A 796 -59.76 -18.73 -15.54
N LYS A 797 -59.97 -17.63 -14.82
CA LYS A 797 -61.11 -16.75 -15.05
C LYS A 797 -60.68 -15.35 -14.63
N PRO A 798 -60.28 -14.51 -15.57
CA PRO A 798 -59.57 -13.28 -15.21
C PRO A 798 -60.45 -12.09 -14.86
N LYS A 799 -61.52 -12.30 -14.07
CA LYS A 799 -62.26 -11.24 -13.36
C LYS A 799 -62.81 -10.17 -14.32
N SER A 800 -63.85 -10.59 -15.06
CA SER A 800 -64.46 -9.83 -16.16
C SER A 800 -64.80 -8.36 -15.84
N GLU A 801 -65.04 -8.02 -14.57
CA GLU A 801 -65.20 -6.62 -14.19
C GLU A 801 -63.90 -5.84 -14.29
N GLY A 802 -62.75 -6.51 -14.35
CA GLY A 802 -61.49 -5.86 -14.64
C GLY A 802 -61.15 -5.95 -16.11
N LEU A 803 -61.72 -6.96 -16.78
CA LEU A 803 -61.64 -7.02 -18.24
C LEU A 803 -62.36 -5.83 -18.87
N THR A 804 -63.48 -5.41 -18.27
CA THR A 804 -64.16 -4.21 -18.72
C THR A 804 -63.39 -2.93 -18.37
N GLU A 805 -62.48 -3.00 -17.39
CA GLU A 805 -61.62 -1.87 -17.11
C GLU A 805 -60.46 -1.80 -18.10
N PHE A 806 -59.92 -2.97 -18.47
CA PHE A 806 -58.79 -3.00 -19.39
C PHE A 806 -59.23 -2.70 -20.82
N ALA A 807 -60.44 -3.13 -21.20
CA ALA A 807 -60.93 -2.86 -22.54
C ALA A 807 -61.28 -1.39 -22.72
N GLU A 808 -61.73 -0.72 -21.67
CA GLU A 808 -61.99 0.70 -21.74
C GLU A 808 -60.72 1.53 -21.52
N MET A 809 -59.60 0.88 -21.20
CA MET A 809 -58.32 1.57 -21.11
C MET A 809 -57.73 1.84 -22.48
N ILE A 810 -57.69 0.83 -23.34
CA ILE A 810 -57.10 0.96 -24.67
C ILE A 810 -58.16 1.25 -25.72
N GLU A 811 -59.35 1.71 -25.32
CA GLU A 811 -60.40 2.07 -26.25
C GLU A 811 -60.05 3.26 -27.16
N PRO A 812 -59.42 4.37 -26.69
CA PRO A 812 -58.97 5.37 -27.67
C PRO A 812 -57.75 4.95 -28.47
N TYR A 813 -57.09 3.85 -28.12
CA TYR A 813 -55.91 3.38 -28.83
C TYR A 813 -56.21 2.12 -29.64
N LYS A 814 -57.43 1.99 -30.16
CA LYS A 814 -57.77 0.84 -30.99
C LYS A 814 -57.07 0.89 -32.33
N LEU A 815 -56.68 2.08 -32.78
CA LEU A 815 -55.59 2.26 -33.72
C LEU A 815 -54.40 2.77 -32.92
N ARG A 816 -53.20 2.33 -33.28
CA ARG A 816 -52.08 2.35 -32.35
C ARG A 816 -51.55 3.78 -32.18
N GLU A 817 -50.64 3.92 -31.21
CA GLU A 817 -50.22 5.23 -30.73
C GLU A 817 -49.12 5.79 -31.61
N ASP A 818 -49.41 6.92 -32.26
CA ASP A 818 -48.46 7.70 -33.08
C ASP A 818 -47.88 6.90 -34.24
N ASP A 819 -48.53 5.81 -34.65
CA ASP A 819 -48.07 5.01 -35.77
C ASP A 819 -48.77 5.54 -37.01
N MET A 820 -48.29 6.69 -37.49
CA MET A 820 -48.90 7.35 -38.63
C MET A 820 -48.65 6.59 -39.92
N GLU A 821 -47.55 5.84 -39.98
CA GLU A 821 -47.31 4.95 -41.12
C GLU A 821 -48.33 3.82 -41.15
N GLN A 822 -48.58 3.20 -40.00
CA GLN A 822 -49.59 2.13 -39.92
C GLN A 822 -50.99 2.67 -40.11
N GLU A 823 -51.28 3.87 -39.59
CA GLU A 823 -52.61 4.44 -39.73
C GLU A 823 -52.89 4.85 -41.17
N ALA A 824 -51.90 5.45 -41.85
CA ALA A 824 -52.05 5.76 -43.26
C ALA A 824 -51.99 4.52 -44.13
N ALA A 825 -51.40 3.42 -43.63
CA ALA A 825 -51.41 2.16 -44.35
C ALA A 825 -52.68 1.36 -44.11
N GLU A 826 -53.49 1.74 -43.13
CA GLU A 826 -54.81 1.13 -42.97
C GLU A 826 -55.72 1.47 -44.15
N LYS A 827 -55.68 2.73 -44.61
CA LYS A 827 -56.67 3.21 -45.57
C LYS A 827 -56.43 2.66 -46.98
N LEU A 828 -55.26 2.12 -47.28
CA LEU A 828 -55.04 1.58 -48.61
C LEU A 828 -55.64 0.19 -48.77
N LYS A 829 -56.01 -0.47 -47.68
CA LYS A 829 -56.66 -1.79 -47.75
C LYS A 829 -58.08 -1.76 -47.22
N SER A 830 -58.32 -1.06 -46.11
CA SER A 830 -59.62 -1.06 -45.46
C SER A 830 -60.17 0.35 -45.37
N GLU A 831 -61.49 0.44 -45.27
CA GLU A 831 -62.17 1.71 -45.00
C GLU A 831 -62.58 1.86 -43.54
N GLU A 832 -63.09 0.79 -42.93
CA GLU A 832 -63.32 0.81 -41.49
C GLU A 832 -61.99 0.53 -40.80
N PRO A 833 -61.51 1.43 -39.94
CA PRO A 833 -60.15 1.31 -39.42
C PRO A 833 -59.97 0.22 -38.37
N TRP A 834 -61.00 -0.01 -37.55
CA TRP A 834 -60.88 -0.88 -36.38
C TRP A 834 -61.08 -2.35 -36.76
N ARG A 835 -60.35 -2.83 -37.77
CA ARG A 835 -60.45 -4.23 -38.18
C ARG A 835 -59.14 -4.98 -38.07
N ILE A 836 -57.99 -4.30 -38.04
CA ILE A 836 -56.72 -4.95 -37.79
C ILE A 836 -56.68 -5.19 -36.28
N THR A 837 -56.59 -6.46 -35.89
CA THR A 837 -56.51 -6.82 -34.48
C THR A 837 -55.55 -7.96 -34.21
N ASP A 838 -54.85 -8.47 -35.24
CA ASP A 838 -53.82 -9.49 -35.03
C ASP A 838 -52.66 -8.93 -34.22
N ASN A 839 -52.33 -7.66 -34.43
CA ASN A 839 -51.36 -6.96 -33.60
C ASN A 839 -51.88 -6.79 -32.18
N GLU A 840 -53.17 -6.55 -32.02
CA GLU A 840 -53.70 -6.00 -30.77
C GLU A 840 -54.32 -7.04 -29.85
N LEU A 841 -55.33 -7.77 -30.31
CA LEU A 841 -56.03 -8.65 -29.40
C LEU A 841 -56.51 -9.95 -30.04
N GLU A 842 -56.21 -10.21 -31.30
CA GLU A 842 -56.60 -11.50 -31.88
C GLU A 842 -55.70 -12.63 -31.38
N LEU A 843 -54.39 -12.40 -31.39
CA LEU A 843 -53.42 -13.44 -31.07
C LEU A 843 -52.87 -13.32 -29.66
N TYR A 844 -53.29 -12.33 -28.88
CA TYR A 844 -52.74 -12.09 -27.56
C TYR A 844 -53.84 -11.88 -26.53
N LYS A 845 -54.87 -12.73 -26.56
CA LYS A 845 -55.84 -12.74 -25.47
C LYS A 845 -55.23 -13.34 -24.22
N ALA A 846 -54.41 -14.39 -24.39
CA ALA A 846 -53.85 -15.10 -23.25
C ALA A 846 -52.85 -14.27 -22.48
N LYS A 847 -52.11 -13.39 -23.18
CA LYS A 847 -51.15 -12.53 -22.51
C LYS A 847 -51.84 -11.50 -21.62
N GLY A 848 -52.91 -10.87 -22.13
CA GLY A 848 -53.64 -9.91 -21.33
C GLY A 848 -54.40 -10.53 -20.19
N ASN A 849 -54.99 -11.72 -20.43
CA ASN A 849 -55.67 -12.43 -19.36
C ASN A 849 -54.70 -12.90 -18.28
N ARG A 850 -53.50 -13.35 -18.67
CA ARG A 850 -52.51 -13.76 -17.69
C ARG A 850 -51.97 -12.56 -16.93
N GLN A 851 -51.86 -11.40 -17.60
CA GLN A 851 -51.40 -10.18 -16.94
C GLN A 851 -52.38 -9.71 -15.87
N ILE A 852 -53.68 -9.68 -16.21
CA ILE A 852 -54.64 -9.22 -15.22
C ILE A 852 -54.87 -10.28 -14.14
N ARG A 853 -54.67 -11.56 -14.47
CA ARG A 853 -54.76 -12.62 -13.46
C ARG A 853 -53.60 -12.53 -12.48
N LEU A 854 -52.40 -12.23 -12.98
CA LEU A 854 -51.26 -11.99 -12.09
C LEU A 854 -51.45 -10.72 -11.28
N ASN A 855 -52.16 -9.73 -11.81
CA ASN A 855 -52.48 -8.55 -11.02
C ASN A 855 -53.41 -8.89 -9.86
N GLU A 856 -54.41 -9.75 -10.12
CA GLU A 856 -55.30 -10.17 -9.04
C GLU A 856 -54.58 -11.02 -8.00
N LEU A 857 -53.69 -11.91 -8.45
CA LEU A 857 -52.90 -12.70 -7.51
C LEU A 857 -51.91 -11.83 -6.72
N LEU A 858 -51.41 -10.76 -7.33
CA LEU A 858 -50.59 -9.78 -6.63
C LEU A 858 -51.39 -9.07 -5.55
N LYS A 859 -52.63 -8.68 -5.87
CA LYS A 859 -53.48 -8.03 -4.89
C LYS A 859 -53.88 -8.97 -3.76
N GLU A 860 -54.00 -10.26 -4.06
CA GLU A 860 -54.40 -11.21 -3.01
C GLU A 860 -53.23 -11.58 -2.11
N HIS A 861 -52.18 -12.19 -2.69
CA HIS A 861 -51.11 -12.76 -1.89
C HIS A 861 -50.04 -11.76 -1.48
N SER A 862 -49.89 -10.67 -2.22
CA SER A 862 -48.84 -9.71 -1.91
C SER A 862 -49.42 -8.36 -1.49
N SER A 863 -50.42 -8.41 -0.59
CA SER A 863 -51.02 -7.18 -0.08
C SER A 863 -50.02 -6.38 0.75
N THR A 864 -49.53 -6.96 1.84
CA THR A 864 -48.49 -6.33 2.64
C THR A 864 -47.13 -6.92 2.27
N ALA A 865 -46.25 -6.05 1.77
CA ALA A 865 -44.91 -6.43 1.38
C ALA A 865 -44.05 -5.17 1.29
N ASN A 866 -42.74 -5.37 1.32
CA ASN A 866 -41.84 -4.25 1.04
C ASN A 866 -41.64 -4.10 -0.46
N LEU A 867 -41.05 -5.10 -1.11
CA LEU A 867 -40.86 -5.13 -2.55
C LEU A 867 -41.52 -6.38 -3.11
N ILE A 868 -41.70 -6.39 -4.43
CA ILE A 868 -42.18 -7.56 -5.15
C ILE A 868 -41.32 -7.71 -6.39
N VAL A 869 -40.46 -8.73 -6.41
CA VAL A 869 -39.62 -9.01 -7.57
C VAL A 869 -40.44 -9.84 -8.54
N MET A 870 -40.80 -9.25 -9.68
CA MET A 870 -41.74 -9.86 -10.61
C MET A 870 -41.08 -9.98 -11.98
N SER A 871 -41.24 -11.15 -12.61
CA SER A 871 -40.66 -11.38 -13.92
C SER A 871 -41.41 -10.57 -14.97
N MET A 872 -40.67 -9.88 -15.82
CA MET A 872 -41.24 -8.90 -16.73
C MET A 872 -41.72 -9.59 -18.00
N PRO A 873 -42.93 -9.30 -18.47
CA PRO A 873 -43.41 -9.92 -19.72
C PRO A 873 -42.77 -9.26 -20.94
N LEU A 874 -42.24 -10.09 -21.83
CA LEU A 874 -41.59 -9.62 -23.06
C LEU A 874 -42.45 -9.99 -24.25
N ALA A 875 -42.68 -9.02 -25.12
CA ALA A 875 -43.37 -9.24 -26.39
C ALA A 875 -42.47 -8.79 -27.52
N ARG A 876 -42.50 -9.52 -28.63
CA ARG A 876 -41.67 -9.18 -29.77
C ARG A 876 -42.17 -7.91 -30.45
N LYS A 877 -41.24 -7.04 -30.81
CA LYS A 877 -41.60 -5.75 -31.40
C LYS A 877 -42.10 -5.93 -32.81
N GLY A 878 -42.77 -4.90 -33.32
CA GLY A 878 -43.35 -4.96 -34.65
C GLY A 878 -44.70 -5.66 -34.67
N ALA A 879 -44.70 -6.95 -34.28
CA ALA A 879 -45.97 -7.68 -34.21
C ALA A 879 -46.82 -7.23 -33.03
N VAL A 880 -46.19 -6.66 -32.00
CA VAL A 880 -46.89 -6.12 -30.84
C VAL A 880 -46.61 -4.62 -30.77
N SER A 881 -47.67 -3.83 -30.70
CA SER A 881 -47.52 -2.39 -30.64
C SER A 881 -46.97 -1.94 -29.29
N SER A 882 -46.48 -0.70 -29.26
CA SER A 882 -45.88 -0.16 -28.04
C SER A 882 -46.94 0.21 -27.01
N ALA A 883 -48.10 0.71 -27.45
CA ALA A 883 -49.15 1.11 -26.52
C ALA A 883 -49.76 -0.10 -25.83
N LEU A 884 -49.91 -1.21 -26.55
CA LEU A 884 -50.37 -2.45 -25.95
C LEU A 884 -49.39 -2.98 -24.92
N TYR A 885 -48.09 -2.85 -25.20
CA TYR A 885 -47.08 -3.36 -24.29
C TYR A 885 -47.00 -2.51 -23.02
N MET A 886 -47.11 -1.18 -23.18
CA MET A 886 -47.19 -0.30 -22.01
C MET A 886 -48.46 -0.54 -21.22
N ALA A 887 -49.56 -0.87 -21.91
CA ALA A 887 -50.81 -1.19 -21.20
C ALA A 887 -50.68 -2.47 -20.40
N TRP A 888 -49.99 -3.48 -20.94
CA TRP A 888 -49.75 -4.70 -20.19
C TRP A 888 -48.87 -4.44 -18.97
N LEU A 889 -47.82 -3.62 -19.12
CA LEU A 889 -46.96 -3.33 -17.98
C LEU A 889 -47.67 -2.49 -16.93
N ASP A 890 -48.58 -1.61 -17.34
CA ASP A 890 -49.27 -0.80 -16.35
C ASP A 890 -50.43 -1.53 -15.68
N THR A 891 -51.04 -2.51 -16.36
CA THR A 891 -52.05 -3.34 -15.71
C THR A 891 -51.45 -4.48 -14.90
N LEU A 892 -50.19 -4.84 -15.17
CA LEU A 892 -49.52 -5.85 -14.35
C LEU A 892 -49.16 -5.30 -12.97
N SER A 893 -48.99 -3.99 -12.84
CA SER A 893 -48.51 -3.33 -11.63
C SER A 893 -49.40 -2.15 -11.26
N LYS A 894 -50.71 -2.41 -11.18
CA LYS A 894 -51.75 -1.38 -11.10
C LYS A 894 -51.64 -0.47 -9.88
N ASP A 895 -51.89 -0.99 -8.69
CA ASP A 895 -51.80 -0.19 -7.46
C ASP A 895 -51.10 -0.97 -6.37
N LEU A 896 -50.01 -1.63 -6.72
CA LEU A 896 -49.32 -2.55 -5.83
C LEU A 896 -48.39 -1.79 -4.89
N PRO A 897 -47.74 -2.48 -3.96
CA PRO A 897 -46.52 -1.94 -3.29
C PRO A 897 -45.38 -1.74 -4.29
N PRO A 898 -44.20 -1.20 -3.85
CA PRO A 898 -43.12 -0.93 -4.81
C PRO A 898 -42.54 -2.14 -5.53
N ILE A 899 -43.27 -2.56 -6.56
CA ILE A 899 -42.92 -3.71 -7.39
C ILE A 899 -41.66 -3.41 -8.20
N LEU A 900 -41.05 -4.47 -8.72
CA LEU A 900 -39.82 -4.41 -9.50
C LEU A 900 -39.95 -5.42 -10.63
N LEU A 901 -40.32 -4.96 -11.82
CA LEU A 901 -40.29 -5.82 -12.99
C LEU A 901 -38.85 -6.04 -13.41
N VAL A 902 -38.49 -7.28 -13.71
CA VAL A 902 -37.10 -7.59 -13.99
C VAL A 902 -37.02 -8.74 -14.99
N ARG A 903 -36.23 -8.54 -16.04
CA ARG A 903 -35.95 -9.59 -17.00
C ARG A 903 -34.47 -9.55 -17.34
N GLY A 904 -33.82 -10.71 -17.26
CA GLY A 904 -32.41 -10.81 -17.50
C GLY A 904 -32.09 -11.16 -18.95
N ASN A 905 -30.78 -11.19 -19.22
CA ASN A 905 -30.28 -11.49 -20.56
C ASN A 905 -30.14 -12.98 -20.81
N HIS A 906 -30.44 -13.81 -19.81
CA HIS A 906 -30.26 -15.27 -19.73
C HIS A 906 -28.96 -15.78 -20.35
N GLN A 907 -27.86 -15.06 -20.13
CA GLN A 907 -26.58 -15.55 -20.62
C GLN A 907 -26.05 -16.63 -19.68
N SER A 908 -25.73 -16.25 -18.45
CA SER A 908 -25.32 -17.16 -17.39
C SER A 908 -25.37 -16.43 -16.05
N VAL A 909 -26.03 -17.02 -15.07
CA VAL A 909 -26.01 -16.47 -13.72
C VAL A 909 -25.40 -17.52 -12.81
N LEU A 910 -25.30 -17.20 -11.52
CA LEU A 910 -24.75 -17.98 -10.41
C LEU A 910 -23.25 -18.24 -10.53
N THR A 911 -22.58 -17.73 -11.57
CA THR A 911 -21.13 -17.66 -11.57
C THR A 911 -20.64 -16.67 -10.52
N PHE A 912 -21.45 -15.65 -10.23
CA PHE A 912 -21.29 -14.84 -9.04
C PHE A 912 -21.39 -15.72 -7.79
N TYR A 913 -20.76 -15.24 -6.71
CA TYR A 913 -20.35 -16.01 -5.52
C TYR A 913 -19.81 -17.39 -5.90
N SER A 914 -18.80 -17.35 -6.77
CA SER A 914 -18.06 -18.52 -7.28
C SER A 914 -18.95 -19.58 -7.92
N LYS B 1 -13.91 -38.81 16.99
CA LYS B 1 -14.59 -37.53 17.06
C LYS B 1 -14.85 -37.21 18.53
N PHE B 2 -13.83 -36.71 19.22
CA PHE B 2 -13.87 -36.58 20.67
C PHE B 2 -14.66 -35.35 21.09
N GLY B 3 -15.07 -35.36 22.36
CA GLY B 3 -15.67 -34.20 22.98
C GLY B 3 -14.63 -33.15 23.32
N TRP B 4 -15.07 -32.17 24.11
CA TRP B 4 -14.16 -31.07 24.42
C TRP B 4 -13.15 -31.45 25.48
N ILE B 5 -13.54 -32.29 26.46
CA ILE B 5 -12.62 -32.67 27.52
C ILE B 5 -11.49 -33.52 26.98
N LYS B 6 -11.82 -34.71 26.48
CA LYS B 6 -10.83 -35.70 26.05
C LYS B 6 -10.11 -35.28 24.79
N GLY B 7 -10.61 -34.28 24.07
CA GLY B 7 -10.01 -33.88 22.82
C GLY B 7 -9.28 -32.55 22.87
N VAL B 8 -9.61 -31.69 23.84
CA VAL B 8 -8.96 -30.39 23.96
C VAL B 8 -8.28 -30.23 25.31
N LEU B 9 -9.01 -30.49 26.40
CA LEU B 9 -8.50 -30.11 27.72
C LEU B 9 -7.42 -31.07 28.19
N VAL B 10 -7.58 -32.36 27.93
CA VAL B 10 -6.58 -33.34 28.32
C VAL B 10 -5.33 -33.18 27.47
N ARG B 11 -5.51 -32.86 26.19
CA ARG B 11 -4.38 -32.61 25.29
C ARG B 11 -3.61 -31.38 25.70
N CYS B 12 -4.31 -30.30 26.04
CA CYS B 12 -3.63 -29.07 26.43
C CYS B 12 -2.97 -29.20 27.79
N MET B 13 -3.57 -29.92 28.73
CA MET B 13 -2.92 -30.09 30.03
C MET B 13 -1.75 -31.05 29.97
N LEU B 14 -1.75 -32.00 29.03
CA LEU B 14 -0.57 -32.83 28.87
C LEU B 14 0.51 -32.11 28.10
N ASN B 15 0.16 -31.19 27.21
CA ASN B 15 1.19 -30.46 26.49
C ASN B 15 1.79 -29.34 27.33
N ILE B 16 1.02 -28.75 28.25
CA ILE B 16 1.51 -27.63 29.04
C ILE B 16 2.40 -28.12 30.18
N TRP B 17 1.95 -29.12 30.93
CA TRP B 17 2.73 -29.66 32.04
C TRP B 17 3.89 -30.47 31.48
N GLY B 18 5.10 -29.95 31.63
CA GLY B 18 6.27 -30.53 31.00
C GLY B 18 7.47 -30.66 31.91
N VAL B 19 8.58 -30.03 31.50
CA VAL B 19 9.83 -30.20 32.24
C VAL B 19 9.82 -29.39 33.53
N MET B 20 9.45 -28.11 33.43
CA MET B 20 9.68 -27.16 34.52
C MET B 20 8.79 -27.39 35.72
N LEU B 21 7.78 -28.25 35.63
CA LEU B 21 6.87 -28.46 36.74
C LEU B 21 7.55 -29.18 37.90
N PHE B 22 8.34 -30.21 37.61
CA PHE B 22 9.01 -30.97 38.65
C PHE B 22 10.50 -30.71 38.74
N ILE B 23 11.13 -30.30 37.64
CA ILE B 23 12.57 -30.09 37.61
C ILE B 23 12.94 -28.68 38.03
N ARG B 24 12.29 -27.66 37.47
CA ARG B 24 12.81 -26.30 37.57
C ARG B 24 11.79 -25.30 38.09
N MET B 25 10.78 -25.73 38.86
CA MET B 25 9.95 -24.74 39.52
C MET B 25 10.57 -24.26 40.82
N THR B 26 11.19 -25.18 41.56
CA THR B 26 11.79 -24.81 42.84
C THR B 26 13.05 -23.96 42.67
N TRP B 27 13.77 -24.15 41.57
CA TRP B 27 14.92 -23.30 41.27
C TRP B 27 14.49 -21.88 40.94
N ILE B 28 13.28 -21.71 40.43
CA ILE B 28 12.79 -20.37 40.10
C ILE B 28 12.41 -19.63 41.38
N VAL B 29 11.86 -20.33 42.37
CA VAL B 29 11.69 -19.74 43.70
C VAL B 29 13.03 -19.61 44.42
N GLY B 30 14.05 -20.35 43.98
CA GLY B 30 15.36 -20.17 44.58
C GLY B 30 16.03 -18.90 44.10
N GLN B 31 16.00 -18.65 42.79
CA GLN B 31 16.67 -17.48 42.23
C GLN B 31 15.89 -16.20 42.55
N ALA B 32 14.64 -16.14 42.11
CA ALA B 32 13.77 -15.02 42.45
C ALA B 32 13.16 -15.27 43.82
N GLY B 33 12.16 -14.49 44.20
CA GLY B 33 11.43 -14.72 45.43
C GLY B 33 10.17 -15.50 45.18
N ILE B 34 9.30 -15.51 46.19
CA ILE B 34 7.94 -15.99 45.96
C ILE B 34 7.14 -14.95 45.20
N ALA B 35 7.35 -13.67 45.53
CA ALA B 35 6.60 -12.58 44.91
C ALA B 35 6.96 -12.43 43.45
N TYR B 36 8.25 -12.43 43.13
CA TYR B 36 8.69 -12.26 41.75
C TYR B 36 8.31 -13.47 40.90
N SER B 37 8.35 -14.67 41.47
CA SER B 37 7.95 -15.85 40.70
C SER B 37 6.44 -15.88 40.48
N CYS B 38 5.66 -15.39 41.45
CA CYS B 38 4.22 -15.25 41.22
C CYS B 38 3.93 -14.22 40.14
N ILE B 39 4.70 -13.14 40.10
CA ILE B 39 4.59 -12.15 39.02
C ILE B 39 4.94 -12.77 37.67
N ILE B 40 5.93 -13.67 37.67
CA ILE B 40 6.35 -14.37 36.45
C ILE B 40 5.22 -15.27 35.93
N VAL B 41 4.59 -16.03 36.83
CA VAL B 41 3.50 -16.91 36.44
C VAL B 41 2.29 -16.12 35.95
N ILE B 42 1.99 -14.99 36.60
CA ILE B 42 0.86 -14.17 36.18
C ILE B 42 1.12 -13.51 34.82
N MET B 43 2.37 -13.12 34.53
CA MET B 43 2.67 -12.55 33.23
C MET B 43 2.58 -13.59 32.11
N ALA B 44 3.06 -14.81 32.37
CA ALA B 44 2.93 -15.88 31.39
C ALA B 44 1.47 -16.27 31.18
N THR B 45 0.66 -16.22 32.25
CA THR B 45 -0.77 -16.50 32.13
C THR B 45 -1.49 -15.41 31.36
N VAL B 46 -1.05 -14.15 31.49
CA VAL B 46 -1.65 -13.06 30.72
C VAL B 46 -1.36 -13.22 29.22
N VAL B 47 -0.11 -13.56 28.90
CA VAL B 47 0.29 -13.77 27.50
C VAL B 47 -0.49 -14.95 26.89
N THR B 48 -0.58 -16.06 27.63
CA THR B 48 -1.30 -17.21 27.09
C THR B 48 -2.82 -17.04 27.10
N THR B 49 -3.37 -16.20 27.97
CA THR B 49 -4.80 -15.94 27.96
C THR B 49 -5.19 -15.05 26.78
N ILE B 50 -4.36 -14.05 26.48
CA ILE B 50 -4.60 -13.20 25.31
C ILE B 50 -4.45 -14.02 24.03
N THR B 51 -3.45 -14.91 23.98
CA THR B 51 -3.29 -15.76 22.79
C THR B 51 -4.39 -16.81 22.69
N GLY B 52 -4.93 -17.27 23.82
CA GLY B 52 -6.06 -18.18 23.77
C GLY B 52 -7.33 -17.51 23.31
N CYS B 53 -7.53 -16.25 23.68
CA CYS B 53 -8.67 -15.50 23.16
C CYS B 53 -8.52 -15.20 21.67
N SER B 54 -7.29 -14.99 21.20
CA SER B 54 -7.09 -14.81 19.76
C SER B 54 -7.31 -16.10 18.98
N THR B 55 -6.85 -17.22 19.52
CA THR B 55 -7.11 -18.52 18.90
C THR B 55 -8.59 -18.86 18.89
N SER B 56 -9.32 -18.48 19.95
CA SER B 56 -10.75 -18.70 19.98
C SER B 56 -11.50 -17.72 19.08
N ALA B 57 -10.92 -16.56 18.77
CA ALA B 57 -11.50 -15.70 17.75
C ALA B 57 -11.31 -16.30 16.37
N ILE B 58 -10.17 -16.95 16.15
CA ILE B 58 -9.93 -17.60 14.86
C ILE B 58 -10.83 -18.81 14.69
N ALA B 59 -10.99 -19.60 15.75
CA ALA B 59 -11.71 -20.87 15.66
C ALA B 59 -13.21 -20.71 15.55
N THR B 60 -13.75 -19.52 15.84
CA THR B 60 -15.18 -19.27 15.71
C THR B 60 -15.51 -18.45 14.47
N ASN B 61 -14.66 -18.47 13.46
CA ASN B 61 -14.89 -17.75 12.21
C ASN B 61 -15.53 -18.66 11.17
N GLY B 62 -16.61 -19.33 11.56
CA GLY B 62 -17.16 -20.38 10.71
C GLY B 62 -16.18 -21.53 10.58
N PHE B 63 -16.23 -22.19 9.41
CA PHE B 63 -15.22 -23.15 8.94
C PHE B 63 -15.06 -24.34 9.89
N VAL B 64 -16.13 -25.11 10.05
CA VAL B 64 -16.10 -26.25 10.97
C VAL B 64 -15.25 -27.38 10.41
N ARG B 65 -15.66 -27.92 9.27
CA ARG B 65 -15.11 -29.17 8.78
C ARG B 65 -13.78 -28.94 8.06
N GLY B 66 -12.98 -30.01 7.99
CA GLY B 66 -11.66 -29.93 7.40
C GLY B 66 -10.70 -29.11 8.25
N GLY B 67 -10.33 -29.62 9.41
CA GLY B 67 -9.62 -28.84 10.40
C GLY B 67 -8.12 -29.03 10.40
N GLY B 68 -7.49 -28.51 11.45
CA GLY B 68 -6.05 -28.44 11.59
C GLY B 68 -5.68 -27.16 12.31
N ALA B 69 -4.39 -26.88 12.44
CA ALA B 69 -3.95 -25.63 13.05
C ALA B 69 -3.48 -24.61 12.02
N TYR B 70 -2.78 -25.07 10.98
CA TYR B 70 -2.44 -24.19 9.87
C TYR B 70 -3.67 -23.80 9.06
N TYR B 71 -4.63 -24.71 8.94
CA TYR B 71 -5.80 -24.50 8.09
C TYR B 71 -6.66 -23.34 8.57
N LEU B 72 -6.94 -23.30 9.88
CA LEU B 72 -7.79 -22.26 10.45
C LEU B 72 -7.17 -20.88 10.32
N ILE B 73 -5.87 -20.78 10.62
CA ILE B 73 -5.17 -19.49 10.52
C ILE B 73 -5.06 -19.06 9.07
N SER B 74 -4.70 -19.97 8.17
CA SER B 74 -4.50 -19.60 6.77
C SER B 74 -5.81 -19.32 6.06
N ARG B 75 -6.92 -19.84 6.55
CA ARG B 75 -8.20 -19.65 5.88
C ARG B 75 -8.99 -18.47 6.44
N SER B 76 -8.89 -18.19 7.74
CA SER B 76 -9.53 -16.99 8.27
C SER B 76 -8.73 -15.76 7.89
N LEU B 77 -7.42 -15.81 8.09
CA LEU B 77 -6.50 -14.74 7.74
C LEU B 77 -5.95 -15.01 6.34
N GLY B 78 -4.90 -14.32 5.96
CA GLY B 78 -4.34 -14.50 4.64
C GLY B 78 -3.25 -15.55 4.62
N PRO B 79 -2.66 -15.79 3.44
CA PRO B 79 -1.51 -16.69 3.37
C PRO B 79 -0.21 -16.07 3.85
N GLU B 80 -0.11 -14.74 3.86
CA GLU B 80 1.13 -14.09 4.26
C GLU B 80 1.38 -14.23 5.74
N PHE B 81 0.33 -14.12 6.55
CA PHE B 81 0.47 -14.35 7.98
C PHE B 81 0.53 -15.84 8.27
N GLY B 82 -0.28 -16.62 7.56
CA GLY B 82 -0.41 -18.04 7.88
C GLY B 82 0.83 -18.84 7.56
N GLY B 83 1.53 -18.50 6.48
CA GLY B 83 2.77 -19.19 6.15
C GLY B 83 3.87 -18.93 7.16
N SER B 84 4.00 -17.68 7.61
CA SER B 84 5.02 -17.35 8.60
C SER B 84 4.70 -17.95 9.96
N ILE B 85 3.42 -17.94 10.36
CA ILE B 85 3.03 -18.58 11.61
C ILE B 85 3.25 -20.08 11.55
N GLY B 86 2.96 -20.71 10.40
CA GLY B 86 3.20 -22.13 10.25
C GLY B 86 4.67 -22.50 10.31
N LEU B 87 5.53 -21.70 9.67
CA LEU B 87 6.96 -21.98 9.69
C LEU B 87 7.57 -21.76 11.07
N ILE B 88 7.23 -20.65 11.73
CA ILE B 88 7.78 -20.37 13.06
C ILE B 88 7.25 -21.35 14.10
N PHE B 89 5.99 -21.76 13.97
CA PHE B 89 5.42 -22.72 14.92
C PHE B 89 5.97 -24.12 14.72
N ALA B 90 6.22 -24.51 13.46
CA ALA B 90 6.87 -25.78 13.18
C ALA B 90 8.29 -25.81 13.74
N PHE B 91 9.04 -24.73 13.56
CA PHE B 91 10.40 -24.69 14.09
C PHE B 91 10.42 -24.65 15.61
N ALA B 92 9.42 -24.00 16.21
CA ALA B 92 9.35 -23.91 17.66
C ALA B 92 9.04 -25.26 18.29
N ASN B 93 8.13 -26.03 17.70
CA ASN B 93 7.88 -27.37 18.24
C ASN B 93 9.04 -28.32 17.97
N ALA B 94 9.71 -28.15 16.82
CA ALA B 94 10.87 -28.99 16.51
C ALA B 94 12.01 -28.76 17.49
N VAL B 95 12.23 -27.51 17.89
CA VAL B 95 13.27 -27.28 18.89
C VAL B 95 12.78 -27.59 20.31
N ALA B 96 11.46 -27.59 20.53
CA ALA B 96 10.93 -27.90 21.87
C ALA B 96 11.06 -29.37 22.22
N VAL B 97 10.97 -30.25 21.21
CA VAL B 97 11.25 -31.68 21.38
C VAL B 97 12.57 -31.92 22.10
N ALA B 98 13.60 -31.16 21.71
CA ALA B 98 14.92 -31.28 22.30
C ALA B 98 14.94 -30.86 23.75
N MET B 99 14.18 -29.81 24.11
CA MET B 99 14.14 -29.35 25.50
C MET B 99 13.48 -30.40 26.39
N TYR B 100 12.39 -31.00 25.91
CA TYR B 100 11.69 -31.99 26.72
C TYR B 100 12.52 -33.26 26.89
N VAL B 101 13.17 -33.73 25.84
CA VAL B 101 14.00 -34.92 25.99
C VAL B 101 15.30 -34.64 26.74
N VAL B 102 15.79 -33.39 26.73
CA VAL B 102 16.97 -33.06 27.52
C VAL B 102 16.62 -33.06 29.00
N GLY B 103 15.42 -32.57 29.35
CA GLY B 103 14.97 -32.67 30.73
C GLY B 103 14.78 -34.11 31.20
N PHE B 104 14.21 -34.96 30.32
CA PHE B 104 14.09 -36.39 30.61
C PHE B 104 15.46 -37.03 30.83
N ALA B 105 16.42 -36.73 29.95
CA ALA B 105 17.74 -37.32 30.04
C ALA B 105 18.49 -36.85 31.28
N GLU B 106 18.30 -35.58 31.67
CA GLU B 106 18.93 -35.07 32.87
C GLU B 106 18.37 -35.73 34.13
N THR B 107 17.05 -35.98 34.15
CA THR B 107 16.45 -36.72 35.26
C THR B 107 17.00 -38.14 35.35
N VAL B 108 17.11 -38.83 34.21
CA VAL B 108 17.63 -40.19 34.20
C VAL B 108 19.11 -40.23 34.59
N VAL B 109 19.88 -39.20 34.20
CA VAL B 109 21.29 -39.12 34.54
C VAL B 109 21.48 -38.89 36.04
N GLU B 110 20.66 -38.02 36.64
CA GLU B 110 20.78 -37.80 38.08
C GLU B 110 20.31 -39.01 38.88
N LEU B 111 19.28 -39.72 38.41
CA LEU B 111 18.90 -40.97 39.06
C LEU B 111 19.96 -42.04 38.88
N LEU B 112 20.74 -41.98 37.80
CA LEU B 112 21.80 -42.96 37.59
C LEU B 112 22.99 -42.65 38.48
N MET B 113 23.34 -41.37 38.63
CA MET B 113 24.45 -40.97 39.49
C MET B 113 24.12 -41.08 40.96
N ASP B 114 22.83 -41.14 41.32
CA ASP B 114 22.50 -41.51 42.69
C ASP B 114 22.85 -42.96 42.99
N SER B 115 22.87 -43.81 41.97
CA SER B 115 23.45 -45.13 42.06
C SER B 115 24.91 -45.06 41.62
N GLY B 116 25.54 -46.19 41.36
CA GLY B 116 26.92 -46.18 40.92
C GLY B 116 27.15 -46.19 39.44
N LEU B 117 26.08 -46.18 38.63
CA LEU B 117 26.22 -46.28 37.18
C LEU B 117 26.63 -44.92 36.62
N LEU B 118 27.82 -44.85 36.02
CA LEU B 118 28.32 -43.60 35.46
C LEU B 118 29.30 -43.97 34.35
N MET B 119 28.87 -43.80 33.10
CA MET B 119 29.70 -44.22 31.96
C MET B 119 30.74 -43.16 31.61
N ILE B 120 30.28 -41.97 31.24
CA ILE B 120 31.13 -40.85 30.85
C ILE B 120 30.76 -39.74 31.84
N ASP B 121 31.29 -38.52 31.63
CA ASP B 121 30.93 -37.37 32.44
C ASP B 121 29.44 -37.04 32.33
N GLN B 122 29.00 -36.11 33.18
CA GLN B 122 27.58 -35.83 33.33
C GLN B 122 26.99 -35.19 32.08
N THR B 123 27.71 -34.28 31.44
CA THR B 123 27.20 -33.60 30.26
C THR B 123 27.26 -34.44 28.99
N ASN B 124 27.90 -35.59 29.01
CA ASN B 124 27.92 -36.49 27.86
C ASN B 124 26.93 -37.63 28.00
N ASP B 125 26.62 -38.02 29.24
CA ASP B 125 25.57 -39.01 29.48
C ASP B 125 24.21 -38.46 29.08
N ILE B 126 23.99 -37.14 29.23
CA ILE B 126 22.77 -36.53 28.75
C ILE B 126 22.68 -36.60 27.24
N ARG B 127 23.79 -36.40 26.53
CA ARG B 127 23.77 -36.53 25.07
C ARG B 127 23.50 -37.97 24.64
N VAL B 128 24.09 -38.95 25.34
CA VAL B 128 23.88 -40.35 24.97
C VAL B 128 22.44 -40.78 25.22
N ILE B 129 21.93 -40.52 26.43
CA ILE B 129 20.57 -40.92 26.78
C ILE B 129 19.54 -40.11 26.01
N GLY B 130 19.81 -38.84 25.72
CA GLY B 130 18.90 -38.05 24.91
C GLY B 130 18.85 -38.50 23.46
N THR B 131 19.99 -38.90 22.90
CA THR B 131 20.01 -39.46 21.56
C THR B 131 19.23 -40.77 21.49
N ILE B 132 19.44 -41.65 22.48
CA ILE B 132 18.73 -42.92 22.52
C ILE B 132 17.22 -42.70 22.69
N THR B 133 16.81 -41.68 23.45
CA THR B 133 15.38 -41.50 23.60
C THR B 133 14.74 -40.65 22.51
N VAL B 134 15.52 -40.00 21.64
CA VAL B 134 14.87 -39.34 20.50
C VAL B 134 14.80 -40.29 19.31
N ILE B 135 15.72 -41.26 19.19
CA ILE B 135 15.54 -42.26 18.13
C ILE B 135 14.48 -43.29 18.51
N LEU B 136 13.96 -43.26 19.73
CA LEU B 136 12.89 -44.16 20.15
C LEU B 136 11.53 -43.49 20.11
N LEU B 137 11.46 -42.18 20.35
CA LEU B 137 10.21 -41.45 20.18
C LEU B 137 9.80 -41.36 18.72
N LEU B 138 10.79 -41.31 17.82
CA LEU B 138 10.51 -41.24 16.38
C LEU B 138 9.86 -42.53 15.89
N GLY B 139 10.31 -43.68 16.39
CA GLY B 139 9.69 -44.94 16.03
C GLY B 139 8.27 -45.08 16.55
N ILE B 140 7.99 -44.52 17.73
CA ILE B 140 6.63 -44.48 18.24
C ILE B 140 5.76 -43.56 17.40
N SER B 141 6.33 -42.46 16.92
CA SER B 141 5.57 -41.51 16.10
C SER B 141 5.25 -42.07 14.73
N VAL B 142 6.16 -42.84 14.13
CA VAL B 142 5.93 -43.37 12.79
C VAL B 142 5.40 -44.80 12.80
N ALA B 143 5.25 -45.41 13.96
CA ALA B 143 4.77 -46.79 13.96
C ALA B 143 3.72 -47.11 15.01
N GLY B 144 3.50 -46.27 16.02
CA GLY B 144 2.62 -46.65 17.12
C GLY B 144 1.64 -45.58 17.55
N MET B 145 1.14 -44.81 16.59
CA MET B 145 0.27 -43.68 16.88
C MET B 145 -1.15 -44.08 17.31
N GLU B 146 -1.51 -45.36 17.17
CA GLU B 146 -2.86 -45.78 17.55
C GLU B 146 -3.01 -45.87 19.06
N TRP B 147 -2.01 -46.42 19.76
CA TRP B 147 -2.11 -46.62 21.20
C TRP B 147 -1.99 -45.31 21.98
N GLU B 148 -1.38 -44.29 21.36
CA GLU B 148 -1.13 -43.02 22.03
C GLU B 148 -2.42 -42.28 22.34
N ALA B 149 -3.48 -42.50 21.55
CA ALA B 149 -4.75 -41.86 21.83
C ALA B 149 -5.45 -42.48 23.05
N LYS B 150 -5.10 -43.71 23.41
CA LYS B 150 -5.62 -44.30 24.63
C LYS B 150 -4.71 -44.08 25.83
N ALA B 151 -3.41 -43.91 25.58
CA ALA B 151 -2.45 -43.78 26.67
C ALA B 151 -2.49 -42.42 27.36
N GLN B 152 -3.19 -41.44 26.81
CA GLN B 152 -3.04 -40.08 27.33
C GLN B 152 -3.81 -39.86 28.63
N ILE B 153 -4.93 -40.56 28.84
CA ILE B 153 -5.61 -40.44 30.12
C ILE B 153 -4.84 -41.18 31.20
N PHE B 154 -4.06 -42.20 30.82
CA PHE B 154 -3.20 -42.89 31.77
C PHE B 154 -2.01 -42.01 32.16
N LEU B 155 -1.46 -41.30 31.19
CA LEU B 155 -0.40 -40.33 31.47
C LEU B 155 -0.90 -39.22 32.38
N LEU B 156 -2.13 -38.75 32.15
CA LEU B 156 -2.68 -37.67 32.96
C LEU B 156 -2.98 -38.13 34.39
N VAL B 157 -3.45 -39.36 34.57
CA VAL B 157 -3.68 -39.80 35.95
C VAL B 157 -2.40 -40.20 36.65
N ILE B 158 -1.32 -40.47 35.92
CA ILE B 158 -0.01 -40.59 36.57
C ILE B 158 0.46 -39.21 37.03
N LEU B 159 0.32 -38.21 36.17
CA LEU B 159 0.83 -36.87 36.45
C LEU B 159 0.10 -36.19 37.59
N ILE B 160 -1.23 -36.36 37.66
CA ILE B 160 -1.99 -35.70 38.71
C ILE B 160 -1.73 -36.36 40.07
N THR B 161 -1.51 -37.68 40.09
CA THR B 161 -1.11 -38.32 41.34
C THR B 161 0.29 -37.94 41.77
N ALA B 162 1.18 -37.63 40.81
CA ALA B 162 2.48 -37.08 41.16
C ALA B 162 2.36 -35.71 41.82
N ILE B 163 1.51 -34.84 41.27
CA ILE B 163 1.29 -33.52 41.85
C ILE B 163 0.66 -33.63 43.24
N PHE B 164 -0.29 -34.54 43.41
CA PHE B 164 -0.93 -34.70 44.71
C PHE B 164 0.01 -35.34 45.73
N ASN B 165 0.91 -36.21 45.26
CA ASN B 165 1.95 -36.77 46.12
C ASN B 165 2.88 -35.69 46.64
N TYR B 166 3.26 -34.74 45.78
CA TYR B 166 4.11 -33.66 46.25
C TYR B 166 3.36 -32.75 47.22
N PHE B 167 2.09 -32.45 46.92
CA PHE B 167 1.35 -31.50 47.75
C PHE B 167 0.94 -32.08 49.10
N ILE B 168 0.74 -33.39 49.22
CA ILE B 168 0.50 -33.96 50.54
C ILE B 168 1.79 -34.38 51.22
N GLY B 169 2.89 -34.49 50.49
CA GLY B 169 4.16 -34.73 51.15
C GLY B 169 4.77 -33.53 51.81
N SER B 170 4.31 -32.33 51.44
CA SER B 170 4.80 -31.10 52.06
C SER B 170 4.32 -30.96 53.49
N PHE B 171 3.21 -31.58 53.83
CA PHE B 171 2.57 -31.40 55.13
C PHE B 171 3.11 -32.34 56.18
N ILE B 172 4.00 -33.25 55.81
CA ILE B 172 4.52 -34.27 56.71
C ILE B 172 5.94 -33.86 57.09
N ALA B 173 6.11 -33.39 58.32
CA ALA B 173 7.43 -33.00 58.81
C ALA B 173 8.21 -34.25 59.20
N VAL B 174 9.19 -34.62 58.38
CA VAL B 174 10.09 -35.73 58.67
C VAL B 174 11.42 -35.14 59.09
N ASP B 175 12.02 -35.71 60.15
CA ASP B 175 13.33 -35.25 60.60
C ASP B 175 14.45 -35.80 59.74
N SER B 176 14.20 -36.84 58.95
CA SER B 176 15.21 -37.33 58.03
C SER B 176 15.28 -36.49 56.76
N LYS B 177 14.18 -35.83 56.38
CA LYS B 177 14.19 -34.96 55.22
C LYS B 177 14.78 -33.60 55.51
N LYS B 178 14.92 -33.25 56.78
CA LYS B 178 15.85 -32.20 57.17
C LYS B 178 17.26 -32.61 56.78
N LYS B 179 18.14 -31.60 56.65
CA LYS B 179 19.51 -31.57 56.11
C LYS B 179 19.54 -31.63 54.59
N PHE B 180 18.42 -31.84 53.92
CA PHE B 180 18.28 -31.44 52.52
C PHE B 180 17.31 -30.28 52.38
N GLY B 181 17.37 -29.33 53.29
CA GLY B 181 16.31 -28.36 53.38
C GLY B 181 15.08 -29.03 53.94
N PHE B 182 13.91 -28.54 53.50
CA PHE B 182 12.60 -29.08 53.82
C PHE B 182 12.31 -29.21 55.32
N PHE B 183 12.08 -28.09 55.96
CA PHE B 183 11.36 -28.10 57.22
C PHE B 183 9.86 -28.09 56.88
N SER B 184 9.00 -27.93 57.87
CA SER B 184 7.57 -27.92 57.61
C SER B 184 7.16 -26.56 57.04
N TYR B 185 5.85 -26.32 56.93
CA TYR B 185 5.39 -24.98 56.59
C TYR B 185 5.67 -24.05 57.75
N ASP B 186 6.56 -23.08 57.53
CA ASP B 186 7.04 -22.21 58.57
C ASP B 186 6.89 -20.76 58.13
N ALA B 187 6.83 -19.86 59.11
CA ALA B 187 6.75 -18.44 58.78
C ALA B 187 8.13 -17.83 58.56
N GLY B 188 9.16 -18.41 59.17
CA GLY B 188 10.50 -17.88 58.96
C GLY B 188 11.02 -18.18 57.57
N ILE B 189 10.74 -19.37 57.06
CA ILE B 189 11.15 -19.72 55.71
C ILE B 189 10.29 -18.99 54.69
N LEU B 190 9.05 -18.65 55.04
CA LEU B 190 8.21 -17.86 54.15
C LEU B 190 8.69 -16.42 54.07
N ALA B 191 9.12 -15.85 55.19
CA ALA B 191 9.65 -14.49 55.16
C ALA B 191 11.04 -14.43 54.57
N GLU B 192 11.83 -15.49 54.72
CA GLU B 192 13.18 -15.50 54.17
C GLU B 192 13.18 -15.59 52.65
N ASN B 193 12.25 -16.35 52.08
CA ASN B 193 12.19 -16.54 50.64
C ASN B 193 11.33 -15.49 49.94
N PHE B 194 10.70 -14.60 50.67
CA PHE B 194 9.97 -13.48 50.08
C PHE B 194 10.97 -12.40 49.73
N GLY B 195 11.48 -12.44 48.51
CA GLY B 195 12.49 -11.51 48.08
C GLY B 195 13.59 -12.20 47.30
N PRO B 196 14.08 -11.56 46.26
CA PRO B 196 14.97 -12.24 45.31
C PRO B 196 16.36 -12.43 45.88
N ASP B 197 17.07 -13.40 45.31
CA ASP B 197 18.49 -13.57 45.57
C ASP B 197 19.32 -13.43 44.31
N PHE B 198 18.92 -14.09 43.22
CA PHE B 198 19.46 -13.90 41.87
C PHE B 198 20.96 -14.20 41.82
N ARG B 199 21.28 -15.45 42.09
CA ARG B 199 22.66 -15.89 42.26
C ARG B 199 23.24 -16.37 40.93
N GLY B 200 23.39 -15.42 40.01
CA GLY B 200 23.93 -15.69 38.70
C GLY B 200 22.96 -15.44 37.57
N GLN B 201 21.74 -15.04 37.86
CA GLN B 201 20.68 -14.81 36.88
C GLN B 201 20.16 -13.39 37.06
N THR B 202 19.18 -13.04 36.23
CA THR B 202 18.41 -11.80 36.38
C THR B 202 16.94 -12.13 36.22
N PHE B 203 16.09 -11.19 36.58
CA PHE B 203 14.74 -11.18 36.04
C PHE B 203 14.81 -11.04 34.53
N PHE B 204 13.89 -11.72 33.84
CA PHE B 204 13.82 -12.02 32.40
C PHE B 204 14.90 -13.00 31.95
N SER B 205 15.79 -13.43 32.83
CA SER B 205 16.57 -14.63 32.62
C SER B 205 16.00 -15.82 33.37
N VAL B 206 15.22 -15.55 34.41
CA VAL B 206 14.43 -16.58 35.08
C VAL B 206 13.06 -16.71 34.43
N PHE B 207 12.54 -15.62 33.87
CA PHE B 207 11.26 -15.68 33.17
C PHE B 207 11.39 -16.47 31.87
N SER B 208 12.51 -16.33 31.17
CA SER B 208 12.74 -17.02 29.91
C SER B 208 12.90 -18.52 30.09
N ILE B 209 13.24 -18.97 31.28
CA ILE B 209 13.25 -20.39 31.59
C ILE B 209 11.87 -20.88 32.04
N PHE B 210 11.07 -20.01 32.68
CA PHE B 210 9.73 -20.42 33.06
C PHE B 210 8.81 -20.53 31.85
N PHE B 211 8.87 -19.56 30.94
CA PHE B 211 7.88 -19.45 29.88
C PHE B 211 7.71 -20.65 28.96
N PRO B 212 8.70 -21.54 28.73
CA PRO B 212 8.36 -22.82 28.10
C PRO B 212 7.41 -23.70 28.88
N ALA B 213 7.22 -23.47 30.18
CA ALA B 213 6.22 -24.23 30.93
C ALA B 213 4.81 -23.69 30.77
N ALA B 214 4.65 -22.52 30.18
CA ALA B 214 3.33 -21.98 29.92
C ALA B 214 2.89 -22.16 28.46
N THR B 215 3.80 -22.58 27.59
CA THR B 215 3.47 -22.82 26.20
C THR B 215 2.82 -24.19 26.05
N GLY B 216 2.36 -24.49 24.84
CA GLY B 216 1.64 -25.70 24.58
C GLY B 216 0.15 -25.56 24.48
N ILE B 217 -0.36 -24.33 24.39
CA ILE B 217 -1.81 -24.10 24.41
C ILE B 217 -2.47 -24.35 23.08
N LEU B 218 -1.71 -24.50 22.00
CA LEU B 218 -2.27 -24.78 20.68
C LEU B 218 -2.31 -26.26 20.36
N ALA B 219 -2.43 -27.11 21.37
CA ALA B 219 -2.56 -28.54 21.16
C ALA B 219 -4.01 -28.98 21.02
N GLY B 220 -4.96 -28.12 21.36
CA GLY B 220 -6.36 -28.41 21.16
C GLY B 220 -6.81 -27.91 19.80
N ALA B 221 -6.30 -26.74 19.40
CA ALA B 221 -6.60 -26.22 18.08
C ALA B 221 -5.86 -26.96 16.97
N ASN B 222 -4.86 -27.77 17.32
CA ASN B 222 -4.11 -28.51 16.32
C ASN B 222 -4.83 -29.76 15.84
N ILE B 223 -5.91 -30.16 16.51
CA ILE B 223 -6.80 -31.20 16.02
C ILE B 223 -8.22 -30.62 15.96
N SER B 224 -8.60 -30.12 14.79
CA SER B 224 -9.94 -29.63 14.58
C SER B 224 -10.73 -30.47 13.60
N GLY B 225 -10.05 -31.29 12.80
CA GLY B 225 -10.71 -32.25 11.97
C GLY B 225 -11.03 -33.54 12.67
N ASP B 226 -10.53 -33.72 13.89
CA ASP B 226 -10.87 -34.85 14.73
C ASP B 226 -11.73 -34.44 15.91
N LEU B 227 -12.34 -33.26 15.85
CA LEU B 227 -13.13 -32.75 16.95
C LEU B 227 -14.61 -32.79 16.58
N ALA B 228 -15.46 -32.86 17.60
CA ALA B 228 -16.90 -32.95 17.36
C ALA B 228 -17.47 -31.60 16.91
N ASP B 229 -17.36 -30.59 17.78
CA ASP B 229 -17.83 -29.25 17.49
C ASP B 229 -16.75 -28.27 17.92
N PRO B 230 -15.91 -27.81 16.98
CA PRO B 230 -14.72 -27.06 17.37
C PRO B 230 -15.01 -25.69 17.97
N GLN B 231 -16.09 -25.03 17.55
CA GLN B 231 -16.38 -23.68 18.03
C GLN B 231 -16.88 -23.66 19.48
N MET B 232 -17.19 -24.81 20.05
CA MET B 232 -17.42 -24.95 21.48
C MET B 232 -16.23 -25.57 22.18
N ALA B 233 -15.53 -26.49 21.49
CA ALA B 233 -14.51 -27.30 22.16
C ALA B 233 -13.21 -26.55 22.36
N ILE B 234 -12.84 -25.68 21.42
CA ILE B 234 -11.51 -25.06 21.50
C ILE B 234 -11.43 -23.95 22.56
N PRO B 235 -12.34 -22.96 22.64
CA PRO B 235 -12.18 -21.96 23.72
C PRO B 235 -12.38 -22.50 25.12
N LYS B 236 -13.36 -23.38 25.31
CA LYS B 236 -13.65 -23.96 26.61
C LYS B 236 -12.46 -24.71 27.17
N GLY B 237 -11.96 -25.68 26.40
CA GLY B 237 -10.84 -26.48 26.86
C GLY B 237 -9.54 -25.71 26.98
N THR B 238 -9.26 -24.82 26.02
CA THR B 238 -8.03 -24.04 26.05
C THR B 238 -7.99 -23.10 27.25
N LEU B 239 -9.07 -22.33 27.44
CA LEU B 239 -9.07 -21.33 28.47
C LEU B 239 -9.40 -21.90 29.84
N LEU B 240 -9.76 -23.18 29.93
CA LEU B 240 -9.80 -23.82 31.24
C LEU B 240 -8.48 -24.49 31.59
N ALA B 241 -7.80 -25.08 30.59
CA ALA B 241 -6.50 -25.70 30.83
C ALA B 241 -5.46 -24.67 31.24
N ILE B 242 -5.52 -23.47 30.65
CA ILE B 242 -4.59 -22.41 31.01
C ILE B 242 -4.78 -22.00 32.47
N LEU B 243 -6.02 -21.88 32.93
CA LEU B 243 -6.29 -21.48 34.30
C LEU B 243 -5.88 -22.57 35.29
N ILE B 244 -6.17 -23.84 34.97
CA ILE B 244 -5.82 -24.95 35.86
C ILE B 244 -4.30 -25.05 36.02
N THR B 245 -3.57 -25.01 34.90
CA THR B 245 -2.12 -25.15 34.96
C THR B 245 -1.44 -23.95 35.62
N GLY B 246 -1.96 -22.74 35.37
CA GLY B 246 -1.37 -21.57 36.02
C GLY B 246 -1.62 -21.55 37.52
N LEU B 247 -2.79 -22.01 37.95
CA LEU B 247 -3.08 -22.07 39.38
C LEU B 247 -2.22 -23.13 40.06
N VAL B 248 -1.95 -24.24 39.37
CA VAL B 248 -1.07 -25.26 39.94
C VAL B 248 0.36 -24.75 40.02
N TYR B 249 0.80 -23.95 39.04
CA TYR B 249 2.15 -23.38 39.07
C TYR B 249 2.31 -22.40 40.23
N VAL B 250 1.29 -21.54 40.45
CA VAL B 250 1.29 -20.62 41.58
C VAL B 250 1.32 -21.38 42.91
N GLY B 251 0.55 -22.48 42.99
CA GLY B 251 0.52 -23.27 44.22
C GLY B 251 1.84 -23.96 44.50
N VAL B 252 2.50 -24.49 43.48
CA VAL B 252 3.81 -25.13 43.64
C VAL B 252 4.85 -24.11 44.06
N ALA B 253 4.81 -22.91 43.48
CA ALA B 253 5.80 -21.87 43.83
C ALA B 253 5.62 -21.41 45.28
N ILE B 254 4.37 -21.15 45.69
CA ILE B 254 4.12 -20.67 47.04
C ILE B 254 4.41 -21.77 48.07
N SER B 255 4.11 -23.02 47.74
CA SER B 255 4.34 -24.11 48.69
C SER B 255 5.82 -24.45 48.80
N ALA B 256 6.56 -24.43 47.69
CA ALA B 256 7.98 -24.73 47.74
C ALA B 256 8.76 -23.59 48.37
N GLY B 257 8.27 -22.36 48.26
CA GLY B 257 9.00 -21.25 48.85
C GLY B 257 8.87 -21.17 50.35
N ALA B 258 7.85 -21.81 50.94
CA ALA B 258 7.56 -21.65 52.35
C ALA B 258 7.83 -22.89 53.17
N CYS B 259 8.59 -23.85 52.63
CA CYS B 259 9.01 -24.99 53.44
C CYS B 259 10.46 -25.41 53.24
N ILE B 260 11.15 -24.95 52.21
CA ILE B 260 12.53 -25.32 51.93
C ILE B 260 13.40 -24.07 51.99
N VAL B 261 14.56 -24.18 52.62
CA VAL B 261 15.51 -23.08 52.69
C VAL B 261 16.31 -23.07 51.39
N ARG B 262 17.01 -21.97 51.12
CA ARG B 262 17.70 -21.84 49.83
C ARG B 262 18.95 -22.70 49.75
N ASP B 263 19.67 -22.85 50.86
CA ASP B 263 20.93 -23.58 50.85
C ASP B 263 20.96 -24.51 52.06
N ALA B 264 21.61 -25.65 51.90
CA ALA B 264 21.63 -26.67 52.95
C ALA B 264 22.76 -27.65 52.71
N THR B 265 23.57 -27.89 53.74
CA THR B 265 24.54 -28.96 53.70
C THR B 265 23.87 -30.28 54.03
N GLY B 266 24.26 -31.33 53.32
CA GLY B 266 23.62 -32.63 53.52
C GLY B 266 24.13 -33.44 54.69
N ILE B 267 24.44 -32.78 55.81
CA ILE B 267 24.96 -33.42 57.01
C ILE B 267 23.99 -33.10 58.15
N GLU B 268 23.61 -34.12 58.90
CA GLU B 268 22.74 -33.89 60.05
C GLU B 268 23.53 -33.29 61.20
N SER B 269 22.79 -32.68 62.13
CA SER B 269 23.38 -32.07 63.31
C SER B 269 22.69 -32.60 64.55
N ASN B 270 23.48 -32.86 65.60
CA ASN B 270 22.95 -33.43 66.83
C ASN B 270 22.12 -32.43 67.63
N PHE B 271 22.28 -31.14 67.39
CA PHE B 271 21.57 -30.13 68.14
C PHE B 271 20.11 -30.06 67.72
N THR B 272 19.29 -29.49 68.61
CA THR B 272 17.89 -29.20 68.31
C THR B 272 17.58 -27.71 68.31
N LEU B 273 18.34 -26.92 69.07
CA LEU B 273 18.30 -25.46 68.99
C LEU B 273 19.71 -24.97 68.80
N ILE B 274 19.94 -24.18 67.74
CA ILE B 274 21.29 -23.68 67.46
C ILE B 274 21.68 -22.63 68.49
N SER B 275 22.99 -22.41 68.61
CA SER B 275 23.50 -21.36 69.48
C SER B 275 23.10 -20.00 68.94
N ASN B 276 22.66 -19.12 69.84
CA ASN B 276 21.96 -17.88 69.46
C ASN B 276 22.97 -16.86 68.94
N CYS B 277 23.46 -17.11 67.74
CA CYS B 277 24.35 -16.19 67.06
C CYS B 277 24.06 -16.06 65.57
N THR B 278 23.08 -16.79 65.04
CA THR B 278 22.83 -16.81 63.60
C THR B 278 21.54 -16.09 63.23
N ASP B 279 20.41 -16.54 63.78
CA ASP B 279 19.06 -16.03 63.47
C ASP B 279 18.79 -16.04 61.96
N ALA B 280 18.88 -17.23 61.37
CA ALA B 280 18.63 -17.43 59.95
C ALA B 280 17.55 -18.48 59.74
N ALA B 281 16.51 -18.46 60.58
CA ALA B 281 15.25 -19.19 60.47
C ALA B 281 15.36 -20.70 60.59
N CYS B 282 16.57 -21.23 60.72
CA CYS B 282 16.78 -22.65 60.98
C CYS B 282 17.05 -22.81 62.48
N LYS B 283 15.99 -22.69 63.26
CA LYS B 283 16.03 -22.87 64.71
C LYS B 283 15.88 -24.33 65.11
N TYR B 284 15.79 -25.24 64.14
CA TYR B 284 15.73 -26.68 64.39
C TYR B 284 17.10 -27.31 64.55
N GLY B 285 18.13 -26.53 64.87
CA GLY B 285 19.43 -27.05 65.17
C GLY B 285 20.36 -27.23 63.99
N TYR B 286 20.07 -26.59 62.86
CA TYR B 286 20.87 -26.70 61.66
C TYR B 286 21.58 -25.38 61.38
N ASP B 287 22.90 -25.42 61.35
CA ASP B 287 23.72 -24.27 61.01
C ASP B 287 23.97 -24.34 59.52
N PHE B 288 23.14 -23.65 58.75
CA PHE B 288 23.18 -23.76 57.30
C PHE B 288 24.02 -22.65 56.67
N SER B 289 24.80 -21.94 57.49
CA SER B 289 25.85 -21.07 57.00
C SER B 289 27.05 -21.90 56.56
N SER B 290 28.07 -21.19 56.07
CA SER B 290 29.21 -21.75 55.32
C SER B 290 28.75 -22.51 54.07
N CYS B 291 27.60 -22.12 53.53
CA CYS B 291 27.20 -22.46 52.17
C CYS B 291 26.71 -21.27 51.38
N ARG B 292 26.39 -20.16 52.03
CA ARG B 292 26.14 -18.94 51.31
C ARG B 292 27.44 -18.46 50.65
N PRO B 293 27.39 -17.97 49.42
CA PRO B 293 28.62 -17.63 48.71
C PRO B 293 29.27 -16.38 49.29
N THR B 294 30.59 -16.34 49.17
CA THR B 294 31.38 -15.27 49.79
C THR B 294 31.23 -13.97 49.02
N VAL B 295 31.68 -13.96 47.77
CA VAL B 295 31.55 -12.79 46.91
C VAL B 295 30.17 -12.77 46.30
N GLU B 296 29.80 -11.65 45.67
CA GLU B 296 28.54 -11.54 44.95
C GLU B 296 28.73 -11.84 43.46
N GLY B 297 29.69 -12.68 43.14
CA GLY B 297 29.98 -13.02 41.76
C GLY B 297 30.27 -14.49 41.55
N GLU B 298 29.66 -15.35 42.37
CA GLU B 298 29.85 -16.78 42.24
C GLU B 298 28.59 -17.50 42.69
N VAL B 299 28.52 -18.78 42.34
CA VAL B 299 27.45 -19.64 42.79
C VAL B 299 27.89 -20.32 44.09
N SER B 300 26.91 -20.84 44.84
CA SER B 300 27.21 -21.49 46.10
C SER B 300 27.83 -22.86 45.87
N SER B 301 28.81 -23.20 46.69
CA SER B 301 29.43 -24.52 46.66
C SER B 301 28.75 -25.47 47.63
N CYS B 302 27.43 -25.53 47.53
CA CYS B 302 26.60 -26.40 48.35
C CYS B 302 26.06 -27.51 47.46
N LYS B 303 25.18 -28.34 48.01
CA LYS B 303 24.64 -29.43 47.22
C LYS B 303 23.13 -29.61 47.31
N PHE B 304 22.45 -28.96 48.26
CA PHE B 304 21.01 -29.12 48.42
C PHE B 304 20.39 -27.75 48.68
N GLY B 305 19.08 -27.74 48.90
CA GLY B 305 18.33 -26.50 49.02
C GLY B 305 17.58 -26.17 47.74
N LEU B 306 17.05 -24.96 47.70
CA LEU B 306 16.30 -24.53 46.53
C LEU B 306 17.21 -24.15 45.38
N HIS B 307 18.43 -23.70 45.67
CA HIS B 307 19.32 -23.20 44.64
C HIS B 307 20.06 -24.29 43.88
N ASN B 308 20.25 -25.46 44.47
CA ASN B 308 21.35 -26.31 44.04
C ASN B 308 20.93 -27.61 43.36
N ASP B 309 20.00 -28.38 43.92
CA ASP B 309 19.96 -29.80 43.59
C ASP B 309 18.97 -30.18 42.50
N PHE B 310 18.02 -29.30 42.15
CA PHE B 310 17.06 -29.44 41.04
C PHE B 310 16.05 -30.57 41.19
N GLN B 311 16.15 -31.38 42.24
CA GLN B 311 15.26 -32.52 42.44
C GLN B 311 14.67 -32.51 43.85
N VAL B 312 14.46 -31.33 44.42
CA VAL B 312 14.02 -31.25 45.79
C VAL B 312 12.55 -31.64 45.94
N MET B 313 11.77 -31.63 44.85
CA MET B 313 10.39 -32.11 44.94
C MET B 313 10.32 -33.62 45.14
N SER B 314 11.35 -34.37 44.74
CA SER B 314 11.42 -35.77 45.08
C SER B 314 11.75 -35.98 46.56
N VAL B 315 12.41 -35.01 47.19
CA VAL B 315 12.68 -35.09 48.62
C VAL B 315 11.44 -34.72 49.41
N VAL B 316 10.71 -33.70 48.97
CA VAL B 316 9.50 -33.26 49.68
C VAL B 316 8.39 -34.29 49.55
N SER B 317 8.35 -35.05 48.45
CA SER B 317 7.26 -35.96 48.16
C SER B 317 7.22 -37.14 49.14
N GLY B 318 6.00 -37.61 49.40
CA GLY B 318 5.82 -38.68 50.37
C GLY B 318 6.38 -40.01 49.89
N PHE B 319 6.16 -40.34 48.62
CA PHE B 319 6.78 -41.51 48.01
C PHE B 319 7.58 -41.04 46.81
N SER B 320 8.90 -41.08 46.92
CA SER B 320 9.77 -40.51 45.89
C SER B 320 9.81 -41.31 44.60
N PRO B 321 10.29 -42.57 44.57
CA PRO B 321 10.89 -43.08 43.33
C PRO B 321 9.92 -43.46 42.23
N LEU B 322 8.63 -43.57 42.52
CA LEU B 322 7.67 -44.04 41.54
C LEU B 322 6.59 -43.02 41.21
N ILE B 323 6.07 -42.31 42.21
CA ILE B 323 5.00 -41.36 41.92
C ILE B 323 5.59 -40.05 41.44
N SER B 324 6.51 -39.45 42.21
CA SER B 324 7.09 -38.17 41.82
C SER B 324 8.16 -38.29 40.75
N ALA B 325 8.43 -39.50 40.27
CA ALA B 325 9.15 -39.72 39.02
C ALA B 325 8.18 -39.97 37.89
N GLY B 326 7.03 -39.29 37.95
CA GLY B 326 6.12 -39.01 36.86
C GLY B 326 6.57 -37.89 35.96
N ILE B 327 7.80 -37.40 36.15
CA ILE B 327 8.48 -36.57 35.16
C ILE B 327 8.57 -37.29 33.83
N PHE B 328 8.71 -38.63 33.88
CA PHE B 328 8.71 -39.44 32.68
C PHE B 328 7.35 -39.40 31.99
N SER B 329 6.29 -39.13 32.74
CA SER B 329 4.99 -38.91 32.14
C SER B 329 4.84 -37.48 31.63
N ALA B 330 5.57 -36.54 32.22
CA ALA B 330 5.37 -35.13 31.87
C ALA B 330 6.19 -34.74 30.67
N THR B 331 7.45 -35.18 30.60
CA THR B 331 8.32 -34.82 29.49
C THR B 331 7.97 -35.61 28.24
N LEU B 332 7.97 -36.95 28.35
CA LEU B 332 7.83 -37.84 27.20
C LEU B 332 6.48 -37.73 26.51
N SER B 333 5.44 -37.28 27.22
CA SER B 333 4.20 -36.95 26.53
C SER B 333 4.38 -35.71 25.68
N SER B 334 4.89 -34.63 26.28
CA SER B 334 4.95 -33.33 25.62
C SER B 334 5.88 -33.36 24.42
N ALA B 335 7.04 -34.01 24.56
CA ALA B 335 7.95 -34.23 23.44
C ALA B 335 7.26 -34.98 22.32
N LEU B 336 6.49 -36.02 22.66
CA LEU B 336 5.75 -36.76 21.66
C LEU B 336 4.68 -35.88 21.04
N ALA B 337 4.05 -35.04 21.86
CA ALA B 337 3.06 -34.11 21.35
C ALA B 337 3.68 -33.00 20.52
N SER B 338 5.00 -32.82 20.58
CA SER B 338 5.67 -31.90 19.69
C SER B 338 6.43 -32.60 18.58
N LEU B 339 6.46 -33.95 18.60
CA LEU B 339 7.02 -34.66 17.47
C LEU B 339 5.98 -34.98 16.43
N VAL B 340 4.71 -35.09 16.83
CA VAL B 340 3.63 -35.33 15.90
C VAL B 340 3.04 -34.05 15.35
N SER B 341 3.46 -32.89 15.86
CA SER B 341 2.80 -31.63 15.55
C SER B 341 3.63 -30.67 14.70
N ALA B 342 4.94 -30.82 14.67
CA ALA B 342 5.73 -30.02 13.75
C ALA B 342 5.70 -30.55 12.30
N PRO B 343 5.80 -31.86 12.02
CA PRO B 343 5.61 -32.27 10.62
C PRO B 343 4.19 -32.14 10.14
N LYS B 344 3.21 -32.09 11.05
CA LYS B 344 1.82 -31.88 10.64
C LYS B 344 1.64 -30.50 10.02
N VAL B 345 2.05 -29.45 10.75
CA VAL B 345 2.01 -28.09 10.22
C VAL B 345 2.94 -27.93 9.03
N PHE B 346 4.12 -28.56 9.07
CA PHE B 346 5.03 -28.44 7.95
C PHE B 346 4.59 -29.21 6.71
N GLN B 347 3.71 -30.19 6.83
CA GLN B 347 3.20 -30.84 5.64
C GLN B 347 1.98 -30.11 5.11
N ALA B 348 1.14 -29.58 5.99
CA ALA B 348 0.03 -28.73 5.55
C ALA B 348 0.53 -27.44 4.91
N LEU B 349 1.70 -26.96 5.33
CA LEU B 349 2.27 -25.75 4.73
C LEU B 349 2.87 -26.04 3.36
N CYS B 350 3.42 -27.23 3.15
CA CYS B 350 4.05 -27.56 1.89
C CYS B 350 3.11 -28.16 0.88
N LYS B 351 1.82 -28.28 1.21
CA LYS B 351 0.82 -28.62 0.21
C LYS B 351 0.22 -27.38 -0.45
N ASP B 352 0.38 -26.21 0.17
CA ASP B 352 0.18 -24.95 -0.51
C ASP B 352 1.54 -24.46 -0.97
N ASN B 353 1.75 -24.35 -2.28
CA ASN B 353 3.06 -23.97 -2.80
C ASN B 353 3.26 -22.46 -2.58
N ILE B 354 3.57 -22.11 -1.33
CA ILE B 354 3.77 -20.73 -0.93
C ILE B 354 5.25 -20.42 -0.99
N TYR B 355 6.05 -21.16 -0.23
CA TYR B 355 7.49 -21.02 -0.31
C TYR B 355 8.05 -22.02 -1.32
N PRO B 356 9.04 -21.62 -2.12
CA PRO B 356 9.40 -22.40 -3.32
C PRO B 356 10.02 -23.76 -3.09
N GLY B 357 11.09 -23.84 -2.32
CA GLY B 357 11.91 -25.02 -2.33
C GLY B 357 11.50 -26.14 -1.41
N ILE B 358 10.60 -25.87 -0.46
CA ILE B 358 10.37 -26.80 0.63
C ILE B 358 9.31 -27.83 0.27
N ALA B 359 8.87 -27.84 -0.99
CA ALA B 359 7.71 -28.63 -1.40
C ALA B 359 7.95 -30.13 -1.40
N ILE B 360 9.19 -30.58 -1.21
CA ILE B 360 9.46 -32.02 -1.14
C ILE B 360 9.16 -32.60 0.23
N PHE B 361 8.92 -31.77 1.24
CA PHE B 361 8.54 -32.26 2.57
C PHE B 361 7.03 -32.33 2.72
N GLY B 362 6.35 -32.90 1.73
CA GLY B 362 4.91 -33.01 1.80
C GLY B 362 4.42 -34.36 1.34
N LYS B 363 5.31 -35.15 0.74
CA LYS B 363 4.95 -36.45 0.19
C LYS B 363 4.80 -37.43 1.36
N GLY B 364 3.55 -37.64 1.77
CA GLY B 364 3.30 -38.53 2.89
C GLY B 364 3.30 -39.98 2.51
N TYR B 365 4.27 -40.73 3.02
CA TYR B 365 4.32 -42.17 2.81
C TYR B 365 3.23 -42.86 3.61
N GLY B 366 2.82 -44.03 3.12
CA GLY B 366 1.88 -44.86 3.85
C GLY B 366 0.43 -44.57 3.53
N LYS B 367 -0.42 -45.03 4.43
CA LYS B 367 -1.88 -45.02 4.24
C LYS B 367 -2.50 -43.71 4.67
N ASN B 368 -2.02 -43.12 5.76
CA ASN B 368 -2.55 -41.86 6.27
C ASN B 368 -1.78 -40.65 5.78
N ASN B 369 -0.83 -40.86 4.85
CA ASN B 369 0.07 -39.84 4.32
C ASN B 369 0.81 -39.10 5.44
N GLU B 370 1.43 -39.88 6.31
CA GLU B 370 2.24 -39.31 7.37
C GLU B 370 3.52 -38.74 6.77
N PRO B 371 3.86 -37.50 7.07
CA PRO B 371 5.04 -36.90 6.43
C PRO B 371 6.34 -37.40 7.03
N LEU B 372 6.99 -38.33 6.33
CA LEU B 372 8.18 -38.95 6.90
C LEU B 372 9.42 -38.08 6.74
N ARG B 373 9.51 -37.34 5.64
CA ARG B 373 10.61 -36.41 5.49
C ARG B 373 10.49 -35.25 6.47
N GLY B 374 9.27 -34.87 6.83
CA GLY B 374 9.09 -33.90 7.90
C GLY B 374 9.46 -34.46 9.26
N TYR B 375 9.17 -35.74 9.50
CA TYR B 375 9.60 -36.41 10.71
C TYR B 375 11.12 -36.45 10.82
N PHE B 376 11.79 -36.68 9.69
CA PHE B 376 13.25 -36.73 9.70
C PHE B 376 13.86 -35.34 9.86
N LEU B 377 13.23 -34.31 9.29
CA LEU B 377 13.69 -32.95 9.50
C LEU B 377 13.52 -32.51 10.95
N THR B 378 12.39 -32.86 11.56
CA THR B 378 12.17 -32.56 12.97
C THR B 378 13.15 -33.31 13.85
N PHE B 379 13.44 -34.57 13.51
CA PHE B 379 14.45 -35.36 14.21
C PHE B 379 15.84 -34.74 14.09
N GLY B 380 16.20 -34.21 12.92
CA GLY B 380 17.49 -33.58 12.76
C GLY B 380 17.62 -32.27 13.52
N ILE B 381 16.57 -31.44 13.47
CA ILE B 381 16.59 -30.17 14.20
C ILE B 381 16.57 -30.41 15.71
N ALA B 382 15.89 -31.47 16.16
CA ALA B 382 15.92 -31.81 17.58
C ALA B 382 17.29 -32.32 18.00
N LEU B 383 17.86 -33.24 17.20
CA LEU B 383 19.13 -33.87 17.57
C LEU B 383 20.30 -32.90 17.50
N ALA B 384 20.20 -31.85 16.69
CA ALA B 384 21.23 -30.82 16.71
C ALA B 384 21.19 -30.02 18.01
N PHE B 385 20.04 -29.95 18.65
CA PHE B 385 19.88 -29.17 19.87
C PHE B 385 20.03 -29.99 21.14
N ILE B 386 19.86 -31.32 21.06
CA ILE B 386 20.10 -32.20 22.20
C ILE B 386 21.58 -32.23 22.53
N LEU B 387 22.44 -32.05 21.53
CA LEU B 387 23.88 -32.02 21.74
C LEU B 387 24.34 -30.83 22.58
N ILE B 388 23.51 -29.80 22.69
CA ILE B 388 23.68 -28.79 23.75
C ILE B 388 22.93 -29.34 24.96
N ALA B 389 23.64 -30.17 25.72
CA ALA B 389 22.99 -30.93 26.79
C ALA B 389 22.86 -30.12 28.08
N GLU B 390 22.18 -28.99 27.97
CA GLU B 390 21.94 -28.11 29.10
C GLU B 390 20.57 -27.47 28.94
N LEU B 391 19.72 -27.62 29.95
CA LEU B 391 18.36 -27.12 29.89
C LEU B 391 18.30 -25.60 29.88
N ASN B 392 19.16 -24.97 30.67
CA ASN B 392 19.09 -23.53 30.88
C ASN B 392 19.65 -22.71 29.72
N VAL B 393 20.17 -23.36 28.67
CA VAL B 393 20.47 -22.66 27.44
C VAL B 393 19.53 -23.04 26.30
N ILE B 394 18.88 -24.22 26.37
CA ILE B 394 17.88 -24.56 25.37
C ILE B 394 16.62 -23.76 25.60
N ALA B 395 16.19 -23.65 26.86
CA ALA B 395 14.90 -23.04 27.18
C ALA B 395 14.69 -21.58 26.74
N PRO B 396 15.69 -20.67 26.74
CA PRO B 396 15.42 -19.34 26.17
C PRO B 396 15.20 -19.33 24.65
N ILE B 397 15.76 -20.30 23.92
CA ILE B 397 15.48 -20.41 22.49
C ILE B 397 14.02 -20.76 22.25
N ILE B 398 13.50 -21.72 23.02
CA ILE B 398 12.09 -22.10 22.95
C ILE B 398 11.20 -20.94 23.34
N SER B 399 11.62 -20.18 24.35
CA SER B 399 10.84 -19.03 24.79
C SER B 399 10.77 -17.96 23.70
N ASN B 400 11.89 -17.70 23.03
CA ASN B 400 11.95 -16.71 21.96
C ASN B 400 11.07 -17.11 20.78
N PHE B 401 11.13 -18.38 20.37
CA PHE B 401 10.35 -18.80 19.21
C PHE B 401 8.86 -18.91 19.50
N PHE B 402 8.48 -19.37 20.70
CA PHE B 402 7.07 -19.42 21.01
C PHE B 402 6.48 -18.05 21.27
N LEU B 403 7.27 -17.13 21.81
CA LEU B 403 6.84 -15.75 21.96
C LEU B 403 6.65 -15.08 20.61
N ALA B 404 7.52 -15.40 19.64
CA ALA B 404 7.36 -14.89 18.28
C ALA B 404 6.08 -15.41 17.64
N SER B 405 5.78 -16.70 17.82
CA SER B 405 4.56 -17.27 17.23
C SER B 405 3.30 -16.69 17.87
N TYR B 406 3.32 -16.47 19.18
CA TYR B 406 2.14 -15.94 19.86
C TYR B 406 1.93 -14.46 19.51
N ALA B 407 3.02 -13.71 19.38
CA ALA B 407 2.93 -12.32 18.93
C ALA B 407 2.41 -12.23 17.50
N LEU B 408 2.79 -13.20 16.66
CA LEU B 408 2.32 -13.19 15.28
C LEU B 408 0.82 -13.49 15.20
N ILE B 409 0.34 -14.42 16.04
CA ILE B 409 -1.11 -14.72 16.08
C ILE B 409 -1.90 -13.50 16.55
N ASN B 410 -1.44 -12.86 17.64
CA ASN B 410 -2.14 -11.71 18.17
C ASN B 410 -2.14 -10.52 17.22
N PHE B 411 -0.99 -10.25 16.59
CA PHE B 411 -0.93 -9.16 15.62
C PHE B 411 -1.75 -9.46 14.38
N SER B 412 -1.85 -10.73 13.99
CA SER B 412 -2.61 -11.06 12.80
C SER B 412 -4.10 -10.89 13.03
N VAL B 413 -4.61 -11.27 14.22
CA VAL B 413 -6.03 -11.06 14.46
C VAL B 413 -6.33 -9.58 14.69
N PHE B 414 -5.38 -8.81 15.22
CA PHE B 414 -5.59 -7.36 15.31
C PHE B 414 -5.63 -6.73 13.92
N HIS B 415 -4.74 -7.15 13.04
CA HIS B 415 -4.67 -6.57 11.71
C HIS B 415 -5.87 -6.98 10.86
N ALA B 416 -6.44 -8.16 11.12
CA ALA B 416 -7.65 -8.53 10.40
C ALA B 416 -8.89 -7.86 10.97
N SER B 417 -8.88 -7.51 12.26
CA SER B 417 -9.98 -6.71 12.78
C SER B 417 -9.89 -5.26 12.32
N LEU B 418 -8.67 -4.75 12.17
CA LEU B 418 -8.47 -3.35 11.82
C LEU B 418 -8.83 -3.06 10.37
N ALA B 419 -8.41 -3.94 9.47
CA ALA B 419 -8.52 -3.69 8.05
C ALA B 419 -9.88 -4.00 7.47
N ASN B 420 -10.78 -4.61 8.25
CA ASN B 420 -12.06 -5.16 7.79
C ASN B 420 -11.86 -6.11 6.61
N SER B 421 -11.22 -7.24 6.93
CA SER B 421 -11.06 -8.33 5.99
C SER B 421 -12.43 -8.87 5.57
N PRO B 422 -12.53 -9.43 4.35
CA PRO B 422 -13.86 -9.83 3.84
C PRO B 422 -14.50 -10.99 4.59
N GLY B 423 -13.74 -12.01 4.98
CA GLY B 423 -14.33 -13.14 5.64
C GLY B 423 -14.00 -13.24 7.11
N TRP B 424 -14.03 -12.12 7.82
CA TRP B 424 -13.58 -12.06 9.21
C TRP B 424 -14.71 -11.51 10.07
N ARG B 425 -15.52 -12.40 10.64
CA ARG B 425 -16.49 -12.05 11.67
C ARG B 425 -16.34 -13.03 12.82
N PRO B 426 -15.49 -12.71 13.80
CA PRO B 426 -15.20 -13.65 14.89
C PRO B 426 -16.26 -13.68 15.99
N SER B 427 -17.28 -14.53 15.86
CA SER B 427 -18.33 -14.59 16.87
C SER B 427 -17.87 -15.24 18.16
N PHE B 428 -17.00 -14.56 18.90
CA PHE B 428 -16.53 -14.97 20.21
C PHE B 428 -16.72 -13.83 21.19
N LYS B 429 -17.22 -14.15 22.37
CA LYS B 429 -17.69 -13.13 23.30
C LYS B 429 -16.55 -12.34 23.94
N TYR B 430 -15.40 -12.96 24.15
CA TYR B 430 -14.31 -12.35 24.90
C TYR B 430 -13.13 -12.01 24.00
N TYR B 431 -13.40 -11.73 22.72
CA TYR B 431 -12.38 -11.27 21.79
C TYR B 431 -12.45 -9.75 21.76
N ASN B 432 -11.29 -9.12 21.88
CA ASN B 432 -11.15 -7.69 21.66
C ASN B 432 -9.84 -7.45 20.93
N MET B 433 -9.85 -6.57 19.95
CA MET B 433 -8.68 -6.38 19.11
C MET B 433 -7.59 -5.61 19.83
N TRP B 434 -7.94 -4.81 20.83
CA TRP B 434 -6.93 -4.00 21.49
C TRP B 434 -6.19 -4.82 22.53
N ALA B 435 -6.87 -5.82 23.10
CA ALA B 435 -6.22 -6.81 23.93
C ALA B 435 -5.22 -7.62 23.13
N SER B 436 -5.56 -7.96 21.88
CA SER B 436 -4.64 -8.69 21.03
C SER B 436 -3.43 -7.85 20.65
N LEU B 437 -3.65 -6.56 20.38
CA LEU B 437 -2.53 -5.68 20.08
C LEU B 437 -1.62 -5.50 21.29
N ALA B 438 -2.22 -5.43 22.49
CA ALA B 438 -1.43 -5.35 23.72
C ALA B 438 -0.62 -6.61 23.94
N GLY B 439 -1.21 -7.78 23.68
CA GLY B 439 -0.47 -9.02 23.81
C GLY B 439 0.66 -9.15 22.81
N ALA B 440 0.46 -8.67 21.58
CA ALA B 440 1.52 -8.72 20.58
C ALA B 440 2.68 -7.79 20.93
N ILE B 441 2.38 -6.58 21.38
CA ILE B 441 3.42 -5.64 21.79
C ILE B 441 4.16 -6.16 23.01
N LEU B 442 3.44 -6.78 23.94
CA LEU B 442 4.06 -7.36 25.14
C LEU B 442 4.99 -8.51 24.80
N CYS B 443 4.57 -9.41 23.91
CA CYS B 443 5.42 -10.52 23.52
C CYS B 443 6.65 -10.06 22.74
N CYS B 444 6.50 -9.04 21.88
CA CYS B 444 7.65 -8.53 21.14
C CYS B 444 8.66 -7.84 22.06
N VAL B 445 8.18 -7.03 23.02
CA VAL B 445 9.07 -6.33 23.94
C VAL B 445 9.78 -7.32 24.85
N VAL B 446 9.07 -8.35 25.34
CA VAL B 446 9.70 -9.35 26.20
C VAL B 446 10.72 -10.18 25.41
N MET B 447 10.40 -10.48 24.15
CA MET B 447 11.33 -11.17 23.26
C MET B 447 12.61 -10.36 23.03
N PHE B 448 12.51 -9.03 23.03
CA PHE B 448 13.72 -8.23 22.91
C PHE B 448 14.46 -8.05 24.22
N ILE B 449 13.77 -8.09 25.37
CA ILE B 449 14.48 -8.00 26.65
C ILE B 449 15.25 -9.29 26.92
N ILE B 450 14.70 -10.44 26.53
CA ILE B 450 15.34 -11.72 26.80
C ILE B 450 16.65 -11.86 26.02
N ASN B 451 16.63 -11.57 24.73
CA ASN B 451 17.84 -11.58 23.91
C ASN B 451 17.56 -10.73 22.68
N TRP B 452 18.29 -9.62 22.53
CA TRP B 452 17.88 -8.67 21.49
C TRP B 452 18.30 -9.11 20.10
N TRP B 453 19.44 -9.79 19.95
CA TRP B 453 19.87 -10.14 18.60
C TRP B 453 19.15 -11.37 18.06
N ALA B 454 18.76 -12.31 18.92
CA ALA B 454 17.91 -13.41 18.49
C ALA B 454 16.53 -12.91 18.11
N ALA B 455 16.00 -11.95 18.86
CA ALA B 455 14.71 -11.35 18.52
C ALA B 455 14.82 -10.56 17.22
N LEU B 456 15.93 -9.86 17.01
CA LEU B 456 16.09 -9.08 15.79
C LEU B 456 16.21 -9.99 14.57
N LEU B 457 16.89 -11.12 14.72
CA LEU B 457 16.96 -12.12 13.66
C LEU B 457 15.58 -12.69 13.35
N THR B 458 14.81 -13.01 14.38
CA THR B 458 13.48 -13.58 14.18
C THR B 458 12.53 -12.59 13.52
N ASN B 459 12.58 -11.31 13.93
CA ASN B 459 11.73 -10.30 13.32
C ASN B 459 12.13 -10.00 11.88
N VAL B 460 13.43 -10.03 11.58
CA VAL B 460 13.87 -9.83 10.20
C VAL B 460 13.41 -10.99 9.32
N ILE B 461 13.52 -12.22 9.83
CA ILE B 461 13.09 -13.40 9.07
C ILE B 461 11.59 -13.38 8.83
N VAL B 462 10.81 -12.99 9.85
CA VAL B 462 9.36 -12.98 9.71
C VAL B 462 8.90 -11.85 8.78
N LEU B 463 9.56 -10.70 8.83
CA LEU B 463 9.26 -9.61 7.91
C LEU B 463 9.62 -9.99 6.47
N SER B 464 10.71 -10.73 6.28
CA SER B 464 11.09 -11.17 4.94
C SER B 464 10.09 -12.19 4.40
N LEU B 465 9.63 -13.11 5.25
CA LEU B 465 8.62 -14.07 4.82
C LEU B 465 7.26 -13.44 4.60
N TYR B 466 6.97 -12.31 5.24
CA TYR B 466 5.75 -11.58 4.95
C TYR B 466 5.83 -10.87 3.60
N ILE B 467 6.94 -10.16 3.36
CA ILE B 467 7.08 -9.38 2.12
C ILE B 467 7.26 -10.29 0.91
N TYR B 468 7.79 -11.50 1.11
CA TYR B 468 7.88 -12.45 0.00
C TYR B 468 6.50 -12.92 -0.46
N VAL B 469 5.62 -13.27 0.48
CA VAL B 469 4.33 -13.80 0.11
C VAL B 469 3.37 -12.69 -0.31
N SER B 470 3.60 -11.46 0.16
CA SER B 470 2.75 -10.34 -0.25
C SER B 470 2.93 -10.02 -1.73
N TYR B 471 4.14 -10.18 -2.25
CA TYR B 471 4.47 -9.81 -3.62
C TYR B 471 4.94 -11.06 -4.34
N LYS B 472 3.99 -11.84 -4.87
CA LYS B 472 4.32 -13.08 -5.53
C LYS B 472 3.38 -13.31 -6.70
N LYS B 473 3.79 -14.22 -7.59
CA LYS B 473 2.94 -14.88 -8.57
C LYS B 473 1.80 -15.59 -7.85
N PRO B 474 0.55 -15.22 -8.11
CA PRO B 474 -0.57 -15.71 -7.28
C PRO B 474 -0.94 -17.15 -7.59
N ASP B 475 -0.76 -18.02 -6.59
CA ASP B 475 -1.11 -19.44 -6.66
C ASP B 475 -1.82 -19.87 -5.38
N VAL B 476 -2.81 -19.07 -4.96
CA VAL B 476 -3.53 -19.30 -3.71
C VAL B 476 -4.48 -20.47 -3.88
N ASN B 477 -5.05 -20.96 -2.77
CA ASN B 477 -6.02 -22.06 -2.82
C ASN B 477 -7.34 -21.65 -3.47
N TRP B 478 -7.61 -20.36 -3.58
CA TRP B 478 -8.76 -19.86 -4.33
C TRP B 478 -8.31 -18.68 -5.20
N GLY B 479 -9.22 -18.21 -6.05
CA GLY B 479 -8.90 -17.15 -6.98
C GLY B 479 -9.50 -15.80 -6.63
N SER B 480 -9.71 -15.55 -5.33
CA SER B 480 -10.23 -14.26 -4.89
C SER B 480 -9.23 -13.14 -5.06
N SER B 481 -7.94 -13.46 -5.09
CA SER B 481 -6.90 -12.47 -5.39
C SER B 481 -6.70 -12.27 -6.89
N THR B 482 -7.57 -12.83 -7.72
CA THR B 482 -7.49 -12.68 -9.17
C THR B 482 -8.62 -11.83 -9.72
N GLN B 483 -9.86 -12.15 -9.36
CA GLN B 483 -11.01 -11.46 -9.92
C GLN B 483 -11.77 -10.59 -8.92
N ALA B 484 -11.80 -10.96 -7.64
CA ALA B 484 -12.55 -10.19 -6.68
C ALA B 484 -11.78 -8.96 -6.22
N LEU B 485 -10.52 -9.15 -5.81
CA LEU B 485 -9.72 -8.06 -5.29
C LEU B 485 -9.40 -7.04 -6.38
N THR B 486 -9.22 -7.53 -7.61
CA THR B 486 -8.94 -6.63 -8.74
C THR B 486 -10.14 -5.73 -9.05
N TYR B 487 -11.35 -6.30 -9.05
CA TYR B 487 -12.55 -5.51 -9.28
C TYR B 487 -12.79 -4.52 -8.16
N HIS B 488 -12.61 -4.95 -6.90
CA HIS B 488 -12.83 -4.07 -5.77
C HIS B 488 -11.84 -2.90 -5.78
N GLN B 489 -10.57 -3.19 -6.07
CA GLN B 489 -9.55 -2.15 -6.12
C GLN B 489 -9.76 -1.20 -7.28
N ALA B 490 -10.14 -1.74 -8.45
CA ALA B 490 -10.36 -0.89 -9.63
C ALA B 490 -11.56 0.03 -9.44
N LEU B 491 -12.65 -0.49 -8.89
CA LEU B 491 -13.82 0.34 -8.67
C LEU B 491 -13.60 1.37 -7.56
N THR B 492 -12.93 0.97 -6.47
CA THR B 492 -12.71 1.93 -5.40
C THR B 492 -11.65 2.97 -5.78
N HIS B 493 -10.72 2.65 -6.70
CA HIS B 493 -9.79 3.67 -7.14
C HIS B 493 -10.39 4.58 -8.20
N SER B 494 -11.32 4.07 -9.02
CA SER B 494 -12.05 4.96 -9.90
C SER B 494 -12.94 5.91 -9.12
N LEU B 495 -13.55 5.43 -8.03
CA LEU B 495 -14.34 6.30 -7.19
C LEU B 495 -13.48 7.27 -6.39
N GLN B 496 -12.27 6.85 -6.01
CA GLN B 496 -11.33 7.76 -5.36
C GLN B 496 -10.85 8.84 -6.32
N LEU B 497 -10.65 8.50 -7.59
CA LEU B 497 -10.23 9.48 -8.58
C LEU B 497 -11.36 10.44 -8.92
N CYS B 498 -12.60 9.94 -9.00
CA CYS B 498 -13.71 10.80 -9.36
C CYS B 498 -14.07 11.78 -8.26
N GLY B 499 -13.68 11.49 -7.02
CA GLY B 499 -13.85 12.46 -5.97
C GLY B 499 -12.55 13.09 -5.53
N VAL B 500 -12.29 14.31 -5.99
CA VAL B 500 -11.15 15.12 -5.58
C VAL B 500 -11.62 16.56 -5.47
N ALA B 501 -10.68 17.45 -5.15
CA ALA B 501 -10.99 18.86 -5.07
C ALA B 501 -11.21 19.44 -6.46
N ASP B 502 -11.95 20.54 -6.52
CA ASP B 502 -12.30 21.17 -7.79
C ASP B 502 -11.30 22.23 -8.23
N HIS B 503 -10.19 22.39 -7.51
CA HIS B 503 -9.22 23.44 -7.80
C HIS B 503 -7.82 22.90 -8.05
N ILE B 504 -7.67 21.59 -8.25
CA ILE B 504 -6.36 21.04 -8.58
C ILE B 504 -6.16 21.17 -10.08
N LYS B 505 -6.97 20.42 -10.84
CA LYS B 505 -7.19 20.61 -12.27
C LYS B 505 -5.91 20.51 -13.11
N THR B 506 -5.24 19.36 -12.97
CA THR B 506 -4.16 19.06 -13.89
C THR B 506 -4.73 18.64 -15.24
N PHE B 507 -3.90 18.72 -16.28
CA PHE B 507 -4.41 18.44 -17.62
C PHE B 507 -4.46 16.94 -17.89
N ARG B 508 -3.29 16.29 -17.97
CA ARG B 508 -3.09 14.85 -18.15
C ARG B 508 -3.89 14.31 -19.33
N PRO B 509 -3.43 14.52 -20.57
CA PRO B 509 -4.31 14.36 -21.74
C PRO B 509 -4.72 12.92 -22.00
N GLN B 510 -6.03 12.72 -22.12
CA GLN B 510 -6.60 11.44 -22.54
C GLN B 510 -7.06 11.57 -23.99
N CYS B 511 -6.92 10.48 -24.73
CA CYS B 511 -7.11 10.51 -26.17
C CYS B 511 -8.11 9.46 -26.61
N LEU B 512 -9.01 9.86 -27.51
CA LEU B 512 -9.89 8.95 -28.22
C LEU B 512 -9.28 8.76 -29.60
N VAL B 513 -8.62 7.64 -29.80
CA VAL B 513 -7.99 7.33 -31.08
C VAL B 513 -9.01 6.62 -31.95
N MET B 514 -9.11 7.02 -33.20
CA MET B 514 -10.02 6.36 -34.14
C MET B 514 -9.18 5.48 -35.05
N THR B 515 -9.06 4.21 -34.69
CA THR B 515 -8.26 3.25 -35.42
C THR B 515 -9.07 2.31 -36.29
N GLY B 516 -10.31 2.04 -35.93
CA GLY B 516 -11.01 0.94 -36.55
C GLY B 516 -10.63 -0.35 -35.85
N ALA B 517 -10.43 -1.40 -36.63
CA ALA B 517 -9.90 -2.64 -36.07
C ALA B 517 -8.43 -2.43 -35.70
N PRO B 518 -8.01 -2.77 -34.48
CA PRO B 518 -6.65 -2.42 -34.04
C PRO B 518 -5.54 -3.20 -34.72
N ASN B 519 -5.82 -4.33 -35.36
CA ASN B 519 -4.80 -4.97 -36.17
C ASN B 519 -4.56 -4.20 -37.47
N SER B 520 -5.51 -3.38 -37.87
CA SER B 520 -5.28 -2.35 -38.89
C SER B 520 -4.84 -1.06 -38.22
N ARG B 521 -4.22 -0.19 -39.02
CA ARG B 521 -3.58 1.07 -38.62
C ARG B 521 -2.70 0.95 -37.39
N PRO B 522 -1.56 0.24 -37.44
CA PRO B 522 -0.70 0.17 -36.26
C PRO B 522 0.21 1.36 -36.10
N ALA B 523 0.37 2.20 -37.13
CA ALA B 523 1.16 3.41 -37.00
C ALA B 523 0.49 4.40 -36.07
N ILE B 524 -0.85 4.50 -36.12
CA ILE B 524 -1.55 5.41 -35.22
C ILE B 524 -1.55 4.84 -33.80
N LEU B 525 -1.49 3.51 -33.67
CA LEU B 525 -1.35 2.90 -32.35
C LEU B 525 0.00 3.24 -31.75
N HIS B 526 1.07 3.14 -32.55
CA HIS B 526 2.40 3.43 -32.04
C HIS B 526 2.59 4.92 -31.80
N LEU B 527 1.95 5.78 -32.58
CA LEU B 527 2.13 7.22 -32.40
C LEU B 527 1.36 7.74 -31.19
N VAL B 528 0.11 7.32 -30.99
CA VAL B 528 -0.63 7.80 -29.82
C VAL B 528 -0.42 6.82 -28.66
N HIS B 529 0.51 5.87 -28.85
CA HIS B 529 1.09 5.12 -27.76
C HIS B 529 2.44 5.69 -27.33
N ALA B 530 3.09 6.47 -28.20
CA ALA B 530 4.32 7.17 -27.82
C ALA B 530 4.05 8.17 -26.70
N PHE B 531 3.23 9.18 -26.97
CA PHE B 531 2.68 9.95 -25.87
C PHE B 531 1.40 9.28 -25.38
N THR B 532 0.90 9.78 -24.24
CA THR B 532 -0.11 9.11 -23.41
C THR B 532 0.30 7.68 -23.07
N LYS B 533 1.55 7.50 -22.68
CA LYS B 533 2.03 6.29 -22.04
C LYS B 533 2.73 6.71 -20.75
N ASN B 534 2.33 6.09 -19.64
CA ASN B 534 2.70 6.45 -18.27
C ASN B 534 2.30 7.87 -17.89
N VAL B 535 1.45 8.52 -18.68
CA VAL B 535 0.95 9.85 -18.36
C VAL B 535 -0.57 9.84 -18.44
N GLY B 536 -1.09 9.47 -19.61
CA GLY B 536 -2.51 9.65 -19.89
C GLY B 536 -3.30 8.38 -20.05
N LEU B 537 -4.27 8.39 -20.96
CA LEU B 537 -5.20 7.28 -21.13
C LEU B 537 -5.54 7.15 -22.60
N MET B 538 -5.40 5.95 -23.15
CA MET B 538 -5.64 5.69 -24.56
C MET B 538 -6.89 4.83 -24.70
N LEU B 539 -7.79 5.25 -25.59
CA LEU B 539 -9.10 4.61 -25.73
C LEU B 539 -9.37 4.40 -27.22
N CYS B 540 -8.95 3.25 -27.76
CA CYS B 540 -9.16 2.95 -29.16
C CYS B 540 -10.64 2.67 -29.44
N GLY B 541 -11.15 3.30 -30.49
CA GLY B 541 -12.55 3.19 -30.86
C GLY B 541 -12.72 2.54 -32.21
N HIS B 542 -13.82 1.80 -32.36
CA HIS B 542 -14.11 1.10 -33.60
C HIS B 542 -15.60 1.20 -33.87
N VAL B 543 -15.96 1.86 -34.97
CA VAL B 543 -17.34 1.98 -35.40
C VAL B 543 -17.61 0.89 -36.43
N ARG B 544 -18.74 0.22 -36.29
CA ARG B 544 -19.18 -0.78 -37.26
C ARG B 544 -20.29 -0.17 -38.10
N ILE B 545 -20.14 -0.28 -39.43
CA ILE B 545 -21.01 0.47 -40.32
C ILE B 545 -22.06 -0.46 -40.90
N SER B 546 -22.38 -1.52 -40.17
CA SER B 546 -23.44 -2.45 -40.58
C SER B 546 -24.79 -1.77 -40.42
N SER B 547 -25.43 -1.45 -41.55
CA SER B 547 -26.68 -0.68 -41.52
C SER B 547 -27.87 -1.58 -41.26
N ARG B 548 -28.12 -2.54 -42.14
CA ARG B 548 -29.33 -3.36 -42.08
C ARG B 548 -29.18 -4.45 -41.02
N ARG B 549 -30.02 -4.37 -39.97
CA ARG B 549 -30.14 -5.31 -38.86
C ARG B 549 -28.80 -5.61 -38.21
N PRO B 550 -28.27 -4.69 -37.39
CA PRO B 550 -26.93 -4.87 -36.85
C PRO B 550 -26.85 -6.03 -35.86
N ASN B 551 -25.76 -6.77 -35.93
CA ASN B 551 -25.52 -7.88 -35.02
C ASN B 551 -25.07 -7.34 -33.67
N PHE B 552 -25.61 -7.89 -32.59
CA PHE B 552 -25.17 -7.56 -31.25
C PHE B 552 -24.82 -8.81 -30.45
N LYS B 553 -24.94 -9.98 -31.05
CA LYS B 553 -24.78 -11.23 -30.30
C LYS B 553 -23.31 -11.53 -30.01
N GLU B 554 -22.51 -11.67 -31.08
CA GLU B 554 -21.12 -12.07 -30.94
C GLU B 554 -20.16 -10.89 -30.97
N LEU B 555 -20.66 -9.66 -30.79
CA LEU B 555 -19.76 -8.51 -30.71
C LEU B 555 -18.98 -8.50 -29.42
N ASN B 556 -19.50 -9.14 -28.37
CA ASN B 556 -18.73 -9.32 -27.14
C ASN B 556 -17.53 -10.23 -27.39
N SER B 557 -17.68 -11.22 -28.27
CA SER B 557 -16.56 -12.07 -28.64
C SER B 557 -15.50 -11.28 -29.42
N ASP B 558 -15.94 -10.35 -30.27
CA ASP B 558 -14.99 -9.52 -31.00
C ASP B 558 -14.28 -8.54 -30.08
N MET B 559 -14.99 -8.01 -29.09
CA MET B 559 -14.38 -7.11 -28.13
C MET B 559 -13.37 -7.83 -27.24
N LEU B 560 -13.71 -9.04 -26.78
CA LEU B 560 -12.79 -9.82 -25.99
C LEU B 560 -11.65 -10.39 -26.82
N ARG B 561 -11.83 -10.51 -28.13
CA ARG B 561 -10.71 -10.85 -29.01
C ARG B 561 -9.74 -9.68 -29.11
N TYR B 562 -10.25 -8.49 -29.43
CA TYR B 562 -9.38 -7.37 -29.74
C TYR B 562 -8.74 -6.79 -28.48
N GLN B 563 -9.38 -6.92 -27.33
CA GLN B 563 -8.76 -6.47 -26.08
C GLN B 563 -7.54 -7.33 -25.73
N ARG B 564 -7.66 -8.65 -25.91
CA ARG B 564 -6.51 -9.52 -25.74
C ARG B 564 -5.47 -9.30 -26.82
N TRP B 565 -5.88 -8.89 -28.01
CA TRP B 565 -4.92 -8.53 -29.05
C TRP B 565 -4.12 -7.30 -28.67
N LEU B 566 -4.78 -6.32 -28.04
CA LEU B 566 -4.07 -5.15 -27.55
C LEU B 566 -3.14 -5.52 -26.40
N LEU B 567 -3.59 -6.36 -25.49
CA LEU B 567 -2.81 -6.65 -24.30
C LEU B 567 -1.68 -7.64 -24.54
N ASN B 568 -1.76 -8.45 -25.60
CA ASN B 568 -0.65 -9.34 -25.92
C ASN B 568 0.55 -8.57 -26.44
N ASN B 569 0.30 -7.44 -27.12
CA ASN B 569 1.37 -6.51 -27.39
C ASN B 569 1.54 -5.58 -26.19
N ASN B 570 2.60 -4.79 -26.21
CA ASN B 570 2.91 -3.88 -25.11
C ASN B 570 2.17 -2.56 -25.29
N SER B 571 0.84 -2.64 -25.13
CA SER B 571 -0.02 -1.47 -25.22
C SER B 571 -0.86 -1.37 -23.95
N LYS B 572 -1.23 -0.14 -23.62
CA LYS B 572 -2.02 0.15 -22.43
C LYS B 572 -3.35 0.80 -22.80
N ALA B 573 -3.92 0.42 -23.94
CA ALA B 573 -5.10 1.06 -24.45
C ALA B 573 -6.34 0.23 -24.16
N PHE B 574 -7.47 0.91 -24.00
CA PHE B 574 -8.74 0.23 -23.87
C PHE B 574 -9.44 0.21 -25.22
N TYR B 575 -10.51 -0.58 -25.32
CA TYR B 575 -11.18 -0.80 -26.59
C TYR B 575 -12.67 -0.56 -26.44
N THR B 576 -13.25 0.16 -27.39
CA THR B 576 -14.69 0.40 -27.42
C THR B 576 -15.20 0.23 -28.84
N CYS B 577 -16.20 -0.62 -29.01
CA CYS B 577 -16.78 -0.89 -30.32
C CYS B 577 -18.25 -0.47 -30.30
N VAL B 578 -18.58 0.50 -31.15
CA VAL B 578 -19.96 0.93 -31.32
C VAL B 578 -20.41 0.53 -32.72
N VAL B 579 -21.71 0.64 -32.97
CA VAL B 579 -22.26 0.30 -34.28
C VAL B 579 -23.31 1.35 -34.64
N ALA B 580 -23.14 1.99 -35.79
CA ALA B 580 -24.07 3.00 -36.28
C ALA B 580 -24.19 2.84 -37.79
N GLU B 581 -24.86 3.80 -38.43
CA GLU B 581 -25.02 3.76 -39.87
C GLU B 581 -23.89 4.44 -40.62
N ASP B 582 -23.15 5.34 -39.97
CA ASP B 582 -22.01 5.99 -40.59
C ASP B 582 -20.97 6.26 -39.51
N LEU B 583 -19.81 6.79 -39.92
CA LEU B 583 -18.71 6.98 -38.99
C LEU B 583 -18.92 8.20 -38.11
N ARG B 584 -19.64 9.20 -38.59
CA ARG B 584 -19.82 10.44 -37.84
C ARG B 584 -20.70 10.25 -36.61
N GLN B 585 -21.87 9.65 -36.80
CA GLN B 585 -22.75 9.41 -35.66
C GLN B 585 -22.18 8.34 -34.73
N GLY B 586 -21.41 7.39 -35.28
CA GLY B 586 -20.74 6.41 -34.45
C GLY B 586 -19.66 7.02 -33.58
N THR B 587 -18.96 8.03 -34.09
CA THR B 587 -18.00 8.76 -33.27
C THR B 587 -18.70 9.68 -32.28
N GLN B 588 -19.86 10.22 -32.67
CA GLN B 588 -20.67 11.02 -31.75
C GLN B 588 -21.22 10.19 -30.60
N TYR B 589 -21.38 8.87 -30.80
CA TYR B 589 -21.69 7.99 -29.68
C TYR B 589 -20.59 7.99 -28.64
N MET B 590 -19.33 8.00 -29.07
CA MET B 590 -18.20 7.94 -28.16
C MET B 590 -17.75 9.31 -27.68
N LEU B 591 -18.24 10.39 -28.27
CA LEU B 591 -17.81 11.72 -27.82
C LEU B 591 -18.39 12.07 -26.47
N GLN B 592 -19.64 11.66 -26.19
CA GLN B 592 -20.34 12.06 -24.99
C GLN B 592 -20.69 10.90 -24.08
N ALA B 593 -20.16 9.71 -24.32
CA ALA B 593 -20.48 8.58 -23.46
C ALA B 593 -19.28 7.71 -23.09
N ALA B 594 -18.11 7.89 -23.68
CA ALA B 594 -16.97 7.04 -23.38
C ALA B 594 -16.37 7.39 -22.03
N GLY B 595 -15.97 6.37 -21.29
CA GLY B 595 -15.31 6.54 -20.02
C GLY B 595 -16.26 6.89 -18.89
N LEU B 596 -15.77 6.70 -17.67
CA LEU B 596 -16.55 6.97 -16.47
C LEU B 596 -15.76 7.85 -15.51
N GLY B 597 -16.43 8.84 -14.94
CA GLY B 597 -15.80 9.67 -13.94
C GLY B 597 -14.85 10.65 -14.57
N ARG B 598 -13.62 10.65 -14.10
CA ARG B 598 -12.58 11.54 -14.61
C ARG B 598 -11.78 10.91 -15.74
N LEU B 599 -12.06 9.66 -16.10
CA LEU B 599 -11.36 8.98 -17.19
C LEU B 599 -12.15 9.09 -18.48
N ARG B 600 -12.41 10.32 -18.89
CA ARG B 600 -13.03 10.52 -20.19
C ARG B 600 -12.02 11.09 -21.18
N PRO B 601 -12.15 10.82 -22.47
CA PRO B 601 -11.20 11.38 -23.45
C PRO B 601 -11.40 12.88 -23.60
N ASN B 602 -10.30 13.61 -23.50
CA ASN B 602 -10.31 15.05 -23.69
C ASN B 602 -9.96 15.44 -25.12
N THR B 603 -9.10 14.67 -25.77
CA THR B 603 -8.72 14.92 -27.16
C THR B 603 -9.22 13.79 -28.05
N LEU B 604 -9.28 14.08 -29.36
CA LEU B 604 -9.68 13.11 -30.37
C LEU B 604 -8.64 13.11 -31.46
N VAL B 605 -8.06 11.95 -31.75
CA VAL B 605 -7.02 11.82 -32.77
C VAL B 605 -7.50 10.85 -33.84
N ILE B 606 -7.50 11.33 -35.09
CA ILE B 606 -7.91 10.54 -36.24
C ILE B 606 -6.81 10.57 -37.28
N GLY B 607 -7.01 9.77 -38.33
CA GLY B 607 -6.13 9.77 -39.48
C GLY B 607 -6.77 10.52 -40.63
N PHE B 608 -5.93 11.10 -41.48
CA PHE B 608 -6.41 11.91 -42.58
C PHE B 608 -6.91 11.03 -43.71
N LYS B 609 -8.06 11.41 -44.26
CA LYS B 609 -8.66 10.69 -45.39
C LYS B 609 -7.88 11.03 -46.64
N ASN B 610 -7.03 10.10 -47.11
CA ASN B 610 -6.19 10.36 -48.26
C ASN B 610 -7.01 10.36 -49.55
N ASP B 611 -7.84 9.34 -49.74
CA ASP B 611 -8.60 9.18 -50.98
C ASP B 611 -9.98 9.83 -50.83
N TRP B 612 -9.97 11.16 -50.90
CA TRP B 612 -11.21 11.92 -50.86
C TRP B 612 -11.57 12.54 -52.21
N ARG B 613 -10.62 12.66 -53.12
CA ARG B 613 -10.89 13.12 -54.47
C ARG B 613 -11.30 12.01 -55.42
N ILE B 614 -11.07 10.75 -55.04
CA ILE B 614 -11.28 9.64 -55.97
C ILE B 614 -12.77 9.37 -56.16
N GLY B 615 -13.47 9.05 -55.08
CA GLY B 615 -14.89 8.76 -55.20
C GLY B 615 -15.60 8.95 -53.89
N ASP B 616 -16.94 8.94 -53.99
CA ASP B 616 -17.87 9.00 -52.86
C ASP B 616 -17.67 10.29 -52.04
N ILE B 617 -17.99 11.41 -52.68
CA ILE B 617 -17.96 12.71 -52.01
C ILE B 617 -18.97 12.81 -50.88
N LYS B 618 -20.04 12.00 -50.92
CA LYS B 618 -21.09 12.06 -49.90
C LYS B 618 -20.62 11.65 -48.52
N GLU B 619 -19.49 10.94 -48.41
CA GLU B 619 -18.95 10.62 -47.10
C GLU B 619 -17.95 11.66 -46.60
N VAL B 620 -17.50 12.59 -47.43
CA VAL B 620 -16.62 13.63 -46.92
C VAL B 620 -17.38 14.57 -46.01
N GLU B 621 -18.68 14.73 -46.24
CA GLU B 621 -19.56 15.40 -45.28
C GLU B 621 -19.58 14.68 -43.94
N THR B 622 -19.40 13.35 -43.94
CA THR B 622 -19.32 12.65 -42.66
C THR B 622 -17.96 12.81 -42.00
N TYR B 623 -16.95 13.27 -42.75
CA TYR B 623 -15.63 13.44 -42.15
C TYR B 623 -15.43 14.83 -41.59
N ILE B 624 -15.83 15.86 -42.33
CA ILE B 624 -15.62 17.23 -41.88
C ILE B 624 -16.59 17.57 -40.74
N ASN B 625 -17.85 17.16 -40.86
CA ASN B 625 -18.82 17.43 -39.79
C ASN B 625 -18.54 16.62 -38.54
N LEU B 626 -17.71 15.59 -38.62
CA LEU B 626 -17.16 14.97 -37.41
C LEU B 626 -16.25 15.96 -36.68
N ILE B 627 -15.34 16.59 -37.43
CA ILE B 627 -14.41 17.58 -36.88
C ILE B 627 -15.16 18.74 -36.26
N HIS B 628 -16.17 19.25 -36.98
CA HIS B 628 -17.01 20.31 -36.42
C HIS B 628 -17.83 19.81 -35.25
N ASP B 629 -18.12 18.51 -35.18
CA ASP B 629 -18.74 17.98 -33.98
C ASP B 629 -17.72 17.70 -32.90
N ALA B 630 -16.44 17.54 -33.27
CA ALA B 630 -15.42 17.36 -32.25
C ALA B 630 -15.13 18.68 -31.54
N PHE B 631 -15.14 19.78 -32.29
CA PHE B 631 -14.89 21.08 -31.69
C PHE B 631 -16.09 21.63 -30.94
N ASP B 632 -17.26 21.01 -31.09
CA ASP B 632 -18.44 21.49 -30.39
C ASP B 632 -18.43 21.06 -28.93
N PHE B 633 -17.78 19.94 -28.61
CA PHE B 633 -17.73 19.43 -27.24
C PHE B 633 -16.49 19.85 -26.50
N GLN B 634 -15.78 20.89 -27.00
CA GLN B 634 -14.53 21.40 -26.44
C GLN B 634 -13.46 20.30 -26.35
N TYR B 635 -13.21 19.67 -27.50
CA TYR B 635 -12.19 18.64 -27.62
C TYR B 635 -11.01 19.16 -28.42
N GLY B 636 -9.81 18.76 -28.02
CA GLY B 636 -8.67 18.93 -28.89
C GLY B 636 -8.75 17.96 -30.06
N VAL B 637 -8.18 18.36 -31.20
CA VAL B 637 -8.26 17.56 -32.42
C VAL B 637 -6.85 17.36 -32.96
N VAL B 638 -6.46 16.10 -33.12
CA VAL B 638 -5.20 15.73 -33.74
C VAL B 638 -5.51 14.92 -35.00
N ILE B 639 -4.84 15.25 -36.09
CA ILE B 639 -5.01 14.58 -37.37
C ILE B 639 -3.63 14.13 -37.84
N LEU B 640 -3.48 12.83 -38.09
CA LEU B 640 -2.23 12.26 -38.59
C LEU B 640 -2.38 11.95 -40.07
N ARG B 641 -1.34 12.27 -40.84
CA ARG B 641 -1.32 11.94 -42.25
C ARG B 641 0.03 11.39 -42.64
N LEU B 642 0.03 10.27 -43.36
CA LEU B 642 1.20 9.78 -44.05
C LEU B 642 1.06 10.03 -45.54
N ARG B 643 2.19 9.98 -46.26
CA ARG B 643 2.14 10.09 -47.71
C ARG B 643 1.45 8.87 -48.32
N GLU B 644 1.70 7.69 -47.78
CA GLU B 644 1.05 6.47 -48.17
C GLU B 644 -0.13 6.21 -47.22
N GLY B 645 -0.71 5.03 -47.32
CA GLY B 645 -1.89 4.70 -46.56
C GLY B 645 -1.60 4.45 -45.09
N LEU B 646 -2.68 4.23 -44.35
CA LEU B 646 -2.60 3.95 -42.92
C LEU B 646 -3.12 2.56 -42.54
N ASP B 647 -4.17 2.08 -43.19
CA ASP B 647 -4.73 0.78 -42.86
C ASP B 647 -4.02 -0.32 -43.65
N ILE B 648 -4.30 -1.56 -43.27
CA ILE B 648 -3.66 -2.73 -43.87
C ILE B 648 -4.76 -3.67 -44.35
N SER B 649 -4.93 -3.74 -45.67
CA SER B 649 -5.84 -4.68 -46.31
C SER B 649 -5.10 -5.89 -46.88
N HIS B 650 -3.90 -6.17 -46.37
CA HIS B 650 -3.02 -7.27 -46.78
C HIS B 650 -2.72 -7.26 -48.28
N LEU B 704 2.56 -6.22 -55.22
CA LEU B 704 3.32 -6.99 -54.25
C LEU B 704 4.40 -6.14 -53.59
N ASN B 705 5.11 -5.36 -54.39
CA ASN B 705 6.19 -4.53 -53.86
C ASN B 705 5.69 -3.17 -53.39
N VAL B 706 4.63 -2.64 -54.00
CA VAL B 706 4.00 -1.44 -53.46
C VAL B 706 3.24 -1.78 -52.17
N ALA B 707 2.73 -3.00 -52.07
CA ALA B 707 2.19 -3.47 -50.79
C ALA B 707 3.31 -3.64 -49.77
N ASP B 708 4.52 -3.97 -50.22
CA ASP B 708 5.64 -4.08 -49.30
C ASP B 708 6.04 -2.72 -48.74
N GLN B 709 6.07 -1.69 -49.58
CA GLN B 709 6.36 -0.35 -49.07
C GLN B 709 5.18 0.24 -48.31
N ARG B 710 3.98 -0.29 -48.51
CA ARG B 710 2.87 0.04 -47.62
C ARG B 710 3.09 -0.57 -46.23
N LEU B 711 3.43 -1.85 -46.19
CA LEU B 711 3.50 -2.57 -44.93
C LEU B 711 4.72 -2.16 -44.11
N LEU B 712 5.87 -1.96 -44.77
CA LEU B 712 7.09 -1.63 -44.05
C LEU B 712 7.04 -0.22 -43.47
N ASP B 713 6.25 0.67 -44.06
CA ASP B 713 6.07 2.00 -43.51
C ASP B 713 4.78 2.13 -42.70
N SER B 714 3.96 1.08 -42.64
CA SER B 714 2.86 1.04 -41.69
C SER B 714 3.33 0.65 -40.30
N GLN B 715 4.56 0.17 -40.17
CA GLN B 715 5.16 -0.23 -38.90
C GLN B 715 6.50 0.47 -38.71
N GLN B 716 6.52 1.76 -39.01
CA GLN B 716 7.76 2.54 -39.02
C GLN B 716 8.06 3.20 -37.68
N PHE B 717 7.46 2.74 -36.60
CA PHE B 717 7.71 3.38 -35.32
C PHE B 717 8.17 2.42 -34.24
N GLN B 718 7.67 1.19 -34.24
CA GLN B 718 7.95 0.27 -33.13
C GLN B 718 9.33 -0.38 -33.24
N GLN B 719 9.92 -0.45 -34.44
CA GLN B 719 11.22 -1.08 -34.61
C GLN B 719 12.30 -0.13 -35.07
N LYS B 720 11.97 1.09 -35.46
CA LYS B 720 12.95 2.08 -35.85
C LYS B 720 13.37 2.91 -34.64
N GLN B 721 14.04 4.01 -34.88
CA GLN B 721 14.56 4.88 -33.83
C GLN B 721 14.49 6.32 -34.34
N GLY B 722 15.22 7.21 -33.67
CA GLY B 722 15.29 8.58 -34.13
C GLY B 722 16.69 9.17 -34.02
N LYS B 723 17.22 9.66 -35.14
CA LYS B 723 18.51 10.35 -35.17
C LYS B 723 18.34 11.60 -36.04
N GLY B 724 18.01 12.71 -35.41
CA GLY B 724 17.74 13.92 -36.14
C GLY B 724 16.87 14.94 -35.42
N THR B 725 15.80 15.38 -36.08
CA THR B 725 15.04 16.50 -35.57
C THR B 725 13.55 16.21 -35.61
N VAL B 726 12.84 16.80 -34.65
CA VAL B 726 11.39 16.91 -34.64
C VAL B 726 11.09 18.40 -34.56
N ASP B 727 10.30 18.91 -35.48
CA ASP B 727 10.07 20.35 -35.56
C ASP B 727 8.60 20.70 -35.42
N VAL B 728 8.34 21.80 -34.73
CA VAL B 728 6.98 22.28 -34.51
C VAL B 728 6.82 23.62 -35.19
N TRP B 729 5.57 23.99 -35.44
CA TRP B 729 5.22 25.23 -36.12
C TRP B 729 4.14 25.92 -35.28
N TRP B 730 4.59 26.70 -34.30
CA TRP B 730 3.67 27.41 -33.41
C TRP B 730 3.08 28.58 -34.17
N LEU B 731 1.82 28.44 -34.59
CA LEU B 731 1.17 29.46 -35.40
C LEU B 731 -0.14 29.95 -34.82
N PHE B 732 -0.60 29.39 -33.70
CA PHE B 732 -1.81 29.87 -33.04
C PHE B 732 -1.50 30.15 -31.57
N ASP B 733 -2.10 31.22 -31.04
CA ASP B 733 -1.76 31.70 -29.71
C ASP B 733 -2.31 30.78 -28.62
N ASP B 734 -3.58 30.42 -28.71
CA ASP B 734 -4.26 29.68 -27.64
C ASP B 734 -4.30 28.18 -27.92
N GLY B 735 -3.29 27.64 -28.60
CA GLY B 735 -3.21 26.21 -28.80
C GLY B 735 -2.87 25.47 -27.52
N GLY B 736 -1.66 25.64 -27.03
CA GLY B 736 -1.21 24.96 -25.81
C GLY B 736 -0.80 23.51 -25.94
N LEU B 737 -1.66 22.68 -26.53
CA LEU B 737 -1.33 21.27 -26.75
C LEU B 737 -0.29 21.10 -27.84
N THR B 738 -0.17 22.09 -28.74
CA THR B 738 0.75 22.09 -29.87
C THR B 738 2.20 21.95 -29.44
N LEU B 739 2.55 22.47 -28.26
CA LEU B 739 3.87 22.27 -27.69
C LEU B 739 3.92 21.11 -26.70
N LEU B 740 2.77 20.71 -26.14
CA LEU B 740 2.76 19.65 -25.14
C LEU B 740 2.96 18.28 -25.76
N ILE B 741 2.43 18.04 -26.96
CA ILE B 741 2.61 16.76 -27.64
C ILE B 741 4.07 16.45 -28.02
N PRO B 742 4.86 17.35 -28.65
CA PRO B 742 6.23 16.93 -29.01
C PRO B 742 7.17 16.78 -27.83
N TYR B 743 6.95 17.52 -26.75
CA TYR B 743 7.73 17.30 -25.53
C TYR B 743 7.43 15.93 -24.94
N LEU B 744 6.18 15.48 -25.05
CA LEU B 744 5.83 14.16 -24.54
C LEU B 744 6.39 13.05 -25.42
N ILE B 745 6.38 13.23 -26.74
CA ILE B 745 6.94 12.18 -27.59
C ILE B 745 8.46 12.24 -27.66
N ALA B 746 9.08 13.31 -27.20
CA ALA B 746 10.53 13.42 -27.26
C ALA B 746 11.21 12.77 -26.06
N ASN B 747 10.50 12.55 -24.96
CA ASN B 747 11.09 11.95 -23.77
C ASN B 747 10.90 10.44 -23.75
N LYS B 748 11.29 9.76 -24.82
CA LYS B 748 11.06 8.33 -24.97
C LYS B 748 12.37 7.64 -25.32
N LYS B 749 12.41 6.32 -25.06
CA LYS B 749 13.61 5.54 -25.30
C LYS B 749 13.94 5.43 -26.79
N LYS B 750 12.92 5.45 -27.65
CA LYS B 750 13.18 5.48 -29.09
C LYS B 750 13.62 6.87 -29.54
N TRP B 751 12.90 7.90 -29.10
CA TRP B 751 13.12 9.26 -29.59
C TRP B 751 14.09 10.02 -28.69
N LYS B 752 15.24 9.42 -28.39
CA LYS B 752 16.19 10.11 -27.52
C LYS B 752 17.06 11.08 -28.30
N ASP B 753 17.50 10.70 -29.50
CA ASP B 753 18.36 11.55 -30.31
C ASP B 753 17.53 12.31 -31.35
N CYS B 754 16.65 13.17 -30.84
CA CYS B 754 15.83 14.03 -31.69
C CYS B 754 15.72 15.39 -31.02
N LYS B 755 16.18 16.42 -31.73
CA LYS B 755 16.15 17.78 -31.22
C LYS B 755 14.89 18.48 -31.69
N ILE B 756 14.29 19.26 -30.80
CA ILE B 756 13.04 19.97 -31.10
C ILE B 756 13.38 21.34 -31.67
N ARG B 757 12.89 21.60 -32.88
CA ARG B 757 13.14 22.86 -33.57
C ARG B 757 11.82 23.60 -33.73
N VAL B 758 11.75 24.82 -33.19
CA VAL B 758 10.53 25.60 -33.17
C VAL B 758 10.54 26.61 -34.31
N PHE B 759 9.43 26.70 -35.03
CA PHE B 759 9.20 27.73 -36.01
C PHE B 759 8.01 28.57 -35.56
N ILE B 760 8.06 29.87 -35.86
CA ILE B 760 7.03 30.79 -35.39
C ILE B 760 6.98 31.99 -36.33
N GLY B 761 5.76 32.41 -36.66
CA GLY B 761 5.56 33.62 -37.44
C GLY B 761 5.48 34.86 -36.57
N GLY B 762 5.48 36.01 -37.23
CA GLY B 762 5.43 37.28 -36.52
C GLY B 762 5.70 38.47 -37.41
N LYS B 763 6.42 39.45 -36.89
CA LYS B 763 6.76 40.67 -37.60
C LYS B 763 8.19 40.59 -38.13
N ILE B 764 8.68 41.70 -38.67
CA ILE B 764 10.04 41.80 -39.19
C ILE B 764 10.87 42.82 -38.45
N ASN B 765 10.24 43.78 -37.76
CA ASN B 765 11.00 44.83 -37.08
C ASN B 765 11.69 44.31 -35.83
N ARG B 766 11.07 43.35 -35.12
CA ARG B 766 11.61 42.79 -33.90
C ARG B 766 11.65 41.28 -34.03
N ILE B 767 12.75 40.76 -34.58
CA ILE B 767 12.93 39.32 -34.71
C ILE B 767 13.81 38.73 -33.62
N ASP B 768 14.54 39.57 -32.88
CA ASP B 768 15.30 39.12 -31.72
C ASP B 768 14.55 39.36 -30.42
N HIS B 769 13.42 40.07 -30.48
CA HIS B 769 12.58 40.34 -29.32
C HIS B 769 11.55 39.26 -29.08
N ASP B 770 10.83 38.84 -30.13
CA ASP B 770 9.77 37.86 -29.96
C ASP B 770 10.31 36.46 -29.71
N ARG B 771 11.55 36.17 -30.09
CA ARG B 771 12.12 34.87 -29.74
C ARG B 771 12.48 34.79 -28.27
N ARG B 772 12.74 35.93 -27.62
CA ARG B 772 12.89 35.94 -26.17
C ARG B 772 11.56 35.63 -25.48
N ALA B 773 10.47 36.23 -25.98
CA ALA B 773 9.14 35.95 -25.47
C ALA B 773 8.71 34.51 -25.76
N MET B 774 9.24 33.93 -26.83
CA MET B 774 9.02 32.52 -27.08
C MET B 774 9.84 31.66 -26.14
N ALA B 775 11.08 32.07 -25.85
CA ALA B 775 11.98 31.27 -25.03
C ALA B 775 11.55 31.22 -23.58
N THR B 776 10.95 32.30 -23.07
CA THR B 776 10.50 32.25 -21.67
C THR B 776 9.30 31.33 -21.50
N LEU B 777 8.40 31.27 -22.48
CA LEU B 777 7.27 30.35 -22.39
C LEU B 777 7.69 28.93 -22.74
N LEU B 778 8.75 28.76 -23.52
CA LEU B 778 9.29 27.43 -23.75
C LEU B 778 10.00 26.90 -22.51
N SER B 779 10.64 27.80 -21.75
CA SER B 779 11.12 27.43 -20.42
C SER B 779 9.96 27.15 -19.48
N LYS B 780 8.82 27.81 -19.69
CA LYS B 780 7.60 27.43 -18.97
C LYS B 780 7.05 26.10 -19.46
N PHE B 781 7.45 25.65 -20.65
CA PHE B 781 6.98 24.40 -21.22
C PHE B 781 8.01 23.28 -21.18
N ARG B 782 9.14 23.50 -20.49
CA ARG B 782 10.13 22.47 -20.13
C ARG B 782 10.76 21.80 -21.35
N ILE B 783 10.98 22.57 -22.41
CA ILE B 783 11.77 22.10 -23.54
C ILE B 783 13.12 22.78 -23.60
N ASP B 784 13.11 24.12 -23.64
CA ASP B 784 14.29 24.99 -23.57
C ASP B 784 15.29 24.69 -24.69
N PHE B 785 14.83 24.89 -25.92
CA PHE B 785 15.67 24.73 -27.10
C PHE B 785 15.77 26.06 -27.82
N SER B 786 17.00 26.45 -28.15
CA SER B 786 17.28 27.75 -28.78
C SER B 786 17.14 27.71 -30.29
N ASP B 787 16.59 26.65 -30.86
CA ASP B 787 16.42 26.53 -32.30
C ASP B 787 15.05 27.07 -32.74
N ILE B 788 14.74 28.29 -32.32
CA ILE B 788 13.46 28.92 -32.59
C ILE B 788 13.68 29.96 -33.67
N THR B 789 13.36 29.61 -34.92
CA THR B 789 13.64 30.48 -36.05
C THR B 789 12.36 31.20 -36.46
N VAL B 790 12.31 32.50 -36.19
CA VAL B 790 11.15 33.31 -36.54
C VAL B 790 11.15 33.56 -38.04
N LEU B 791 10.01 33.36 -38.67
CA LEU B 791 9.84 33.59 -40.10
C LEU B 791 8.90 34.76 -40.33
N GLY B 792 8.99 35.34 -41.53
CA GLY B 792 8.16 36.46 -41.89
C GLY B 792 7.64 36.36 -43.32
N ASP B 793 7.42 35.13 -43.77
CA ASP B 793 7.02 34.88 -45.15
C ASP B 793 5.57 34.39 -45.27
N ILE B 794 4.81 34.45 -44.19
CA ILE B 794 3.43 33.96 -44.20
C ILE B 794 2.51 35.07 -44.67
N ASN B 795 1.48 34.67 -45.43
CA ASN B 795 0.52 35.52 -46.17
C ASN B 795 1.19 36.73 -46.83
N THR B 796 2.28 36.47 -47.54
CA THR B 796 3.03 37.52 -48.23
C THR B 796 2.98 37.37 -49.74
N LYS B 797 3.42 36.22 -50.27
CA LYS B 797 3.54 36.03 -51.71
C LYS B 797 3.32 34.57 -52.01
N PRO B 798 2.07 34.16 -52.26
CA PRO B 798 1.76 32.73 -52.24
C PRO B 798 2.00 31.97 -53.54
N LYS B 799 3.12 32.25 -54.22
CA LYS B 799 3.80 31.35 -55.17
C LYS B 799 2.87 30.85 -56.27
N SER B 800 2.53 31.79 -57.17
CA SER B 800 1.48 31.65 -58.19
C SER B 800 1.53 30.42 -59.09
N GLU B 801 2.68 29.73 -59.15
CA GLU B 801 2.74 28.50 -59.94
C GLU B 801 2.02 27.33 -59.26
N GLY B 802 1.88 27.37 -57.93
CA GLY B 802 1.16 26.33 -57.22
C GLY B 802 -0.32 26.56 -57.07
N LEU B 803 -0.79 27.75 -57.45
CA LEU B 803 -2.21 28.06 -57.38
C LEU B 803 -3.03 27.31 -58.42
N THR B 804 -2.39 26.83 -59.49
CA THR B 804 -3.10 26.11 -60.53
C THR B 804 -3.60 24.76 -60.05
N GLU B 805 -2.80 24.04 -59.26
CA GLU B 805 -3.23 22.75 -58.74
C GLU B 805 -4.33 22.91 -57.70
N PHE B 806 -4.24 23.94 -56.87
CA PHE B 806 -5.29 24.22 -55.91
C PHE B 806 -6.57 24.68 -56.58
N ALA B 807 -6.44 25.37 -57.72
CA ALA B 807 -7.63 25.81 -58.45
C ALA B 807 -8.29 24.65 -59.18
N GLU B 808 -7.50 23.75 -59.76
CA GLU B 808 -8.05 22.59 -60.46
C GLU B 808 -8.45 21.47 -59.53
N MET B 809 -8.04 21.51 -58.26
CA MET B 809 -8.48 20.48 -57.31
C MET B 809 -9.94 20.67 -56.93
N ILE B 810 -10.38 21.92 -56.76
CA ILE B 810 -11.75 22.19 -56.35
C ILE B 810 -12.61 22.44 -57.59
N GLU B 811 -12.04 22.21 -58.77
CA GLU B 811 -12.73 22.46 -60.03
C GLU B 811 -13.98 21.59 -60.27
N PRO B 812 -14.04 20.31 -59.87
CA PRO B 812 -15.35 19.66 -59.83
C PRO B 812 -16.22 20.04 -58.65
N TYR B 813 -15.73 20.87 -57.73
CA TYR B 813 -16.49 21.27 -56.56
C TYR B 813 -16.77 22.76 -56.53
N LYS B 814 -16.46 23.49 -57.61
CA LYS B 814 -16.79 24.91 -57.72
C LYS B 814 -18.31 25.03 -57.78
N LEU B 815 -18.88 25.47 -56.66
CA LEU B 815 -20.30 25.36 -56.33
C LEU B 815 -20.83 23.95 -56.60
N ARG B 816 -20.18 22.98 -55.99
CA ARG B 816 -20.82 21.71 -55.66
C ARG B 816 -20.13 21.24 -54.37
N GLU B 817 -20.72 21.61 -53.25
CA GLU B 817 -20.17 21.33 -51.92
C GLU B 817 -20.83 20.13 -51.27
N ASP B 818 -21.27 19.16 -52.09
CA ASP B 818 -21.81 17.87 -51.67
C ASP B 818 -23.07 18.02 -50.83
N ASP B 819 -23.86 19.06 -51.09
CA ASP B 819 -25.06 19.35 -50.35
C ASP B 819 -26.24 19.42 -51.30
N MET B 820 -27.34 18.75 -50.93
CA MET B 820 -28.56 18.83 -51.72
C MET B 820 -29.32 20.12 -51.45
N GLU B 821 -29.31 20.60 -50.20
CA GLU B 821 -30.02 21.82 -49.87
C GLU B 821 -29.38 23.05 -50.50
N GLN B 822 -28.05 23.04 -50.67
CA GLN B 822 -27.38 24.19 -51.28
C GLN B 822 -27.69 24.28 -52.76
N GLU B 823 -27.66 23.14 -53.46
CA GLU B 823 -28.02 23.12 -54.88
C GLU B 823 -29.51 23.41 -55.07
N ALA B 824 -30.35 22.95 -54.14
CA ALA B 824 -31.77 23.26 -54.22
C ALA B 824 -32.05 24.73 -53.94
N ALA B 825 -31.22 25.38 -53.12
CA ALA B 825 -31.39 26.81 -52.89
C ALA B 825 -30.88 27.62 -54.08
N GLU B 826 -29.79 27.18 -54.70
CA GLU B 826 -29.22 27.94 -55.81
C GLU B 826 -29.87 27.63 -57.15
N LYS B 827 -30.71 26.59 -57.22
CA LYS B 827 -31.47 26.37 -58.43
C LYS B 827 -32.70 27.26 -58.54
N LEU B 828 -33.07 27.94 -57.45
CA LEU B 828 -34.20 28.86 -57.47
C LEU B 828 -33.86 30.27 -57.00
N LYS B 829 -32.75 30.46 -56.30
CA LYS B 829 -32.31 31.81 -55.95
C LYS B 829 -31.85 32.55 -57.19
N SER B 830 -30.86 32.00 -57.88
CA SER B 830 -30.43 32.50 -59.18
C SER B 830 -30.50 31.37 -60.20
N GLU B 831 -29.98 31.64 -61.39
CA GLU B 831 -30.05 30.68 -62.49
C GLU B 831 -28.71 30.07 -62.85
N GLU B 832 -27.61 30.81 -62.73
CA GLU B 832 -26.30 30.19 -62.82
C GLU B 832 -26.06 29.33 -61.57
N PRO B 833 -25.33 28.22 -61.72
CA PRO B 833 -24.95 27.45 -60.53
C PRO B 833 -23.95 28.20 -59.66
N TRP B 834 -22.87 28.69 -60.26
CA TRP B 834 -21.70 29.16 -59.53
C TRP B 834 -21.93 30.58 -59.02
N ARG B 835 -22.85 30.68 -58.05
CA ARG B 835 -23.30 31.99 -57.59
C ARG B 835 -22.78 32.35 -56.21
N ILE B 836 -23.02 31.52 -55.20
CA ILE B 836 -22.57 31.84 -53.86
C ILE B 836 -21.09 31.43 -53.77
N THR B 837 -20.21 32.40 -54.03
CA THR B 837 -18.78 32.19 -53.97
C THR B 837 -18.11 33.11 -52.97
N ASP B 838 -18.90 33.62 -52.01
CA ASP B 838 -18.34 34.43 -50.94
C ASP B 838 -17.43 33.60 -50.05
N ASN B 839 -17.80 32.34 -49.81
CA ASN B 839 -16.89 31.43 -49.13
C ASN B 839 -15.80 30.93 -50.07
N GLU B 840 -16.08 30.84 -51.37
CA GLU B 840 -15.19 30.15 -52.29
C GLU B 840 -13.95 30.98 -52.59
N LEU B 841 -14.12 32.25 -52.92
CA LEU B 841 -12.97 33.09 -53.24
C LEU B 841 -13.01 34.49 -52.63
N GLU B 842 -14.16 34.97 -52.15
CA GLU B 842 -14.25 36.37 -51.77
C GLU B 842 -13.70 36.62 -50.37
N LEU B 843 -14.26 35.94 -49.38
CA LEU B 843 -13.94 36.23 -47.98
C LEU B 843 -12.78 35.40 -47.43
N TYR B 844 -12.36 34.36 -48.13
CA TYR B 844 -11.34 33.45 -47.62
C TYR B 844 -10.26 33.21 -48.66
N LYS B 845 -9.91 34.26 -49.42
CA LYS B 845 -8.78 34.17 -50.32
C LYS B 845 -7.46 34.12 -49.54
N ALA B 846 -7.34 34.97 -48.52
CA ALA B 846 -6.10 35.05 -47.76
C ALA B 846 -5.84 33.80 -46.94
N LYS B 847 -6.89 33.11 -46.50
CA LYS B 847 -6.72 31.87 -45.75
C LYS B 847 -6.13 30.78 -46.63
N GLY B 848 -6.69 30.61 -47.84
CA GLY B 848 -6.17 29.62 -48.75
C GLY B 848 -4.77 29.95 -49.25
N ASN B 849 -4.49 31.24 -49.46
CA ASN B 849 -3.13 31.63 -49.83
C ASN B 849 -2.15 31.41 -48.67
N ARG B 850 -2.62 31.57 -47.43
CA ARG B 850 -1.79 31.29 -46.28
C ARG B 850 -1.44 29.82 -46.18
N GLN B 851 -2.42 28.93 -46.42
CA GLN B 851 -2.13 27.50 -46.43
C GLN B 851 -1.20 27.11 -47.57
N ILE B 852 -1.42 27.70 -48.76
CA ILE B 852 -0.59 27.33 -49.90
C ILE B 852 0.82 27.93 -49.79
N ARG B 853 1.02 28.96 -48.97
CA ARG B 853 2.37 29.42 -48.69
C ARG B 853 3.03 28.59 -47.59
N LEU B 854 2.23 28.18 -46.60
CA LEU B 854 2.75 27.37 -45.51
C LEU B 854 3.19 25.99 -45.98
N ASN B 855 2.54 25.46 -47.03
CA ASN B 855 3.00 24.20 -47.61
C ASN B 855 4.39 24.32 -48.22
N GLU B 856 4.63 25.43 -48.94
CA GLU B 856 5.95 25.61 -49.54
C GLU B 856 7.02 25.91 -48.49
N LEU B 857 6.66 26.64 -47.43
CA LEU B 857 7.59 26.83 -46.33
C LEU B 857 7.91 25.52 -45.64
N LEU B 858 6.91 24.64 -45.52
CA LEU B 858 7.12 23.32 -44.94
C LEU B 858 8.02 22.47 -45.82
N LYS B 859 7.89 22.60 -47.15
CA LYS B 859 8.74 21.82 -48.05
C LYS B 859 10.16 22.37 -48.09
N GLU B 860 10.34 23.68 -47.89
CA GLU B 860 11.69 24.22 -47.84
C GLU B 860 12.40 23.87 -46.54
N HIS B 861 11.80 24.20 -45.41
CA HIS B 861 12.52 24.15 -44.14
C HIS B 861 12.37 22.83 -43.38
N SER B 862 11.51 21.93 -43.83
CA SER B 862 11.24 20.68 -43.14
C SER B 862 11.20 19.52 -44.12
N SER B 863 12.23 19.41 -44.96
CA SER B 863 12.26 18.36 -45.97
C SER B 863 12.53 17.00 -45.35
N THR B 864 13.49 16.92 -44.43
CA THR B 864 13.85 15.67 -43.78
C THR B 864 13.61 15.83 -42.28
N ALA B 865 12.51 15.27 -41.79
CA ALA B 865 12.21 15.30 -40.38
C ALA B 865 11.43 14.04 -40.03
N ASN B 866 11.55 13.63 -38.76
CA ASN B 866 10.83 12.45 -38.30
C ASN B 866 9.35 12.77 -38.07
N LEU B 867 9.08 13.91 -37.44
CA LEU B 867 7.72 14.33 -37.10
C LEU B 867 7.59 15.81 -37.34
N ILE B 868 6.41 16.24 -37.79
CA ILE B 868 6.11 17.65 -38.00
C ILE B 868 4.83 17.96 -37.26
N VAL B 869 4.90 18.84 -36.27
CA VAL B 869 3.78 19.14 -35.39
C VAL B 869 3.32 20.56 -35.72
N MET B 870 2.34 20.68 -36.60
CA MET B 870 1.88 21.96 -37.09
C MET B 870 0.50 22.27 -36.55
N SER B 871 0.22 23.55 -36.35
CA SER B 871 -1.11 23.97 -35.93
C SER B 871 -2.12 23.78 -37.05
N MET B 872 -3.36 23.52 -36.67
CA MET B 872 -4.37 23.16 -37.66
C MET B 872 -5.30 24.34 -37.92
N PRO B 873 -5.61 24.63 -39.18
CA PRO B 873 -6.56 25.71 -39.48
C PRO B 873 -7.98 25.31 -39.13
N LEU B 874 -8.68 26.19 -38.41
CA LEU B 874 -10.08 25.97 -38.06
C LEU B 874 -10.93 27.04 -38.72
N ALA B 875 -12.03 26.61 -39.33
CA ALA B 875 -12.98 27.52 -39.95
C ALA B 875 -14.33 27.38 -39.26
N ARG B 876 -15.20 28.35 -39.52
CA ARG B 876 -16.55 28.34 -38.98
C ARG B 876 -17.47 27.56 -39.90
N LYS B 877 -18.20 26.61 -39.36
CA LYS B 877 -19.10 25.81 -40.16
C LYS B 877 -20.35 26.63 -40.52
N GLY B 878 -21.09 26.13 -41.49
CA GLY B 878 -22.24 26.85 -42.02
C GLY B 878 -21.90 27.77 -43.17
N ALA B 879 -20.86 28.58 -43.00
CA ALA B 879 -20.38 29.46 -44.06
C ALA B 879 -19.32 28.77 -44.92
N VAL B 880 -18.28 28.25 -44.29
CA VAL B 880 -17.20 27.59 -45.00
C VAL B 880 -17.63 26.18 -45.37
N SER B 881 -17.43 25.82 -46.64
CA SER B 881 -17.81 24.51 -47.13
C SER B 881 -16.91 23.42 -46.56
N SER B 882 -17.43 22.19 -46.58
CA SER B 882 -16.66 21.04 -46.14
C SER B 882 -15.57 20.69 -47.15
N ALA B 883 -15.90 20.76 -48.45
CA ALA B 883 -14.91 20.50 -49.48
C ALA B 883 -13.82 21.56 -49.49
N LEU B 884 -14.17 22.81 -49.15
CA LEU B 884 -13.15 23.84 -49.01
C LEU B 884 -12.26 23.59 -47.79
N TYR B 885 -12.84 23.06 -46.72
CA TYR B 885 -12.05 22.71 -45.54
C TYR B 885 -11.07 21.60 -45.87
N MET B 886 -11.52 20.59 -46.61
CA MET B 886 -10.60 19.53 -47.05
C MET B 886 -9.58 20.05 -48.05
N ALA B 887 -9.94 21.04 -48.86
CA ALA B 887 -8.99 21.64 -49.77
C ALA B 887 -7.92 22.43 -49.04
N TRP B 888 -8.26 23.00 -47.88
CA TRP B 888 -7.23 23.64 -47.07
C TRP B 888 -6.36 22.60 -46.35
N LEU B 889 -6.97 21.51 -45.87
CA LEU B 889 -6.19 20.56 -45.09
C LEU B 889 -5.27 19.70 -45.96
N ASP B 890 -5.72 19.29 -47.14
CA ASP B 890 -4.89 18.39 -47.94
C ASP B 890 -3.75 19.12 -48.64
N THR B 891 -3.89 20.43 -48.88
CA THR B 891 -2.80 21.20 -49.46
C THR B 891 -1.66 21.41 -48.49
N LEU B 892 -1.93 21.35 -47.18
CA LEU B 892 -0.91 21.63 -46.18
C LEU B 892 0.05 20.47 -46.01
N SER B 893 -0.32 19.28 -46.48
CA SER B 893 0.41 18.05 -46.18
C SER B 893 0.55 17.19 -47.43
N LYS B 894 1.04 17.78 -48.52
CA LYS B 894 0.97 17.11 -49.83
C LYS B 894 1.97 15.97 -49.94
N ASP B 895 3.26 16.26 -49.87
CA ASP B 895 4.31 15.24 -50.01
C ASP B 895 5.30 15.32 -48.87
N LEU B 896 4.78 15.41 -47.66
CA LEU B 896 5.53 15.73 -46.47
C LEU B 896 5.93 14.47 -45.72
N PRO B 897 6.79 14.60 -44.70
CA PRO B 897 6.97 13.52 -43.70
C PRO B 897 5.71 13.29 -42.87
N PRO B 898 5.73 12.34 -41.88
CA PRO B 898 4.52 12.13 -41.06
C PRO B 898 4.09 13.32 -40.21
N ILE B 899 3.35 14.22 -40.87
CA ILE B 899 2.88 15.45 -40.25
C ILE B 899 1.83 15.14 -39.17
N LEU B 900 1.59 16.13 -38.31
CA LEU B 900 0.60 16.02 -37.23
C LEU B 900 -0.07 17.37 -37.07
N LEU B 901 -1.26 17.52 -37.65
CA LEU B 901 -2.03 18.73 -37.40
C LEU B 901 -2.71 18.62 -36.05
N VAL B 902 -2.70 19.71 -35.28
CA VAL B 902 -3.16 19.65 -33.90
C VAL B 902 -3.73 21.01 -33.51
N ARG B 903 -4.94 21.01 -32.94
CA ARG B 903 -5.53 22.22 -32.38
C ARG B 903 -6.10 21.90 -31.01
N GLY B 904 -5.71 22.68 -30.01
CA GLY B 904 -6.18 22.49 -28.67
C GLY B 904 -7.58 23.05 -28.47
N ASN B 905 -8.01 23.04 -27.20
CA ASN B 905 -9.33 23.54 -26.82
C ASN B 905 -9.25 24.80 -25.97
N HIS B 906 -8.04 25.37 -25.82
CA HIS B 906 -7.70 26.61 -25.08
C HIS B 906 -8.34 26.69 -23.69
N GLN B 907 -8.53 25.55 -23.03
CA GLN B 907 -9.16 25.58 -21.71
C GLN B 907 -8.13 25.91 -20.63
N SER B 908 -7.19 25.00 -20.43
CA SER B 908 -6.08 25.19 -19.50
C SER B 908 -5.00 24.16 -19.79
N VAL B 909 -3.80 24.62 -20.16
CA VAL B 909 -2.66 23.72 -20.31
C VAL B 909 -1.62 24.16 -19.29
N LEU B 910 -0.49 23.44 -19.25
CA LEU B 910 0.70 23.70 -18.44
C LEU B 910 0.46 23.59 -16.93
N THR B 911 -0.76 23.24 -16.51
CA THR B 911 -0.97 22.75 -15.16
C THR B 911 -0.43 21.32 -15.02
N PHE B 912 -0.32 20.62 -16.13
CA PHE B 912 0.55 19.45 -16.22
C PHE B 912 1.99 19.87 -15.91
N TYR B 913 2.78 18.93 -15.40
CA TYR B 913 3.99 19.15 -14.59
C TYR B 913 3.82 20.33 -13.63
N SER B 914 2.78 20.21 -12.79
CA SER B 914 2.43 21.16 -11.73
C SER B 914 2.22 22.60 -12.22
K K C . 26.91 16.77 9.81
CL CL D . 29.36 17.01 12.99
CL CL E . 20.44 14.47 6.39
N POV F . 7.30 -9.04 -8.41
P POV F . 11.63 -10.81 -8.06
C1 POV F . 11.32 -11.48 -5.47
C2 POV F . 12.24 -11.72 -4.25
C3 POV F . 13.11 -12.94 -4.57
C210 POV F . 13.84 -5.30 6.64
C310 POV F . 14.10 -16.38 4.99
C11 POV F . 9.32 -10.27 -9.24
O11 POV F . 12.12 -11.59 -6.63
C211 POV F . 14.90 -4.31 7.17
C311 POV F . 15.43 -17.22 5.24
C12 POV F . 7.80 -10.33 -8.97
O12 POV F . 10.03 -11.17 -8.37
C212 POV F . 14.19 -3.20 8.02
C312 POV F . 15.06 -18.72 5.53
C13 POV F . 7.89 -8.84 -7.07
O13 POV F . 11.77 -9.32 -7.90
C213 POV F . 14.00 -1.94 7.13
C313 POV F . 14.00 -18.80 6.70
C14 POV F . 7.64 -7.91 -9.28
O14 POV F . 12.49 -11.28 -9.21
C214 POV F . 14.59 -0.72 7.88
C314 POV F . 13.51 -20.28 6.87
C15 POV F . 5.85 -9.11 -8.29
C215 POV F . 13.41 0.14 8.44
C315 POV F . 14.09 -20.87 8.19
C216 POV F . 13.90 1.03 9.58
C316 POV F . 13.23 -20.41 9.40
C217 POV F . 12.69 1.69 10.26
C218 POV F . 13.12 3.06 10.85
C21 POV F . 11.46 -10.85 -2.22
O21 POV F . 11.47 -11.95 -3.12
C22 POV F . 12.76 -10.38 -1.53
O22 POV F . 10.45 -10.29 -1.99
C23 POV F . 12.60 -10.62 0.02
C24 POV F . 12.12 -9.30 0.70
C25 POV F . 13.28 -8.74 1.59
C26 POV F . 12.65 -8.20 2.92
C27 POV F . 13.82 -7.82 3.89
C28 POV F . 13.21 -7.28 5.23
C29 POV F . 14.23 -6.28 5.80
C31 POV F . 13.49 -15.22 -3.94
O31 POV F . 12.77 -13.99 -3.69
C32 POV F . 13.86 -16.14 -2.75
O32 POV F . 13.77 -15.51 -5.05
C33 POV F . 12.58 -16.46 -1.89
C34 POV F . 12.87 -16.24 -0.36
C35 POV F . 13.46 -14.80 -0.12
C36 POV F . 12.85 -14.18 1.19
C37 POV F . 13.11 -15.12 2.39
C38 POV F . 14.52 -14.85 3.00
C39 POV F . 14.45 -14.93 4.56
N POV G . 23.45 2.35 26.76
P POV G . 24.35 -2.01 24.12
C1 POV G . 24.21 -4.67 23.94
C2 POV G . 25.47 -5.56 23.71
C3 POV G . 26.12 -5.22 22.37
C210 POV G . 23.79 -9.24 14.27
C310 POV G . 30.16 -7.36 15.21
C11 POV G . 23.81 0.42 25.17
O11 POV G . 24.52 -3.58 24.77
C211 POV G . 22.38 -8.80 14.73
C311 POV G . 28.76 -7.59 14.51
C12 POV G . 22.83 1.13 26.14
O12 POV G . 23.59 -1.02 25.23
C212 POV G . 21.33 -9.86 14.23
C312 POV G . 28.77 -6.88 13.11
C13 POV G . 24.65 1.97 27.52
O13 POV G . 23.52 -2.10 22.88
C213 POV G . 21.33 -9.97 12.68
C313 POV G . 27.32 -6.83 12.53
C14 POV G . 23.81 3.33 25.73
O14 POV G . 25.72 -1.47 23.78
C214 POV G . 19.89 -9.68 12.16
C314 POV G . 27.38 -6.55 10.99
C15 POV G . 22.47 2.94 27.67
C215 POV G . 19.95 -9.23 10.67
C315 POV G . 27.30 -5.01 10.71
C216 POV G . 20.49 -10.38 9.80
C316 POV G . 28.69 -4.49 10.26
C217 POV G . 21.43 -9.81 8.71
C218 POV G . 22.44 -10.89 8.30
C21 POV G . 26.12 -7.84 24.03
O21 POV G . 25.09 -6.89 23.74
C22 POV G . 25.91 -9.34 23.70
O22 POV G . 27.14 -7.49 24.53
C23 POV G . 26.81 -9.74 22.46
C24 POV G . 26.54 -8.74 21.28
C25 POV G . 26.16 -9.54 19.98
C26 POV G . 25.80 -8.52 18.85
C27 POV G . 25.82 -9.25 17.46
C28 POV G . 24.65 -8.70 16.57
C29 POV G . 24.83 -9.20 15.12
C31 POV G . 28.08 -3.80 22.30
O31 POV G . 26.66 -3.91 22.39
C32 POV G . 29.01 -4.83 23.00
O32 POV G . 28.56 -2.92 21.66
C33 POV G . 30.48 -4.75 22.47
C34 POV G . 30.61 -5.49 21.07
C35 POV G . 29.92 -6.89 21.12
C36 POV G . 29.67 -7.43 19.66
C37 POV G . 29.03 -6.33 18.77
C38 POV G . 28.77 -6.88 17.34
C39 POV G . 30.05 -7.58 16.76
N POV H . 15.58 -3.01 -12.25
P POV H . 15.43 -7.87 -10.89
C1 POV H . 17.82 -8.91 -10.27
C2 POV H . 17.48 -10.44 -10.21
C3 POV H . 16.61 -10.72 -8.97
C210 POV H . 21.46 -8.21 0.68
C310 POV H . 17.08 -10.49 2.76
C11 POV H . 15.71 -5.26 -11.23
O11 POV H . 16.70 -8.17 -9.81
C211 POV H . 20.61 -8.16 1.96
C311 POV H . 16.48 -11.09 4.10
C12 POV H . 14.82 -4.24 -11.98
O12 POV H . 14.89 -6.32 -10.70
C212 POV H . 21.45 -8.81 3.12
C312 POV H . 17.37 -10.63 5.30
C13 POV H . 15.21 -1.75 -12.93
O13 POV H . 14.30 -8.83 -10.58
C213 POV H . 22.08 -7.68 4.00
C313 POV H . 18.83 -11.16 5.08
C14 POV H . 14.60 -2.48 -11.29
O14 POV H . 15.91 -8.08 -12.31
C214 POV H . 23.62 -7.61 3.76
C314 POV H . 19.34 -11.82 6.41
C15 POV H . 15.46 -3.51 -13.62
C215 POV H . 24.25 -6.50 4.65
C315 POV H . 18.38 -12.97 6.85
C216 POV H . 23.77 -6.64 6.11
C316 POV H . 19.10 -13.86 7.90
C217 POV H . 24.89 -6.21 7.08
C218 POV H . 24.51 -6.64 8.51
C21 POV H . 19.79 -11.04 -9.47
O21 POV H . 18.61 -11.28 -10.25
C22 POV H . 19.98 -11.71 -8.09
O22 POV H . 20.67 -10.36 -9.90
C23 POV H . 19.83 -10.64 -6.94
C24 POV H . 20.79 -11.03 -5.76
C25 POV H . 21.01 -9.79 -4.82
C26 POV H . 20.47 -10.13 -3.38
C27 POV H . 21.66 -10.04 -2.36
C28 POV H . 21.72 -8.59 -1.77
C29 POV H . 20.87 -8.55 -0.48
C31 POV H . 16.59 -12.85 -7.97
O31 POV H . 16.13 -12.04 -9.05
C32 POV H . 16.48 -12.32 -6.51
O32 POV H . 17.05 -13.92 -8.19
C33 POV H . 17.39 -13.19 -5.56
C34 POV H . 17.65 -12.38 -4.22
C35 POV H . 16.54 -12.75 -3.17
C36 POV H . 17.17 -12.65 -1.73
C37 POV H . 16.49 -11.51 -0.96
C38 POV H . 17.31 -11.24 0.35
C39 POV H . 16.32 -11.11 1.55
K K I . 4.87 -26.70 28.05
CL CL J . 7.87 -27.50 30.44
CL CL K . 1.87 -24.10 21.49
N POV L . 22.20 -14.01 26.76
P POV L . 20.97 -8.98 26.56
C1 POV L . 19.27 -7.90 28.31
C2 POV L . 18.98 -6.55 29.02
C3 POV L . 19.77 -5.42 28.34
C210 POV L . 9.35 -3.91 31.78
C310 POV L . 11.22 -1.55 26.05
C11 POV L . 21.75 -11.53 26.65
O11 POV L . 20.59 -7.90 27.81
C211 POV L . 9.28 -3.36 30.34
C311 POV L . 11.42 -0.19 25.27
C12 POV L . 21.16 -12.96 26.73
O12 POV L . 20.77 -10.56 27.07
C212 POV L . 7.81 -2.95 29.99
C312 POV L . 10.59 -0.21 23.95
C13 POV L . 21.56 -15.33 26.64
O13 POV L . 20.06 -8.72 25.39
C213 POV L . 7.82 -1.90 28.84
C313 POV L . 9.09 0.16 24.21
C14 POV L . 23.16 -13.86 25.66
O14 POV L . 22.41 -8.77 26.14
C214 POV L . 8.06 -0.47 29.42
C314 POV L . 8.20 -0.33 23.01
C15 POV L . 22.91 -13.94 28.04
C215 POV L . 8.60 0.49 28.31
C315 POV L . 6.85 0.46 22.98
C216 POV L . 9.37 1.64 28.97
C316 POV L . 6.07 0.25 24.30
C217 POV L . 9.88 2.63 27.89
C218 POV L . 11.31 3.10 28.25
C21 POV L . 18.29 -6.99 31.25
O21 POV L . 19.34 -6.63 30.36
C22 POV L . 17.58 -5.92 32.10
O22 POV L . 17.96 -8.14 31.35
C23 POV L . 16.28 -5.40 31.37
C24 POV L . 15.73 -4.14 32.12
C25 POV L . 14.76 -4.61 33.27
C26 POV L . 13.53 -3.65 33.37
C27 POV L . 12.85 -3.52 31.96
C28 POV L . 11.53 -2.68 32.09
C29 POV L . 10.39 -3.60 32.59
C31 POV L . 20.06 -3.29 29.36
O31 POV L . 20.45 -4.66 29.32
C32 POV L . 18.68 -2.91 30.01
O32 POV L . 20.76 -2.45 28.91
C33 POV L . 18.46 -1.37 30.01
C34 POV L . 16.91 -1.06 29.99
C35 POV L . 16.26 -1.76 28.75
C36 POV L . 14.79 -2.24 29.08
C37 POV L . 13.80 -1.04 28.96
C38 POV L . 13.24 -0.98 27.51
C39 POV L . 11.74 -1.43 27.51
N POV M . -11.02 0.96 8.33
P POV M . -9.41 4.43 11.44
C1 POV M . -7.10 4.06 12.69
C2 POV M . -6.69 3.50 14.07
C3 POV M . -7.43 4.24 15.17
C210 POV M . 3.67 -3.95 17.17
C310 POV M . 1.60 6.01 17.88
C11 POV M . -10.22 2.13 10.40
O11 POV M . -8.39 4.63 12.77
C211 POV M . 4.71 -4.99 16.71
C311 POV M . 2.84 6.85 17.37
C12 POV M . -9.84 1.22 9.19
O12 POV M . -9.09 2.94 10.77
C212 POV M . 4.29 -6.40 17.23
C312 POV M . 3.19 7.98 18.40
C13 POV M . -11.50 2.22 7.74
O13 POV M . -10.85 4.47 11.90
C213 POV M . 4.52 -7.45 16.10
C313 POV M . 3.66 9.25 17.58
C14 POV M . -10.62 0.05 7.24
O14 POV M . -9.15 5.52 10.43
C214 POV M . 5.20 -8.72 16.69
C314 POV M . 4.69 10.10 18.40
C15 POV M . -12.07 0.34 9.11
C215 POV M . 5.57 -9.67 15.51
C315 POV M . 5.32 11.17 17.45
C216 POV M . 6.62 -10.69 15.96
C316 POV M . 4.21 12.08 16.86
C217 POV M . 7.11 -11.45 14.73
C218 POV M . 8.30 -12.36 15.08
C21 POV M . -4.67 2.50 14.72
O21 POV M . -5.32 3.65 14.22
C22 POV M . -3.33 2.00 14.12
O22 POV M . -5.15 1.89 15.62
C23 POV M . -2.62 1.18 15.26
C24 POV M . -1.24 0.67 14.74
C25 POV M . -0.40 0.18 15.97
C26 POV M . 0.12 -1.26 15.66
C27 POV M . 1.68 -1.22 15.54
C28 POV M . 2.32 -1.88 16.82
C29 POV M . 3.36 -2.91 16.35
C31 POV M . -6.51 6.15 16.30
O31 POV M . -6.48 4.73 16.10
C32 POV M . -5.35 6.84 17.09
O32 POV M . -7.39 6.81 15.86
C33 POV M . -5.08 8.26 16.50
C34 POV M . -3.84 8.21 15.53
C35 POV M . -2.62 7.54 16.26
C36 POV M . -1.90 6.55 15.26
C37 POV M . -1.73 5.18 15.96
C38 POV M . -0.75 5.33 17.17
C39 POV M . 0.65 5.79 16.66
N POV N . -1.03 -6.98 -2.17
P POV N . -2.97 -4.20 1.73
C1 POV N . -1.32 -2.60 3.11
C2 POV N . -0.14 -3.00 4.04
C3 POV N . 0.52 -4.25 3.47
C210 POV N . 6.04 -9.09 11.42
C310 POV N . 9.89 -0.91 9.00
C11 POV N . -2.06 -5.71 -0.27
O11 POV N . -2.32 -3.61 3.17
C211 POV N . 7.07 -7.94 11.46
C311 POV N . 9.99 -1.07 10.56
C12 POV N . -0.91 -5.78 -1.30
O12 POV N . -1.74 -4.78 0.78
C212 POV N . 7.41 -7.57 12.94
C312 POV N . 10.00 -2.59 10.92
C13 POV N . -2.30 -6.92 -2.92
O13 POV N . -3.93 -5.31 2.05
C213 POV N . 7.66 -6.04 12.99
C313 POV N . 11.47 -3.08 11.13
C14 POV N . 0.09 -6.99 -3.13
O14 POV N . -3.69 -3.09 1.00
C214 POV N . 8.77 -5.74 14.05
C314 POV N . 11.41 -4.51 11.78
C15 POV N . -0.99 -8.20 -1.37
C215 POV N . 8.16 -4.91 15.22
C315 POV N . 12.78 -4.87 12.43
C216 POV N . 9.27 -4.64 16.25
C316 POV N . 13.82 -5.02 11.31
C217 POV N . 10.37 -3.81 15.59
C218 POV N . 11.75 -4.37 16.01
C21 POV N . 0.33 -3.30 6.35
O21 POV N . -0.63 -3.26 5.30
C22 POV N . 0.04 -4.12 7.63
O22 POV N . 1.35 -2.71 6.25
C23 POV N . 0.94 -5.40 7.63
C24 POV N . 2.06 -5.21 8.70
C25 POV N . 3.43 -5.13 7.96
C26 POV N . 4.52 -5.84 8.84
C27 POV N . 4.02 -7.26 9.27
C28 POV N . 4.28 -7.41 10.81
C29 POV N . 4.74 -8.84 11.11
C31 POV N . 2.58 -4.78 2.39
O31 POV N . 1.91 -4.05 3.43
C32 POV N . 4.13 -4.90 2.41
O32 POV N . 1.95 -5.28 1.52
C33 POV N . 4.64 -4.77 3.89
C34 POV N . 5.32 -3.36 4.09
C35 POV N . 5.84 -3.25 5.56
C36 POV N . 6.87 -2.07 5.63
C37 POV N . 7.09 -1.64 7.10
C38 POV N . 8.21 -0.55 7.14
C39 POV N . 8.55 -0.21 8.63
N POV O . -14.28 -5.55 17.01
P POV O . -13.71 -0.55 18.18
C1 POV O . -12.66 1.96 18.09
C2 POV O . -13.11 2.21 19.56
C3 POV O . -14.38 3.07 19.55
C210 POV O . -2.01 -1.23 23.32
C310 POV O . -4.09 3.15 20.00
C11 POV O . -14.05 -3.14 17.64
O11 POV O . -12.52 0.58 17.78
C211 POV O . -1.11 -0.41 24.26
C311 POV O . -2.81 2.79 19.14
C12 POV O . -14.08 -4.17 16.50
O12 POV O . -13.59 -1.86 17.15
C212 POV O . 0.09 -1.31 24.75
C312 POV O . -1.73 2.16 20.10
C13 POV O . -13.21 -5.92 17.97
O13 POV O . -15.08 0.05 18.04
C213 POV O . 0.03 -1.42 26.30
C313 POV O . -0.39 1.94 19.31
C14 POV O . -15.59 -5.66 17.68
O14 POV O . -13.52 -1.06 19.60
C214 POV O . 0.53 -2.82 26.77
C314 POV O . 0.71 1.40 20.30
C15 POV O . -14.24 -6.49 15.89
C215 POV O . 2.00 -3.04 26.29
C315 POV O . 2.11 1.88 19.84
C216 POV O . 2.82 -3.62 27.46
C316 POV O . 3.13 1.59 20.97
C217 POV O . 4.25 -3.94 26.98
C218 POV O . 4.95 -2.64 26.53
C21 POV O . -12.03 2.53 21.67
O21 POV O . -12.09 2.83 20.28
C22 POV O . -10.88 3.09 22.55
O22 POV O . -12.87 1.86 22.19
C23 POV O . -9.96 1.89 22.99
C24 POV O . -8.45 2.21 22.68
C25 POV O . -7.58 1.44 23.73
C26 POV O . -6.17 1.10 23.14
C27 POV O . -5.51 0.04 24.08
C28 POV O . -3.95 0.20 24.06
C29 POV O . -3.34 -0.94 23.23
C31 POV O . -14.43 5.30 18.73
O31 POV O . -14.39 3.91 18.42
C32 POV O . -13.19 6.20 18.44
O32 POV O . -15.41 5.78 19.19
C33 POV O . -12.19 6.11 19.65
C34 POV O . -10.72 6.33 19.14
C35 POV O . -10.08 4.96 18.72
C36 POV O . -8.96 4.57 19.76
C37 POV O . -7.79 3.86 19.05
C38 POV O . -6.50 3.97 19.92
C39 POV O . -5.24 3.63 19.06
#